data_1XJ2
# 
_entry.id   1XJ2 
# 
_audit_conform.dict_name       mmcif_pdbx.dic 
_audit_conform.dict_version    5.376 
_audit_conform.dict_location   http://mmcif.pdb.org/dictionaries/ascii/mmcif_pdbx.dic 
# 
loop_
_database_2.database_id 
_database_2.database_code 
_database_2.pdbx_database_accession 
_database_2.pdbx_DOI 
PDB   1XJ2         pdb_00001xj2 10.2210/pdb1xj2/pdb 
RCSB  RCSB030409   ?            ?                   
WWPDB D_1000030409 ?            ?                   
# 
loop_
_pdbx_database_related.db_name 
_pdbx_database_related.db_id 
_pdbx_database_related.details 
_pdbx_database_related.content_type 
PDB 1XJ3 . unspecified 
PDB 1XJ4 . unspecified 
PDB 1XJ6 . unspecified 
# 
_pdbx_database_status.entry_id                        1XJ2 
_pdbx_database_status.status_code                     REL 
_pdbx_database_status.recvd_initial_deposition_date   2004-09-22 
_pdbx_database_status.deposit_site                    RCSB 
_pdbx_database_status.process_site                    RCSB 
_pdbx_database_status.status_code_sf                  ? 
_pdbx_database_status.status_code_mr                  ? 
_pdbx_database_status.SG_entry                        N 
_pdbx_database_status.pdb_format_compatible           Y 
_pdbx_database_status.status_code_cs                  ? 
_pdbx_database_status.status_code_nmr_data            ? 
_pdbx_database_status.methods_development_category    ? 
# 
loop_
_audit_author.name 
_audit_author.pdbx_ordinal 
'Key, J.'    1 
'Moffat, K.' 2 
# 
_citation.id                        primary 
_citation.title                     
'Crystal Structures of Deoxy and CO-Bound bjFixLH Reveal Details of Ligand Recognition and Signaling' 
_citation.journal_abbrev            Biochemistry 
_citation.journal_volume            44 
_citation.page_first                4627 
_citation.page_last                 4635 
_citation.year                      2005 
_citation.journal_id_ASTM           BICHAW 
_citation.country                   US 
_citation.journal_id_ISSN           0006-2960 
_citation.journal_id_CSD            0033 
_citation.book_publisher            ? 
_citation.pdbx_database_id_PubMed   15779889 
_citation.pdbx_database_id_DOI      10.1021/bi047942r 
# 
loop_
_citation_author.citation_id 
_citation_author.name 
_citation_author.ordinal 
_citation_author.identifier_ORCID 
primary 'Key, J.'    1 ? 
primary 'Moffat, K.' 2 ? 
# 
_cell.entry_id           1XJ2 
_cell.length_a           128.458 
_cell.length_b           128.458 
_cell.length_c           58.536 
_cell.angle_alpha        90.00 
_cell.angle_beta         90.00 
_cell.angle_gamma        120.00 
_cell.Z_PDB              18 
_cell.pdbx_unique_axis   ? 
# 
_symmetry.entry_id                         1XJ2 
_symmetry.space_group_name_H-M             'H 3 2' 
_symmetry.cell_setting                     rhombohedral 
_symmetry.pdbx_full_space_group_name_H-M   ? 
_symmetry.Int_Tables_number                155 
_symmetry.space_group_name_Hall            ? 
# 
loop_
_entity.id 
_entity.type 
_entity.src_method 
_entity.pdbx_description 
_entity.formula_weight 
_entity.pdbx_number_of_molecules 
_entity.pdbx_ec 
_entity.pdbx_mutation 
_entity.pdbx_fragment 
_entity.details 
1 polymer     man 'Sensor protein fixL'             13101.703 1  2.7.3.- ? 'heme domain' 'bound to carbon monoxide' 
2 non-polymer syn 'PROTOPORPHYRIN IX CONTAINING FE' 616.487   1  ?       ? ?             ?                          
3 non-polymer syn 'CARBON MONOXIDE'                 28.010    1  ?       ? ?             ?                          
4 water       nat water                             18.015    83 ?       ? ?             ?                          
# 
_entity_name_com.entity_id   1 
_entity_name_com.name        'BjFixLH FixL' 
# 
_entity_name_sys.entity_id   1 
_entity_name_sys.name        E.C.2.7.3.- 
# 
_entity_poly.entity_id                      1 
_entity_poly.type                           'polypeptide(L)' 
_entity_poly.nstd_linkage                   no 
_entity_poly.nstd_monomer                   no 
_entity_poly.pdbx_seq_one_letter_code       
;DAMIVIDGHGIIQLFSTAAERLFGWSELEAIGQNVNILMPEPDRSRHDSYISRYRTTSDPHIIGIGRIVTGKRRDGTTFP
MHLSIGEMQSGGEPYFTGFVRDLTEHQQTQARLQEL
;
_entity_poly.pdbx_seq_one_letter_code_can   
;DAMIVIDGHGIIQLFSTAAERLFGWSELEAIGQNVNILMPEPDRSRHDSYISRYRTTSDPHIIGIGRIVTGKRRDGTTFP
MHLSIGEMQSGGEPYFTGFVRDLTEHQQTQARLQEL
;
_entity_poly.pdbx_strand_id                 A 
_entity_poly.pdbx_target_identifier         ? 
# 
loop_
_entity_poly_seq.entity_id 
_entity_poly_seq.num 
_entity_poly_seq.mon_id 
_entity_poly_seq.hetero 
1 1   ASP n 
1 2   ALA n 
1 3   MET n 
1 4   ILE n 
1 5   VAL n 
1 6   ILE n 
1 7   ASP n 
1 8   GLY n 
1 9   HIS n 
1 10  GLY n 
1 11  ILE n 
1 12  ILE n 
1 13  GLN n 
1 14  LEU n 
1 15  PHE n 
1 16  SER n 
1 17  THR n 
1 18  ALA n 
1 19  ALA n 
1 20  GLU n 
1 21  ARG n 
1 22  LEU n 
1 23  PHE n 
1 24  GLY n 
1 25  TRP n 
1 26  SER n 
1 27  GLU n 
1 28  LEU n 
1 29  GLU n 
1 30  ALA n 
1 31  ILE n 
1 32  GLY n 
1 33  GLN n 
1 34  ASN n 
1 35  VAL n 
1 36  ASN n 
1 37  ILE n 
1 38  LEU n 
1 39  MET n 
1 40  PRO n 
1 41  GLU n 
1 42  PRO n 
1 43  ASP n 
1 44  ARG n 
1 45  SER n 
1 46  ARG n 
1 47  HIS n 
1 48  ASP n 
1 49  SER n 
1 50  TYR n 
1 51  ILE n 
1 52  SER n 
1 53  ARG n 
1 54  TYR n 
1 55  ARG n 
1 56  THR n 
1 57  THR n 
1 58  SER n 
1 59  ASP n 
1 60  PRO n 
1 61  HIS n 
1 62  ILE n 
1 63  ILE n 
1 64  GLY n 
1 65  ILE n 
1 66  GLY n 
1 67  ARG n 
1 68  ILE n 
1 69  VAL n 
1 70  THR n 
1 71  GLY n 
1 72  LYS n 
1 73  ARG n 
1 74  ARG n 
1 75  ASP n 
1 76  GLY n 
1 77  THR n 
1 78  THR n 
1 79  PHE n 
1 80  PRO n 
1 81  MET n 
1 82  HIS n 
1 83  LEU n 
1 84  SER n 
1 85  ILE n 
1 86  GLY n 
1 87  GLU n 
1 88  MET n 
1 89  GLN n 
1 90  SER n 
1 91  GLY n 
1 92  GLY n 
1 93  GLU n 
1 94  PRO n 
1 95  TYR n 
1 96  PHE n 
1 97  THR n 
1 98  GLY n 
1 99  PHE n 
1 100 VAL n 
1 101 ARG n 
1 102 ASP n 
1 103 LEU n 
1 104 THR n 
1 105 GLU n 
1 106 HIS n 
1 107 GLN n 
1 108 GLN n 
1 109 THR n 
1 110 GLN n 
1 111 ALA n 
1 112 ARG n 
1 113 LEU n 
1 114 GLN n 
1 115 GLU n 
1 116 LEU n 
# 
_entity_src_gen.entity_id                          1 
_entity_src_gen.pdbx_src_id                        1 
_entity_src_gen.pdbx_alt_source_flag               sample 
_entity_src_gen.pdbx_seq_type                      ? 
_entity_src_gen.pdbx_beg_seq_num                   ? 
_entity_src_gen.pdbx_end_seq_num                   ? 
_entity_src_gen.gene_src_common_name               ? 
_entity_src_gen.gene_src_genus                     Bradyrhizobium 
_entity_src_gen.pdbx_gene_src_gene                 fixL 
_entity_src_gen.gene_src_species                   ? 
_entity_src_gen.gene_src_strain                    ? 
_entity_src_gen.gene_src_tissue                    ? 
_entity_src_gen.gene_src_tissue_fraction           ? 
_entity_src_gen.gene_src_details                   ? 
_entity_src_gen.pdbx_gene_src_fragment             ? 
_entity_src_gen.pdbx_gene_src_scientific_name      'Bradyrhizobium japonicum' 
_entity_src_gen.pdbx_gene_src_ncbi_taxonomy_id     375 
_entity_src_gen.pdbx_gene_src_variant              ? 
_entity_src_gen.pdbx_gene_src_cell_line            ? 
_entity_src_gen.pdbx_gene_src_atcc                 ? 
_entity_src_gen.pdbx_gene_src_organ                ? 
_entity_src_gen.pdbx_gene_src_organelle            ? 
_entity_src_gen.pdbx_gene_src_cell                 ? 
_entity_src_gen.pdbx_gene_src_cellular_location    ? 
_entity_src_gen.host_org_common_name               ? 
_entity_src_gen.pdbx_host_org_scientific_name      'Escherichia coli' 
_entity_src_gen.pdbx_host_org_ncbi_taxonomy_id     562 
_entity_src_gen.host_org_genus                     Escherichia 
_entity_src_gen.pdbx_host_org_gene                 ? 
_entity_src_gen.pdbx_host_org_organ                ? 
_entity_src_gen.host_org_species                   ? 
_entity_src_gen.pdbx_host_org_tissue               ? 
_entity_src_gen.pdbx_host_org_tissue_fraction      ? 
_entity_src_gen.pdbx_host_org_strain               ? 
_entity_src_gen.pdbx_host_org_variant              ? 
_entity_src_gen.pdbx_host_org_cell_line            ? 
_entity_src_gen.pdbx_host_org_atcc                 ? 
_entity_src_gen.pdbx_host_org_culture_collection   ? 
_entity_src_gen.pdbx_host_org_cell                 ? 
_entity_src_gen.pdbx_host_org_organelle            ? 
_entity_src_gen.pdbx_host_org_cellular_location    ? 
_entity_src_gen.pdbx_host_org_vector_type          plasmid 
_entity_src_gen.pdbx_host_org_vector               ? 
_entity_src_gen.host_org_details                   ? 
_entity_src_gen.expression_system_id               ? 
_entity_src_gen.plasmid_name                       ? 
_entity_src_gen.plasmid_details                    ? 
_entity_src_gen.pdbx_description                   ? 
# 
_struct_ref.id                         1 
_struct_ref.entity_id                  1 
_struct_ref.db_name                    UNP 
_struct_ref.db_code                    FIXL_BRAJA 
_struct_ref.pdbx_db_accession          P23222 
_struct_ref.pdbx_align_begin           154 
_struct_ref.pdbx_seq_one_letter_code   
;DAMIVIDGHGIIQLFSTAAERLFGWSELEAIGQNVNILMPEPDRSRHDSYISRYRTTSDPHIIGIGRIVTGKRRDGTTFP
MHLSIGEMQSGGEPYFTGFVRDLTEHQQTQARLQEL
;
_struct_ref.pdbx_db_isoform            ? 
# 
_struct_ref_seq.align_id                      1 
_struct_ref_seq.ref_id                        1 
_struct_ref_seq.pdbx_PDB_id_code              1XJ2 
_struct_ref_seq.pdbx_strand_id                A 
_struct_ref_seq.seq_align_beg                 1 
_struct_ref_seq.pdbx_seq_align_beg_ins_code   ? 
_struct_ref_seq.seq_align_end                 116 
_struct_ref_seq.pdbx_seq_align_end_ins_code   ? 
_struct_ref_seq.pdbx_db_accession             P23222 
_struct_ref_seq.db_align_beg                  154 
_struct_ref_seq.pdbx_db_align_beg_ins_code    ? 
_struct_ref_seq.db_align_end                  269 
_struct_ref_seq.pdbx_db_align_end_ins_code    ? 
_struct_ref_seq.pdbx_auth_seq_align_beg       154 
_struct_ref_seq.pdbx_auth_seq_align_end       269 
# 
loop_
_chem_comp.id 
_chem_comp.type 
_chem_comp.mon_nstd_flag 
_chem_comp.name 
_chem_comp.pdbx_synonyms 
_chem_comp.formula 
_chem_comp.formula_weight 
ALA 'L-peptide linking' y ALANINE                           ?    'C3 H7 N O2'       89.093  
ARG 'L-peptide linking' y ARGININE                          ?    'C6 H15 N4 O2 1'   175.209 
ASN 'L-peptide linking' y ASPARAGINE                        ?    'C4 H8 N2 O3'      132.118 
ASP 'L-peptide linking' y 'ASPARTIC ACID'                   ?    'C4 H7 N O4'       133.103 
CMO non-polymer         . 'CARBON MONOXIDE'                 ?    'C O'              28.010  
GLN 'L-peptide linking' y GLUTAMINE                         ?    'C5 H10 N2 O3'     146.144 
GLU 'L-peptide linking' y 'GLUTAMIC ACID'                   ?    'C5 H9 N O4'       147.129 
GLY 'peptide linking'   y GLYCINE                           ?    'C2 H5 N O2'       75.067  
HEM non-polymer         . 'PROTOPORPHYRIN IX CONTAINING FE' HEME 'C34 H32 Fe N4 O4' 616.487 
HIS 'L-peptide linking' y HISTIDINE                         ?    'C6 H10 N3 O2 1'   156.162 
HOH non-polymer         . WATER                             ?    'H2 O'             18.015  
ILE 'L-peptide linking' y ISOLEUCINE                        ?    'C6 H13 N O2'      131.173 
LEU 'L-peptide linking' y LEUCINE                           ?    'C6 H13 N O2'      131.173 
LYS 'L-peptide linking' y LYSINE                            ?    'C6 H15 N2 O2 1'   147.195 
MET 'L-peptide linking' y METHIONINE                        ?    'C5 H11 N O2 S'    149.211 
PHE 'L-peptide linking' y PHENYLALANINE                     ?    'C9 H11 N O2'      165.189 
PRO 'L-peptide linking' y PROLINE                           ?    'C5 H9 N O2'       115.130 
SER 'L-peptide linking' y SERINE                            ?    'C3 H7 N O3'       105.093 
THR 'L-peptide linking' y THREONINE                         ?    'C4 H9 N O3'       119.119 
TRP 'L-peptide linking' y TRYPTOPHAN                        ?    'C11 H12 N2 O2'    204.225 
TYR 'L-peptide linking' y TYROSINE                          ?    'C9 H11 N O3'      181.189 
VAL 'L-peptide linking' y VALINE                            ?    'C5 H11 N O2'      117.146 
# 
_exptl.entry_id          1XJ2 
_exptl.method            'X-RAY DIFFRACTION' 
_exptl.crystals_number   2 
# 
_exptl_crystal.id                    1 
_exptl_crystal.density_percent_sol   59.3 
_exptl_crystal.density_Matthews      3.55 
_exptl_crystal.density_meas          ? 
_exptl_crystal.description           ? 
_exptl_crystal.F_000                 ? 
_exptl_crystal.preparation           ? 
# 
_exptl_crystal_grow.crystal_id      1 
_exptl_crystal_grow.method          'VAPOR DIFFUSION, HANGING DROP' 
_exptl_crystal_grow.temp            298 
_exptl_crystal_grow.pH              9.0 
_exptl_crystal_grow.pdbx_details    'NaCl, PEI, CAPSO, pH 9.0, VAPOR DIFFUSION, HANGING DROP, temperature 298K' 
_exptl_crystal_grow.temp_details    ? 
_exptl_crystal_grow.pdbx_pH_range   . 
# 
_diffrn.id                     1 
_diffrn.ambient_temp           298 
_diffrn.ambient_temp_details   ? 
_diffrn.crystal_id             1 
# 
_diffrn_detector.diffrn_id              1 
_diffrn_detector.detector               CCD 
_diffrn_detector.type                   'ADSC QUANTUM 4' 
_diffrn_detector.pdbx_collection_date   ? 
_diffrn_detector.details                ? 
# 
_diffrn_radiation.diffrn_id                        1 
_diffrn_radiation.wavelength_id                    1 
_diffrn_radiation.pdbx_monochromatic_or_laue_m_l   M 
_diffrn_radiation.monochromator                    ? 
_diffrn_radiation.pdbx_diffrn_protocol             'SINGLE WAVELENGTH' 
_diffrn_radiation.pdbx_scattering_type             x-ray 
# 
_diffrn_radiation_wavelength.id           1 
_diffrn_radiation_wavelength.wavelength   0.900 
_diffrn_radiation_wavelength.wt           1.0 
# 
_diffrn_source.diffrn_id                   1 
_diffrn_source.source                      SYNCHROTRON 
_diffrn_source.type                        'APS BEAMLINE 14-BM-C' 
_diffrn_source.pdbx_synchrotron_site       APS 
_diffrn_source.pdbx_synchrotron_beamline   14-BM-C 
_diffrn_source.pdbx_wavelength             ? 
_diffrn_source.pdbx_wavelength_list        0.900 
# 
_reflns.entry_id                     1XJ2 
_reflns.observed_criterion_sigma_F   ? 
_reflns.observed_criterion_sigma_I   -3 
_reflns.d_resolution_high            2.00 
_reflns.d_resolution_low             40. 
_reflns.number_all                   12615 
_reflns.number_obs                   11779 
_reflns.percent_possible_obs         93.4 
_reflns.pdbx_Rmerge_I_obs            0.031 
_reflns.pdbx_Rsym_value              ? 
_reflns.pdbx_netI_over_sigmaI        ? 
_reflns.B_iso_Wilson_estimate        ? 
_reflns.pdbx_redundancy              14.61 
_reflns.R_free_details               ? 
_reflns.limit_h_max                  ? 
_reflns.limit_h_min                  ? 
_reflns.limit_k_max                  ? 
_reflns.limit_k_min                  ? 
_reflns.limit_l_max                  ? 
_reflns.limit_l_min                  ? 
_reflns.observed_criterion_F_max     ? 
_reflns.observed_criterion_F_min     ? 
_reflns.pdbx_chi_squared             ? 
_reflns.pdbx_scaling_rejects         ? 
_reflns.pdbx_diffrn_id               1 
_reflns.pdbx_ordinal                 1 
# 
_refine.entry_id                                 1XJ2 
_refine.ls_d_res_high                            2.00 
_refine.ls_d_res_low                             40. 
_refine.pdbx_ls_sigma_F                          2.0 
_refine.pdbx_ls_sigma_I                          ? 
_refine.ls_number_reflns_all                     12615 
_refine.ls_number_reflns_obs                     11779 
_refine.ls_number_reflns_R_free                  1148 
_refine.ls_percent_reflns_obs                    ? 
_refine.ls_R_factor_all                          ? 
_refine.ls_R_factor_obs                          ? 
_refine.ls_R_factor_R_work                       0.212 
_refine.ls_R_factor_R_free                       0.256 
_refine.ls_redundancy_reflns_obs                 ? 
_refine.pdbx_data_cutoff_high_absF               ? 
_refine.pdbx_data_cutoff_low_absF                ? 
_refine.ls_number_parameters                     ? 
_refine.ls_number_restraints                     ? 
_refine.ls_percent_reflns_R_free                 9.7 
_refine.ls_R_factor_R_free_error                 ? 
_refine.ls_R_factor_R_free_error_details         ? 
_refine.pdbx_method_to_determine_struct          'MOLECULAR REPLACEMENT' 
_refine.pdbx_starting_model                      1DRM 
_refine.pdbx_ls_cross_valid_method               THROUGHOUT 
_refine.pdbx_R_Free_selection_details            random 
_refine.pdbx_stereochem_target_val_spec_case     ? 
_refine.pdbx_stereochemistry_target_values       ? 
_refine.solvent_model_details                    ? 
_refine.solvent_model_param_bsol                 ? 
_refine.solvent_model_param_ksol                 ? 
_refine.occupancy_max                            ? 
_refine.occupancy_min                            ? 
_refine.pdbx_isotropic_thermal_model             ? 
_refine.B_iso_mean                               ? 
_refine.aniso_B[1][1]                            ? 
_refine.aniso_B[1][2]                            ? 
_refine.aniso_B[1][3]                            ? 
_refine.aniso_B[2][2]                            ? 
_refine.aniso_B[2][3]                            ? 
_refine.aniso_B[3][3]                            ? 
_refine.details                                  ? 
_refine.B_iso_min                                ? 
_refine.B_iso_max                                ? 
_refine.correlation_coeff_Fo_to_Fc               ? 
_refine.correlation_coeff_Fo_to_Fc_free          ? 
_refine.pdbx_solvent_vdw_probe_radii             ? 
_refine.pdbx_solvent_ion_probe_radii             ? 
_refine.pdbx_solvent_shrinkage_radii             ? 
_refine.overall_SU_R_Cruickshank_DPI             ? 
_refine.overall_SU_R_free                        ? 
_refine.overall_SU_B                             ? 
_refine.overall_SU_ML                            ? 
_refine.pdbx_overall_ESU_R                       ? 
_refine.pdbx_overall_ESU_R_Free                  ? 
_refine.pdbx_data_cutoff_high_rms_absF           ? 
_refine.ls_wR_factor_R_free                      ? 
_refine.ls_wR_factor_R_work                      ? 
_refine.overall_FOM_free_R_set                   ? 
_refine.overall_FOM_work_R_set                   ? 
_refine.pdbx_refine_id                           'X-RAY DIFFRACTION' 
_refine.pdbx_diffrn_id                           1 
_refine.pdbx_TLS_residual_ADP_flag               ? 
_refine.pdbx_overall_phase_error                 ? 
_refine.pdbx_overall_SU_R_free_Cruickshank_DPI   ? 
_refine.pdbx_overall_SU_R_Blow_DPI               ? 
_refine.pdbx_overall_SU_R_free_Blow_DPI          ? 
# 
_refine_hist.pdbx_refine_id                   'X-RAY DIFFRACTION' 
_refine_hist.cycle_id                         LAST 
_refine_hist.pdbx_number_atoms_protein        920 
_refine_hist.pdbx_number_atoms_nucleic_acid   0 
_refine_hist.pdbx_number_atoms_ligand         45 
_refine_hist.number_atoms_solvent             83 
_refine_hist.number_atoms_total               1048 
_refine_hist.d_res_high                       2.00 
_refine_hist.d_res_low                        40. 
# 
loop_
_refine_ls_restr.type 
_refine_ls_restr.dev_ideal 
_refine_ls_restr.dev_ideal_target 
_refine_ls_restr.weight 
_refine_ls_restr.number 
_refine_ls_restr.pdbx_refine_id 
_refine_ls_restr.pdbx_restraint_function 
c_bond_d    0.0092 ? ? ? 'X-RAY DIFFRACTION' ? 
c_angle_deg 1.88   ? ? ? 'X-RAY DIFFRACTION' ? 
# 
_struct.entry_id                  1XJ2 
_struct.title                     'CO-bound structure of bjFixLH' 
_struct.pdbx_model_details        ? 
_struct.pdbx_CASP_flag            ? 
_struct.pdbx_model_type_details   ? 
# 
_struct_keywords.entry_id        1XJ2 
_struct_keywords.pdbx_keywords   'SIGNALING PROTEIN, TRANSFERASE' 
_struct_keywords.text            'PAS domain; heme; oxygen sensor; carbon monoxide, SIGNALING PROTEIN, TRANSFERASE' 
# 
loop_
_struct_asym.id 
_struct_asym.pdbx_blank_PDB_chainid_flag 
_struct_asym.pdbx_modified 
_struct_asym.entity_id 
_struct_asym.details 
A N N 1 ? 
B N N 2 ? 
C N N 3 ? 
D N N 4 ? 
# 
_struct_biol.id                    1 
_struct_biol.pdbx_parent_biol_id   ? 
_struct_biol.details               ? 
# 
loop_
_struct_conf.conf_type_id 
_struct_conf.id 
_struct_conf.pdbx_PDB_helix_id 
_struct_conf.beg_label_comp_id 
_struct_conf.beg_label_asym_id 
_struct_conf.beg_label_seq_id 
_struct_conf.pdbx_beg_PDB_ins_code 
_struct_conf.end_label_comp_id 
_struct_conf.end_label_asym_id 
_struct_conf.end_label_seq_id 
_struct_conf.pdbx_end_PDB_ins_code 
_struct_conf.beg_auth_comp_id 
_struct_conf.beg_auth_asym_id 
_struct_conf.beg_auth_seq_id 
_struct_conf.end_auth_comp_id 
_struct_conf.end_auth_asym_id 
_struct_conf.end_auth_seq_id 
_struct_conf.pdbx_PDB_helix_class 
_struct_conf.details 
_struct_conf.pdbx_PDB_helix_length 
HELX_P HELX_P1 1 SER A 16  ? GLY A 24  ? SER A 169 GLY A 177 1 ? 9  
HELX_P HELX_P2 2 SER A 26  ? ILE A 31  ? SER A 179 ILE A 184 1 ? 6  
HELX_P HELX_P3 3 ASN A 34  ? MET A 39  ? ASN A 187 MET A 192 5 ? 6  
HELX_P HELX_P4 4 PRO A 42  ? SER A 58  ? PRO A 195 SER A 211 1 ? 17 
HELX_P HELX_P5 5 LEU A 103 ? LEU A 116 ? LEU A 256 LEU A 269 1 ? 14 
# 
_struct_conf_type.id          HELX_P 
_struct_conf_type.criteria    ? 
_struct_conf_type.reference   ? 
# 
loop_
_struct_conn.id 
_struct_conn.conn_type_id 
_struct_conn.pdbx_leaving_atom_flag 
_struct_conn.pdbx_PDB_id 
_struct_conn.ptnr1_label_asym_id 
_struct_conn.ptnr1_label_comp_id 
_struct_conn.ptnr1_label_seq_id 
_struct_conn.ptnr1_label_atom_id 
_struct_conn.pdbx_ptnr1_label_alt_id 
_struct_conn.pdbx_ptnr1_PDB_ins_code 
_struct_conn.pdbx_ptnr1_standard_comp_id 
_struct_conn.ptnr1_symmetry 
_struct_conn.ptnr2_label_asym_id 
_struct_conn.ptnr2_label_comp_id 
_struct_conn.ptnr2_label_seq_id 
_struct_conn.ptnr2_label_atom_id 
_struct_conn.pdbx_ptnr2_label_alt_id 
_struct_conn.pdbx_ptnr2_PDB_ins_code 
_struct_conn.ptnr1_auth_asym_id 
_struct_conn.ptnr1_auth_comp_id 
_struct_conn.ptnr1_auth_seq_id 
_struct_conn.ptnr2_auth_asym_id 
_struct_conn.ptnr2_auth_comp_id 
_struct_conn.ptnr2_auth_seq_id 
_struct_conn.ptnr2_symmetry 
_struct_conn.pdbx_ptnr3_label_atom_id 
_struct_conn.pdbx_ptnr3_label_seq_id 
_struct_conn.pdbx_ptnr3_label_comp_id 
_struct_conn.pdbx_ptnr3_label_asym_id 
_struct_conn.pdbx_ptnr3_label_alt_id 
_struct_conn.pdbx_ptnr3_PDB_ins_code 
_struct_conn.details 
_struct_conn.pdbx_dist_value 
_struct_conn.pdbx_value_order 
_struct_conn.pdbx_role 
metalc1 metalc ? ? A HIS 47 NE2 ? ? ? 1_555 B HEM . FE ? ? A HIS 200 A HEM 719 1_555 ? ? ? ? ? ? ? 2.128 ? ? 
metalc2 metalc ? ? B HEM .  FE  ? ? ? 1_555 C CMO . C  ? ? A HEM 719 A CMO 720 1_555 ? ? ? ? ? ? ? 1.770 ? ? 
metalc3 metalc ? ? B HEM .  FE  ? ? ? 1_555 C CMO . O  ? ? A HEM 719 A CMO 720 1_555 ? ? ? ? ? ? ? 2.886 ? ? 
# 
_struct_conn_type.id          metalc 
_struct_conn_type.criteria    ? 
_struct_conn_type.reference   ? 
# 
_struct_mon_prot_cis.pdbx_id                1 
_struct_mon_prot_cis.label_comp_id          GLU 
_struct_mon_prot_cis.label_seq_id           41 
_struct_mon_prot_cis.label_asym_id          A 
_struct_mon_prot_cis.label_alt_id           . 
_struct_mon_prot_cis.pdbx_PDB_ins_code      ? 
_struct_mon_prot_cis.auth_comp_id           GLU 
_struct_mon_prot_cis.auth_seq_id            194 
_struct_mon_prot_cis.auth_asym_id           A 
_struct_mon_prot_cis.pdbx_label_comp_id_2   PRO 
_struct_mon_prot_cis.pdbx_label_seq_id_2    42 
_struct_mon_prot_cis.pdbx_label_asym_id_2   A 
_struct_mon_prot_cis.pdbx_PDB_ins_code_2    ? 
_struct_mon_prot_cis.pdbx_auth_comp_id_2    PRO 
_struct_mon_prot_cis.pdbx_auth_seq_id_2     195 
_struct_mon_prot_cis.pdbx_auth_asym_id_2    A 
_struct_mon_prot_cis.pdbx_PDB_model_num     1 
_struct_mon_prot_cis.pdbx_omega_angle       0.25 
# 
_struct_sheet.id               A 
_struct_sheet.type             ? 
_struct_sheet.number_strands   5 
_struct_sheet.details          ? 
# 
loop_
_struct_sheet_order.sheet_id 
_struct_sheet_order.range_id_1 
_struct_sheet_order.range_id_2 
_struct_sheet_order.offset 
_struct_sheet_order.sense 
A 1 2 ? anti-parallel 
A 2 3 ? anti-parallel 
A 3 4 ? anti-parallel 
A 4 5 ? anti-parallel 
# 
loop_
_struct_sheet_range.sheet_id 
_struct_sheet_range.id 
_struct_sheet_range.beg_label_comp_id 
_struct_sheet_range.beg_label_asym_id 
_struct_sheet_range.beg_label_seq_id 
_struct_sheet_range.pdbx_beg_PDB_ins_code 
_struct_sheet_range.end_label_comp_id 
_struct_sheet_range.end_label_asym_id 
_struct_sheet_range.end_label_seq_id 
_struct_sheet_range.pdbx_end_PDB_ins_code 
_struct_sheet_range.beg_auth_comp_id 
_struct_sheet_range.beg_auth_asym_id 
_struct_sheet_range.beg_auth_seq_id 
_struct_sheet_range.end_auth_comp_id 
_struct_sheet_range.end_auth_asym_id 
_struct_sheet_range.end_auth_seq_id 
A 1 ILE A 12 ? PHE A 15  ? ILE A 165 PHE A 168 
A 2 MET A 3  ? ASP A 7   ? MET A 156 ASP A 160 
A 3 GLU A 93 ? ASP A 102 ? GLU A 246 ASP A 255 
A 4 THR A 78 ? SER A 90  ? THR A 231 SER A 243 
A 5 ARG A 67 ? LYS A 72  ? ARG A 220 LYS A 225 
# 
loop_
_pdbx_struct_sheet_hbond.sheet_id 
_pdbx_struct_sheet_hbond.range_id_1 
_pdbx_struct_sheet_hbond.range_id_2 
_pdbx_struct_sheet_hbond.range_1_label_atom_id 
_pdbx_struct_sheet_hbond.range_1_label_comp_id 
_pdbx_struct_sheet_hbond.range_1_label_asym_id 
_pdbx_struct_sheet_hbond.range_1_label_seq_id 
_pdbx_struct_sheet_hbond.range_1_PDB_ins_code 
_pdbx_struct_sheet_hbond.range_1_auth_atom_id 
_pdbx_struct_sheet_hbond.range_1_auth_comp_id 
_pdbx_struct_sheet_hbond.range_1_auth_asym_id 
_pdbx_struct_sheet_hbond.range_1_auth_seq_id 
_pdbx_struct_sheet_hbond.range_2_label_atom_id 
_pdbx_struct_sheet_hbond.range_2_label_comp_id 
_pdbx_struct_sheet_hbond.range_2_label_asym_id 
_pdbx_struct_sheet_hbond.range_2_label_seq_id 
_pdbx_struct_sheet_hbond.range_2_PDB_ins_code 
_pdbx_struct_sheet_hbond.range_2_auth_atom_id 
_pdbx_struct_sheet_hbond.range_2_auth_comp_id 
_pdbx_struct_sheet_hbond.range_2_auth_asym_id 
_pdbx_struct_sheet_hbond.range_2_auth_seq_id 
A 1 2 O GLN A 13 ? O GLN A 166 N VAL A 5  ? N VAL A 158 
A 2 3 N ILE A 4  ? N ILE A 157 O GLY A 98 ? O GLY A 251 
A 3 4 O THR A 97 ? O THR A 250 N GLY A 86 ? N GLY A 239 
A 4 5 O PHE A 79 ? O PHE A 232 N GLY A 71 ? N GLY A 224 
# 
loop_
_struct_site.id 
_struct_site.pdbx_evidence_code 
_struct_site.pdbx_auth_asym_id 
_struct_site.pdbx_auth_comp_id 
_struct_site.pdbx_auth_seq_id 
_struct_site.pdbx_auth_ins_code 
_struct_site.pdbx_num_residues 
_struct_site.details 
AC1 Software A HEM 719 ? 19 'BINDING SITE FOR RESIDUE HEM A 719' 
AC2 Software A CMO 720 ? 4  'BINDING SITE FOR RESIDUE CMO A 720' 
# 
loop_
_struct_site_gen.id 
_struct_site_gen.site_id 
_struct_site_gen.pdbx_num_res 
_struct_site_gen.label_comp_id 
_struct_site_gen.label_asym_id 
_struct_site_gen.label_seq_id 
_struct_site_gen.pdbx_auth_ins_code 
_struct_site_gen.auth_comp_id 
_struct_site_gen.auth_asym_id 
_struct_site_gen.auth_seq_id 
_struct_site_gen.label_atom_id 
_struct_site_gen.label_alt_id 
_struct_site_gen.symmetry 
_struct_site_gen.details 
1  AC1 19 HOH D .  ? HOH A 80  . ? 1_555 ? 
2  AC1 19 ILE A 4  ? ILE A 157 . ? 1_555 ? 
3  AC1 19 ILE A 6  ? ILE A 159 . ? 1_555 ? 
4  AC1 19 VAL A 35 ? VAL A 188 . ? 1_555 ? 
5  AC1 19 LEU A 38 ? LEU A 191 . ? 1_555 ? 
6  AC1 19 MET A 39 ? MET A 192 . ? 1_555 ? 
7  AC1 19 ASP A 43 ? ASP A 196 . ? 1_555 ? 
8  AC1 19 HIS A 47 ? HIS A 200 . ? 1_555 ? 
9  AC1 19 TYR A 50 ? TYR A 203 . ? 1_555 ? 
10 AC1 19 PRO A 60 ? PRO A 213 . ? 1_555 ? 
11 AC1 19 HIS A 61 ? HIS A 214 . ? 1_555 ? 
12 AC1 19 ILE A 62 ? ILE A 215 . ? 1_555 ? 
13 AC1 19 ILE A 63 ? ILE A 216 . ? 1_555 ? 
14 AC1 19 ARG A 67 ? ARG A 220 . ? 1_555 ? 
15 AC1 19 THR A 70 ? THR A 223 . ? 1_555 ? 
16 AC1 19 LEU A 83 ? LEU A 236 . ? 1_555 ? 
17 AC1 19 PHE A 96 ? PHE A 249 . ? 1_555 ? 
18 AC1 19 GLY A 98 ? GLY A 251 . ? 1_555 ? 
19 AC1 19 CMO C .  ? CMO A 720 . ? 1_555 ? 
20 AC2 4  ILE A 62 ? ILE A 215 . ? 1_555 ? 
21 AC2 4  LEU A 83 ? LEU A 236 . ? 1_555 ? 
22 AC2 4  ILE A 85 ? ILE A 238 . ? 1_555 ? 
23 AC2 4  HEM B .  ? HEM A 719 . ? 1_555 ? 
# 
_atom_sites.entry_id                    1XJ2 
_atom_sites.fract_transf_matrix[1][1]   -0.00021113 
_atom_sites.fract_transf_matrix[1][2]   0.00897643 
_atom_sites.fract_transf_matrix[1][3]   -0.00042592 
_atom_sites.fract_transf_matrix[2][1]   -0.00325914 
_atom_sites.fract_transf_matrix[2][2]   0.00407637 
_atom_sites.fract_transf_matrix[2][3]   -0.00731870 
_atom_sites.fract_transf_matrix[3][1]   -0.01561439 
_atom_sites.fract_transf_matrix[3][2]   -0.00003833 
_atom_sites.fract_transf_matrix[3][3]   0.00693199 
_atom_sites.fract_transf_vector[1]      0.151149 
_atom_sites.fract_transf_vector[2]      0.491528 
_atom_sites.fract_transf_vector[3]      0.953805 
# 
loop_
_atom_type.symbol 
C  
FE 
N  
O  
S  
# 
loop_
_atom_site.group_PDB 
_atom_site.id 
_atom_site.type_symbol 
_atom_site.label_atom_id 
_atom_site.label_alt_id 
_atom_site.label_comp_id 
_atom_site.label_asym_id 
_atom_site.label_entity_id 
_atom_site.label_seq_id 
_atom_site.pdbx_PDB_ins_code 
_atom_site.Cartn_x 
_atom_site.Cartn_y 
_atom_site.Cartn_z 
_atom_site.occupancy 
_atom_site.B_iso_or_equiv 
_atom_site.pdbx_formal_charge 
_atom_site.auth_seq_id 
_atom_site.auth_comp_id 
_atom_site.auth_asym_id 
_atom_site.auth_atom_id 
_atom_site.pdbx_PDB_model_num 
ATOM   1    N  N   . ASP A 1 1   ? -11.088 4.139   -2.415  1.00 70.86  ? 154 ASP A N   1 
ATOM   2    C  CA  . ASP A 1 1   ? -10.731 3.061   -3.375  1.00 72.36  ? 154 ASP A CA  1 
ATOM   3    C  C   . ASP A 1 1   ? -10.412 1.791   -2.595  1.00 78.03  ? 154 ASP A C   1 
ATOM   4    O  O   . ASP A 1 1   ? -11.239 1.315   -1.814  1.00 83.02  ? 154 ASP A O   1 
ATOM   5    C  CB  . ASP A 1 1   ? -9.521  3.477   -4.232  1.00 73.27  ? 154 ASP A CB  1 
ATOM   6    C  CG  . ASP A 1 1   ? -9.875  4.501   -5.305  1.00 78.57  ? 154 ASP A CG  1 
ATOM   7    O  OD1 . ASP A 1 1   ? -8.954  5.159   -5.838  1.00 73.99  ? 154 ASP A OD1 1 
ATOM   8    O  OD2 . ASP A 1 1   ? -11.073 4.642   -5.627  1.00 84.36  ? 154 ASP A OD2 1 
ATOM   9    N  N   . ALA A 1 2   ? -9.206  1.262   -2.792  1.00 68.18  ? 155 ALA A N   1 
ATOM   10   C  CA  . ALA A 1 2   ? -8.772  0.037   -2.129  1.00 63.53  ? 155 ALA A CA  1 
ATOM   11   C  C   . ALA A 1 2   ? -8.473  0.158   -0.638  1.00 58.17  ? 155 ALA A C   1 
ATOM   12   O  O   . ALA A 1 2   ? -8.059  1.204   -0.144  1.00 52.75  ? 155 ALA A O   1 
ATOM   13   C  CB  . ALA A 1 2   ? -7.545  -0.520  -2.846  1.00 63.49  ? 155 ALA A CB  1 
ATOM   14   N  N   . MET A 1 3   ? -8.673  -0.945  0.073   1.00 52.03  ? 156 MET A N   1 
ATOM   15   C  CA  . MET A 1 3   ? -8.395  -1.002  1.498   1.00 43.34  ? 156 MET A CA  1 
ATOM   16   C  C   . MET A 1 3   ? -7.615  -2.299  1.732   1.00 46.84  ? 156 MET A C   1 
ATOM   17   O  O   . MET A 1 3   ? -7.989  -3.350  1.216   1.00 39.07  ? 156 MET A O   1 
ATOM   18   C  CB  . MET A 1 3   ? -9.701  -0.991  2.289   1.00 44.70  ? 156 MET A CB  1 
ATOM   19   C  CG  . MET A 1 3   ? -9.525  -0.721  3.764   1.00 56.81  ? 156 MET A CG  1 
ATOM   20   S  SD  . MET A 1 3   ? -9.636  -2.218  4.752   1.00 71.75  ? 156 MET A SD  1 
ATOM   21   C  CE  . MET A 1 3   ? -11.239 -2.036  5.426   1.00 60.59  ? 156 MET A CE  1 
ATOM   22   N  N   . ILE A 1 4   ? -6.521  -2.207  2.483   1.00 44.54  ? 157 ILE A N   1 
ATOM   23   C  CA  . ILE A 1 4   ? -5.655  -3.351  2.779   1.00 45.36  ? 157 ILE A CA  1 
ATOM   24   C  C   . ILE A 1 4   ? -5.287  -3.371  4.262   1.00 46.16  ? 157 ILE A C   1 
ATOM   25   O  O   . ILE A 1 4   ? -4.928  -2.340  4.826   1.00 45.14  ? 157 ILE A O   1 
ATOM   26   C  CB  . ILE A 1 4   ? -4.321  -3.266  1.975   1.00 41.64  ? 157 ILE A CB  1 
ATOM   27   C  CG1 . ILE A 1 4   ? -4.592  -3.403  0.479   1.00 48.71  ? 157 ILE A CG1 1 
ATOM   28   C  CG2 . ILE A 1 4   ? -3.362  -4.365  2.420   1.00 40.15  ? 157 ILE A CG2 1 
ATOM   29   C  CD1 . ILE A 1 4   ? -4.057  -2.255  -0.323  1.00 62.66  ? 157 ILE A CD1 1 
ATOM   30   N  N   . VAL A 1 5   ? -5.360  -4.539  4.891   1.00 45.31  ? 158 VAL A N   1 
ATOM   31   C  CA  . VAL A 1 5   ? -4.992  -4.651  6.298   1.00 45.29  ? 158 VAL A CA  1 
ATOM   32   C  C   . VAL A 1 5   ? -3.835  -5.647  6.448   1.00 51.68  ? 158 VAL A C   1 
ATOM   33   O  O   . VAL A 1 5   ? -3.889  -6.751  5.903   1.00 42.09  ? 158 VAL A O   1 
ATOM   34   C  CB  . VAL A 1 5   ? -6.168  -5.149  7.156   1.00 50.40  ? 158 VAL A CB  1 
ATOM   35   C  CG1 . VAL A 1 5   ? -5.717  -5.305  8.607   1.00 45.06  ? 158 VAL A CG1 1 
ATOM   36   C  CG2 . VAL A 1 5   ? -7.339  -4.181  7.051   1.00 44.92  ? 158 VAL A CG2 1 
ATOM   37   N  N   . ILE A 1 6   ? -2.784  -5.257  7.167   1.00 46.84  ? 159 ILE A N   1 
ATOM   38   C  CA  . ILE A 1 6   ? -1.648  -6.156  7.382   1.00 48.98  ? 159 ILE A CA  1 
ATOM   39   C  C   . ILE A 1 6   ? -1.345  -6.274  8.868   1.00 50.47  ? 159 ILE A C   1 
ATOM   40   O  O   . ILE A 1 6   ? -1.666  -5.374  9.648   1.00 49.75  ? 159 ILE A O   1 
ATOM   41   C  CB  . ILE A 1 6   ? -0.342  -5.652  6.699   1.00 39.99  ? 159 ILE A CB  1 
ATOM   42   C  CG1 . ILE A 1 6   ? 0.141   -4.366  7.380   1.00 49.07  ? 159 ILE A CG1 1 
ATOM   43   C  CG2 . ILE A 1 6   ? -0.568  -5.436  5.206   1.00 49.43  ? 159 ILE A CG2 1 
ATOM   44   C  CD1 . ILE A 1 6   ? 1.449   -3.831  6.838   1.00 62.66  ? 159 ILE A CD1 1 
ATOM   45   N  N   . ASP A 1 7   ? -0.718  -7.382  9.261   1.00 57.54  ? 160 ASP A N   1 
ATOM   46   C  CA  . ASP A 1 7   ? -0.343  -7.566  10.658  1.00 57.79  ? 160 ASP A CA  1 
ATOM   47   C  C   . ASP A 1 7   ? 0.986   -6.847  10.860  1.00 63.25  ? 160 ASP A C   1 
ATOM   48   O  O   . ASP A 1 7   ? 1.475   -6.174  9.952   1.00 64.31  ? 160 ASP A O   1 
ATOM   49   C  CB  . ASP A 1 7   ? -0.186  -9.050  11.009  1.00 56.97  ? 160 ASP A CB  1 
ATOM   50   C  CG  . ASP A 1 7   ? 0.844   -9.753  10.153  1.00 59.86  ? 160 ASP A CG  1 
ATOM   51   O  OD1 . ASP A 1 7   ? 1.804   -9.093  9.691   1.00 60.33  ? 160 ASP A OD1 1 
ATOM   52   O  OD2 . ASP A 1 7   ? 0.702   -10.977 9.953   1.00 61.69  ? 160 ASP A OD2 1 
ATOM   53   N  N   . GLY A 1 8   ? 1.579   -7.001  12.039  1.00 62.32  ? 161 GLY A N   1 
ATOM   54   C  CA  . GLY A 1 8   ? 2.838   -6.335  12.314  1.00 65.33  ? 161 GLY A CA  1 
ATOM   55   C  C   . GLY A 1 8   ? 4.037   -6.841  11.532  1.00 61.81  ? 161 GLY A C   1 
ATOM   56   O  O   . GLY A 1 8   ? 5.132   -6.301  11.668  1.00 64.34  ? 161 GLY A O   1 
ATOM   57   N  N   . HIS A 1 9   ? 3.842   -7.869  10.714  1.00 61.42  ? 162 HIS A N   1 
ATOM   58   C  CA  . HIS A 1 9   ? 4.932   -8.437  9.918   1.00 64.65  ? 162 HIS A CA  1 
ATOM   59   C  C   . HIS A 1 9   ? 4.811   -8.141  8.429   1.00 62.00  ? 162 HIS A C   1 
ATOM   60   O  O   . HIS A 1 9   ? 5.596   -8.647  7.631   1.00 62.61  ? 162 HIS A O   1 
ATOM   61   C  CB  . HIS A 1 9   ? 5.004   -9.958  10.113  1.00 69.23  ? 162 HIS A CB  1 
ATOM   62   C  CG  . HIS A 1 9   ? 5.390   -10.374 11.499  1.00 79.90  ? 162 HIS A CG  1 
ATOM   63   N  ND1 . HIS A 1 9   ? 5.364   -11.688 11.916  1.00 85.55  ? 162 HIS A ND1 1 
ATOM   64   C  CD2 . HIS A 1 9   ? 5.815   -9.650  12.561  1.00 83.13  ? 162 HIS A CD2 1 
ATOM   65   C  CE1 . HIS A 1 9   ? 5.756   -11.754 13.176  1.00 89.35  ? 162 HIS A CE1 1 
ATOM   66   N  NE2 . HIS A 1 9   ? 6.035   -10.531 13.592  1.00 87.52  ? 162 HIS A NE2 1 
ATOM   67   N  N   . GLY A 1 10  ? 3.816   -7.346  8.051   1.00 61.17  ? 163 GLY A N   1 
ATOM   68   C  CA  . GLY A 1 10  ? 3.646   -7.012  6.649   1.00 50.21  ? 163 GLY A CA  1 
ATOM   69   C  C   . GLY A 1 10  ? 2.844   -8.020  5.853   1.00 49.98  ? 163 GLY A C   1 
ATOM   70   O  O   . GLY A 1 10  ? 2.769   -7.924  4.625   1.00 56.39  ? 163 GLY A O   1 
ATOM   71   N  N   . ILE A 1 11  ? 2.238   -8.984  6.539   1.00 46.39  ? 164 ILE A N   1 
ATOM   72   C  CA  . ILE A 1 11  ? 1.436   -10.004 5.873   1.00 46.94  ? 164 ILE A CA  1 
ATOM   73   C  C   . ILE A 1 11  ? -0.003  -9.528  5.716   1.00 43.87  ? 164 ILE A C   1 
ATOM   74   O  O   . ILE A 1 11  ? -0.621  -9.067  6.676   1.00 45.97  ? 164 ILE A O   1 
ATOM   75   C  CB  . ILE A 1 11  ? 1.446   -11.330 6.673   1.00 53.50  ? 164 ILE A CB  1 
ATOM   76   C  CG1 . ILE A 1 11  ? 2.880   -11.856 6.774   1.00 49.52  ? 164 ILE A CG1 1 
ATOM   77   C  CG2 . ILE A 1 11  ? 0.551   -12.365 5.991   1.00 43.07  ? 164 ILE A CG2 1 
ATOM   78   C  CD1 . ILE A 1 11  ? 3.532   -12.132 5.435   1.00 62.66  ? 164 ILE A CD1 1 
ATOM   79   N  N   . ILE A 1 12  ? -0.533  -9.652  4.504   1.00 46.52  ? 165 ILE A N   1 
ATOM   80   C  CA  . ILE A 1 12  ? -1.891  -9.205  4.227   1.00 48.04  ? 165 ILE A CA  1 
ATOM   81   C  C   . ILE A 1 12  ? -2.946  -10.057 4.923   1.00 50.50  ? 165 ILE A C   1 
ATOM   82   O  O   . ILE A 1 12  ? -2.990  -11.264 4.733   1.00 52.27  ? 165 ILE A O   1 
ATOM   83   C  CB  . ILE A 1 12  ? -2.174  -9.207  2.707   1.00 44.59  ? 165 ILE A CB  1 
ATOM   84   C  CG1 . ILE A 1 12  ? -1.194  -8.273  1.995   1.00 41.53  ? 165 ILE A CG1 1 
ATOM   85   C  CG2 . ILE A 1 12  ? -3.617  -8.782  2.443   1.00 45.78  ? 165 ILE A CG2 1 
ATOM   86   C  CD1 . ILE A 1 12  ? -1.313  -8.284  0.481   1.00 62.66  ? 165 ILE A CD1 1 
ATOM   87   N  N   . GLN A 1 13  ? -3.798  -9.408  5.717   1.00 50.78  ? 166 GLN A N   1 
ATOM   88   C  CA  . GLN A 1 13  ? -4.876  -10.077 6.447   1.00 54.15  ? 166 GLN A CA  1 
ATOM   89   C  C   . GLN A 1 13  ? -6.220  -9.915  5.729   1.00 56.44  ? 166 GLN A C   1 
ATOM   90   O  O   . GLN A 1 13  ? -6.988  -10.868 5.622   1.00 53.67  ? 166 GLN A O   1 
ATOM   91   C  CB  . GLN A 1 13  ? -4.993  -9.504  7.862   1.00 53.53  ? 166 GLN A CB  1 
ATOM   92   C  CG  . GLN A 1 13  ? -3.741  -9.660  8.703   1.00 61.03  ? 166 GLN A CG  1 
ATOM   93   C  CD  . GLN A 1 13  ? -3.320  -11.114 8.844   1.00 59.25  ? 166 GLN A CD  1 
ATOM   94   O  OE1 . GLN A 1 13  ? -4.071  -11.936 9.362   1.00 74.57  ? 166 GLN A OE1 1 
ATOM   95   N  NE2 . GLN A 1 13  ? -2.117  -11.434 8.377   1.00 66.78  ? 166 GLN A NE2 1 
ATOM   96   N  N   . LEU A 1 14  ? -6.500  -8.704  5.249   1.00 46.82  ? 167 LEU A N   1 
ATOM   97   C  CA  . LEU A 1 14  ? -7.747  -8.413  4.539   1.00 47.23  ? 167 LEU A CA  1 
ATOM   98   C  C   . LEU A 1 14  ? -7.434  -7.645  3.257   1.00 46.54  ? 167 LEU A C   1 
ATOM   99   O  O   . LEU A 1 14  ? -6.566  -6.777  3.245   1.00 47.15  ? 167 LEU A O   1 
ATOM   100  C  CB  . LEU A 1 14  ? -8.673  -7.576  5.425   1.00 47.66  ? 167 LEU A CB  1 
ATOM   101  C  CG  . LEU A 1 14  ? -9.259  -8.251  6.664   1.00 49.81  ? 167 LEU A CG  1 
ATOM   102  C  CD1 . LEU A 1 14  ? -9.830  -7.203  7.595   1.00 50.39  ? 167 LEU A CD1 1 
ATOM   103  C  CD2 . LEU A 1 14  ? -10.337 -9.241  6.248   1.00 51.75  ? 167 LEU A CD2 1 
ATOM   104  N  N   . PHE A 1 15  ? -8.157  -7.956  2.188   1.00 42.81  ? 168 PHE A N   1 
ATOM   105  C  CA  . PHE A 1 15  ? -7.953  -7.329  0.889   1.00 46.50  ? 168 PHE A CA  1 
ATOM   106  C  C   . PHE A 1 15  ? -9.347  -7.047  0.321   1.00 51.50  ? 168 PHE A C   1 
ATOM   107  O  O   . PHE A 1 15  ? -10.048 -7.977  -0.067  1.00 49.02  ? 168 PHE A O   1 
ATOM   108  C  CB  . PHE A 1 15  ? -7.205  -8.314  -0.005  1.00 45.40  ? 168 PHE A CB  1 
ATOM   109  C  CG  . PHE A 1 15  ? -6.444  -7.682  -1.134  1.00 39.89  ? 168 PHE A CG  1 
ATOM   110  C  CD1 . PHE A 1 15  ? -5.313  -6.924  -0.890  1.00 45.18  ? 168 PHE A CD1 1 
ATOM   111  C  CD2 . PHE A 1 15  ? -6.830  -7.908  -2.453  1.00 42.48  ? 168 PHE A CD2 1 
ATOM   112  C  CE1 . PHE A 1 15  ? -4.563  -6.398  -1.938  1.00 43.70  ? 168 PHE A CE1 1 
ATOM   113  C  CE2 . PHE A 1 15  ? -6.091  -7.388  -3.516  1.00 44.52  ? 168 PHE A CE2 1 
ATOM   114  C  CZ  . PHE A 1 15  ? -4.954  -6.634  -3.258  1.00 44.66  ? 168 PHE A CZ  1 
ATOM   115  N  N   . SER A 1 16  ? -9.750  -5.775  0.254   1.00 44.41  ? 169 SER A N   1 
ATOM   116  C  CA  . SER A 1 16  ? -11.092 -5.453  -0.233  1.00 45.19  ? 169 SER A CA  1 
ATOM   117  C  C   . SER A 1 16  ? -11.284 -5.690  -1.727  1.00 44.54  ? 169 SER A C   1 
ATOM   118  O  O   . SER A 1 16  ? -10.319 -5.781  -2.491  1.00 47.82  ? 169 SER A O   1 
ATOM   119  C  CB  . SER A 1 16  ? -11.461 -3.989  0.097   1.00 40.38  ? 169 SER A CB  1 
ATOM   120  O  OG  . SER A 1 16  ? -10.753 -3.083  -0.740  1.00 43.52  ? 169 SER A OG  1 
ATOM   121  N  N   . THR A 1 17  ? -12.549 -5.769  -2.130  1.00 49.03  ? 170 THR A N   1 
ATOM   122  C  CA  . THR A 1 17  ? -12.932 -5.977  -3.525  1.00 53.02  ? 170 THR A CA  1 
ATOM   123  C  C   . THR A 1 17  ? -12.316 -4.928  -4.444  1.00 53.53  ? 170 THR A C   1 
ATOM   124  O  O   . THR A 1 17  ? -11.799 -5.239  -5.515  1.00 54.98  ? 170 THR A O   1 
ATOM   125  C  CB  . THR A 1 17  ? -14.453 -5.908  -3.677  1.00 55.94  ? 170 THR A CB  1 
ATOM   126  O  OG1 . THR A 1 17  ? -15.059 -6.908  -2.849  1.00 55.29  ? 170 THR A OG1 1 
ATOM   127  C  CG2 . THR A 1 17  ? -14.852 -6.125  -5.126  1.00 60.67  ? 170 THR A CG2 1 
ATOM   128  N  N   . ALA A 1 18  ? -12.386 -3.672  -4.028  1.00 53.65  ? 171 ALA A N   1 
ATOM   129  C  CA  . ALA A 1 18  ? -11.808 -2.602  -4.825  1.00 48.23  ? 171 ALA A CA  1 
ATOM   130  C  C   . ALA A 1 18  ? -10.309 -2.849  -4.977  1.00 50.17  ? 171 ALA A C   1 
ATOM   131  O  O   . ALA A 1 18  ? -9.735  -2.587  -6.032  1.00 48.57  ? 171 ALA A O   1 
ATOM   132  C  CB  . ALA A 1 18  ? -12.059 -1.255  -4.149  1.00 56.82  ? 171 ALA A CB  1 
ATOM   133  N  N   . ALA A 1 19  ? -9.674  -3.354  -3.922  1.00 47.43  ? 172 ALA A N   1 
ATOM   134  C  CA  . ALA A 1 19  ? -8.240  -3.628  -3.978  1.00 52.52  ? 172 ALA A CA  1 
ATOM   135  C  C   . ALA A 1 19  ? -7.948  -4.641  -5.083  1.00 48.98  ? 172 ALA A C   1 
ATOM   136  O  O   . ALA A 1 19  ? -6.964  -4.507  -5.820  1.00 54.20  ? 172 ALA A O   1 
ATOM   137  C  CB  . ALA A 1 19  ? -7.746  -4.159  -2.638  1.00 48.37  ? 172 ALA A CB  1 
ATOM   138  N  N   . GLU A 1 20  ? -8.808  -5.647  -5.193  1.00 52.28  ? 173 GLU A N   1 
ATOM   139  C  CA  . GLU A 1 20  ? -8.657  -6.682  -6.213  1.00 51.95  ? 173 GLU A CA  1 
ATOM   140  C  C   . GLU A 1 20  ? -8.685  -6.061  -7.602  1.00 54.71  ? 173 GLU A C   1 
ATOM   141  O  O   . GLU A 1 20  ? -7.879  -6.410  -8.470  1.00 52.32  ? 173 GLU A O   1 
ATOM   142  C  CB  . GLU A 1 20  ? -9.794  -7.703  -6.114  1.00 52.11  ? 173 GLU A CB  1 
ATOM   143  C  CG  . GLU A 1 20  ? -9.922  -8.403  -4.772  1.00 59.55  ? 173 GLU A CG  1 
ATOM   144  C  CD  . GLU A 1 20  ? -10.935 -9.538  -4.811  1.00 65.58  ? 173 GLU A CD  1 
ATOM   145  O  OE1 . GLU A 1 20  ? -12.134 -9.270  -5.020  1.00 70.47  ? 173 GLU A OE1 1 
ATOM   146  O  OE2 . GLU A 1 20  ? -10.530 -10.706 -4.642  1.00 69.56  ? 173 GLU A OE2 1 
ATOM   147  N  N   . ARG A 1 21  ? -9.619  -5.139  -7.810  1.00 60.51  ? 174 ARG A N   1 
ATOM   148  C  CA  . ARG A 1 21  ? -9.748  -4.476  -9.106  1.00 63.31  ? 174 ARG A CA  1 
ATOM   149  C  C   . ARG A 1 21  ? -8.544  -3.589  -9.389  1.00 59.68  ? 174 ARG A C   1 
ATOM   150  O  O   . ARG A 1 21  ? -8.013  -3.566  -10.498 1.00 63.81  ? 174 ARG A O   1 
ATOM   151  C  CB  . ARG A 1 21  ? -11.014 -3.616  -9.157  1.00 66.41  ? 174 ARG A CB  1 
ATOM   152  C  CG  . ARG A 1 21  ? -12.310 -4.323  -8.794  1.00 77.99  ? 174 ARG A CG  1 
ATOM   153  C  CD  . ARG A 1 21  ? -13.501 -3.599  -9.430  1.00 84.02  ? 174 ARG A CD  1 
ATOM   154  N  NE  . ARG A 1 21  ? -14.782 -3.937  -8.812  1.00 90.05  ? 174 ARG A NE  1 
ATOM   155  C  CZ  . ARG A 1 21  ? -15.306 -3.291  -7.772  1.00 93.60  ? 174 ARG A CZ  1 
ATOM   156  N  NH1 . ARG A 1 21  ? -14.660 -2.266  -7.228  1.00 87.72  ? 174 ARG A NH1 1 
ATOM   157  N  NH2 . ARG A 1 21  ? -16.477 -3.670  -7.276  1.00 92.51  ? 174 ARG A NH2 1 
ATOM   158  N  N   . LEU A 1 22  ? -8.108  -2.864  -8.374  1.00 56.50  ? 175 LEU A N   1 
ATOM   159  C  CA  . LEU A 1 22  ? -6.986  -1.963  -8.535  1.00 55.61  ? 175 LEU A CA  1 
ATOM   160  C  C   . LEU A 1 22  ? -5.640  -2.653  -8.728  1.00 61.54  ? 175 LEU A C   1 
ATOM   161  O  O   . LEU A 1 22  ? -4.866  -2.279  -9.609  1.00 55.08  ? 175 LEU A O   1 
ATOM   162  C  CB  . LEU A 1 22  ? -6.909  -1.027  -7.332  1.00 59.22  ? 175 LEU A CB  1 
ATOM   163  C  CG  . LEU A 1 22  ? -5.901  0.112   -7.444  1.00 63.57  ? 175 LEU A CG  1 
ATOM   164  C  CD1 . LEU A 1 22  ? -6.287  1.008   -8.613  1.00 66.35  ? 175 LEU A CD1 1 
ATOM   165  C  CD2 . LEU A 1 22  ? -5.870  0.899   -6.136  1.00 61.33  ? 175 LEU A CD2 1 
ATOM   166  N  N   . PHE A 1 23  ? -5.357  -3.667  -7.916  1.00 57.02  ? 176 PHE A N   1 
ATOM   167  C  CA  . PHE A 1 23  ? -4.069  -4.336  -8.009  1.00 56.42  ? 176 PHE A CA  1 
ATOM   168  C  C   . PHE A 1 23  ? -3.984  -5.592  -8.877  1.00 58.25  ? 176 PHE A C   1 
ATOM   169  O  O   . PHE A 1 23  ? -2.889  -6.022  -9.234  1.00 57.07  ? 176 PHE A O   1 
ATOM   170  C  CB  . PHE A 1 23  ? -3.550  -4.646  -6.605  1.00 54.35  ? 176 PHE A CB  1 
ATOM   171  C  CG  . PHE A 1 23  ? -3.196  -3.421  -5.803  1.00 47.78  ? 176 PHE A CG  1 
ATOM   172  C  CD1 . PHE A 1 23  ? -4.070  -2.924  -4.850  1.00 43.00  ? 176 PHE A CD1 1 
ATOM   173  C  CD2 . PHE A 1 23  ? -1.977  -2.774  -5.997  1.00 48.35  ? 176 PHE A CD2 1 
ATOM   174  C  CE1 . PHE A 1 23  ? -3.739  -1.797  -4.094  1.00 44.75  ? 176 PHE A CE1 1 
ATOM   175  C  CE2 . PHE A 1 23  ? -1.632  -1.643  -5.243  1.00 46.15  ? 176 PHE A CE2 1 
ATOM   176  C  CZ  . PHE A 1 23  ? -2.515  -1.157  -4.293  1.00 45.13  ? 176 PHE A CZ  1 
ATOM   177  N  N   . GLY A 1 24  ? -5.117  -6.187  -9.218  1.00 55.52  ? 177 GLY A N   1 
ATOM   178  C  CA  . GLY A 1 24  ? -5.068  -7.379  -10.052 1.00 62.29  ? 177 GLY A CA  1 
ATOM   179  C  C   . GLY A 1 24  ? -5.027  -8.711  -9.314  1.00 61.26  ? 177 GLY A C   1 
ATOM   180  O  O   . GLY A 1 24  ? -5.309  -9.750  -9.908  1.00 69.18  ? 177 GLY A O   1 
ATOM   181  N  N   . TRP A 1 25  ? -4.667  -8.701  -8.036  1.00 56.67  ? 178 TRP A N   1 
ATOM   182  C  CA  . TRP A 1 25  ? -4.633  -9.935  -7.257  1.00 55.07  ? 178 TRP A CA  1 
ATOM   183  C  C   . TRP A 1 25  ? -5.994  -10.162 -6.621  1.00 58.73  ? 178 TRP A C   1 
ATOM   184  O  O   . TRP A 1 25  ? -6.698  -9.207  -6.291  1.00 64.22  ? 178 TRP A O   1 
ATOM   185  C  CB  . TRP A 1 25  ? -3.595  -9.850  -6.143  1.00 46.03  ? 178 TRP A CB  1 
ATOM   186  C  CG  . TRP A 1 25  ? -2.219  -9.619  -6.619  1.00 57.96  ? 178 TRP A CG  1 
ATOM   187  C  CD1 . TRP A 1 25  ? -1.589  -8.422  -6.748  1.00 58.70  ? 178 TRP A CD1 1 
ATOM   188  C  CD2 . TRP A 1 25  ? -1.278  -10.616 -7.027  1.00 66.63  ? 178 TRP A CD2 1 
ATOM   189  N  NE1 . TRP A 1 25  ? -0.307  -8.607  -7.207  1.00 64.83  ? 178 TRP A NE1 1 
ATOM   190  C  CE2 . TRP A 1 25  ? -0.090  -9.946  -7.388  1.00 67.78  ? 178 TRP A CE2 1 
ATOM   191  C  CE3 . TRP A 1 25  ? -1.326  -12.014 -7.124  1.00 70.15  ? 178 TRP A CE3 1 
ATOM   192  C  CZ2 . TRP A 1 25  ? 1.046   -10.624 -7.838  1.00 68.56  ? 178 TRP A CZ2 1 
ATOM   193  C  CZ3 . TRP A 1 25  ? -0.193  -12.690 -7.575  1.00 69.17  ? 178 TRP A CZ3 1 
ATOM   194  C  CH2 . TRP A 1 25  ? 0.976   -11.992 -7.924  1.00 73.43  ? 178 TRP A CH2 1 
ATOM   195  N  N   . SER A 1 26  ? -6.377  -11.420 -6.444  1.00 52.11  ? 179 SER A N   1 
ATOM   196  C  CA  . SER A 1 26  ? -7.657  -11.692 -5.816  1.00 47.70  ? 179 SER A CA  1 
ATOM   197  C  C   . SER A 1 26  ? -7.425  -11.845 -4.321  1.00 46.69  ? 179 SER A C   1 
ATOM   198  O  O   . SER A 1 26  ? -6.304  -12.048 -3.860  1.00 51.97  ? 179 SER A O   1 
ATOM   199  C  CB  . SER A 1 26  ? -8.290  -12.968 -6.371  1.00 53.61  ? 179 SER A CB  1 
ATOM   200  O  OG  . SER A 1 26  ? -7.759  -14.113 -5.727  1.00 52.95  ? 179 SER A OG  1 
ATOM   201  N  N   . GLU A 1 27  ? -8.503  -11.738 -3.568  1.00 43.95  ? 180 GLU A N   1 
ATOM   202  C  CA  . GLU A 1 27  ? -8.471  -11.845 -2.123  1.00 47.89  ? 180 GLU A CA  1 
ATOM   203  C  C   . GLU A 1 27  ? -7.683  -13.058 -1.618  1.00 52.06  ? 180 GLU A C   1 
ATOM   204  O  O   . GLU A 1 27  ? -6.773  -12.921 -0.799  1.00 53.65  ? 180 GLU A O   1 
ATOM   205  C  CB  . GLU A 1 27  ? -9.916  -11.888 -1.644  1.00 50.16  ? 180 GLU A CB  1 
ATOM   206  C  CG  . GLU A 1 27  ? -10.137 -12.073 -0.183  1.00 65.08  ? 180 GLU A CG  1 
ATOM   207  C  CD  . GLU A 1 27  ? -11.593 -11.864 0.155   1.00 60.73  ? 180 GLU A CD  1 
ATOM   208  O  OE1 . GLU A 1 27  ? -12.444 -12.367 -0.610  1.00 58.77  ? 180 GLU A OE1 1 
ATOM   209  O  OE2 . GLU A 1 27  ? -11.879 -11.198 1.168   1.00 61.18  ? 180 GLU A OE2 1 
ATOM   210  N  N   . LEU A 1 28  ? -8.024  -14.249 -2.102  1.00 52.80  ? 181 LEU A N   1 
ATOM   211  C  CA  . LEU A 1 28  ? -7.324  -15.457 -1.658  1.00 52.25  ? 181 LEU A CA  1 
ATOM   212  C  C   . LEU A 1 28  ? -5.838  -15.456 -2.002  1.00 44.95  ? 181 LEU A C   1 
ATOM   213  O  O   . LEU A 1 28  ? -5.007  -15.903 -1.209  1.00 53.40  ? 181 LEU A O   1 
ATOM   214  C  CB  . LEU A 1 28  ? -7.993  -16.701 -2.247  1.00 52.62  ? 181 LEU A CB  1 
ATOM   215  C  CG  . LEU A 1 28  ? -9.206  -17.226 -1.479  1.00 52.76  ? 181 LEU A CG  1 
ATOM   216  C  CD1 . LEU A 1 28  ? -10.174 -16.112 -1.169  1.00 65.87  ? 181 LEU A CD1 1 
ATOM   217  C  CD2 . LEU A 1 28  ? -9.882  -18.298 -2.313  1.00 61.78  ? 181 LEU A CD2 1 
ATOM   218  N  N   . GLU A 1 29  ? -5.499  -14.953 -3.184  1.00 47.74  ? 182 GLU A N   1 
ATOM   219  C  CA  . GLU A 1 29  ? -4.105  -14.901 -3.608  1.00 46.62  ? 182 GLU A CA  1 
ATOM   220  C  C   . GLU A 1 29  ? -3.290  -13.934 -2.759  1.00 55.52  ? 182 GLU A C   1 
ATOM   221  O  O   . GLU A 1 29  ? -2.171  -14.249 -2.344  1.00 54.47  ? 182 GLU A O   1 
ATOM   222  C  CB  . GLU A 1 29  ? -4.019  -14.474 -5.077  1.00 46.23  ? 182 GLU A CB  1 
ATOM   223  C  CG  . GLU A 1 29  ? -4.786  -15.358 -6.054  1.00 50.41  ? 182 GLU A CG  1 
ATOM   224  C  CD  . GLU A 1 29  ? -4.731  -14.823 -7.483  1.00 62.93  ? 182 GLU A CD  1 
ATOM   225  O  OE1 . GLU A 1 29  ? -4.945  -13.609 -7.670  1.00 59.49  ? 182 GLU A OE1 1 
ATOM   226  O  OE2 . GLU A 1 29  ? -4.487  -15.609 -8.422  1.00 57.70  ? 182 GLU A OE2 1 
ATOM   227  N  N   . ALA A 1 30  ? -3.851  -12.754 -2.498  1.00 52.85  ? 183 ALA A N   1 
ATOM   228  C  CA  . ALA A 1 30  ? -3.156  -11.736 -1.722  1.00 47.62  ? 183 ALA A CA  1 
ATOM   229  C  C   . ALA A 1 30  ? -3.034  -12.088 -0.243  1.00 46.11  ? 183 ALA A C   1 
ATOM   230  O  O   . ALA A 1 30  ? -1.985  -11.854 0.371   1.00 46.54  ? 183 ALA A O   1 
ATOM   231  C  CB  . ALA A 1 30  ? -3.861  -10.382 -1.885  1.00 49.66  ? 183 ALA A CB  1 
ATOM   232  N  N   . ILE A 1 31  ? -4.111  -12.609 0.340   1.00 43.65  ? 184 ILE A N   1 
ATOM   233  C  CA  . ILE A 1 31  ? -4.090  -12.995 1.746   1.00 52.89  ? 184 ILE A CA  1 
ATOM   234  C  C   . ILE A 1 31  ? -2.954  -14.001 1.931   1.00 56.68  ? 184 ILE A C   1 
ATOM   235  O  O   . ILE A 1 31  ? -2.817  -14.946 1.146   1.00 55.27  ? 184 ILE A O   1 
ATOM   236  C  CB  . ILE A 1 31  ? -5.429  -13.660 2.185   1.00 58.62  ? 184 ILE A CB  1 
ATOM   237  C  CG1 . ILE A 1 31  ? -6.404  -12.603 2.720   1.00 59.34  ? 184 ILE A CG1 1 
ATOM   238  C  CG2 . ILE A 1 31  ? -5.172  -14.672 3.296   1.00 63.40  ? 184 ILE A CG2 1 
ATOM   239  C  CD1 . ILE A 1 31  ? -6.728  -11.512 1.753   1.00 62.66  ? 184 ILE A CD1 1 
ATOM   240  N  N   . GLY A 1 32  ? -2.146  -13.797 2.964   1.00 57.55  ? 185 GLY A N   1 
ATOM   241  C  CA  . GLY A 1 32  ? -1.037  -14.698 3.210   1.00 60.48  ? 185 GLY A CA  1 
ATOM   242  C  C   . GLY A 1 32  ? 0.247   -14.266 2.525   1.00 61.37  ? 185 GLY A C   1 
ATOM   243  O  O   . GLY A 1 32  ? 1.255   -14.965 2.601   1.00 64.60  ? 185 GLY A O   1 
ATOM   244  N  N   . GLN A 1 33  ? 0.220   -13.125 1.843   1.00 57.22  ? 186 GLN A N   1 
ATOM   245  C  CA  . GLN A 1 33  ? 1.418   -12.625 1.168   1.00 51.48  ? 186 GLN A CA  1 
ATOM   246  C  C   . GLN A 1 33  ? 1.899   -11.354 1.855   1.00 51.76  ? 186 GLN A C   1 
ATOM   247  O  O   . GLN A 1 33  ? 1.149   -10.729 2.611   1.00 54.42  ? 186 GLN A O   1 
ATOM   248  C  CB  . GLN A 1 33  ? 1.126   -12.342 -0.302  1.00 52.50  ? 186 GLN A CB  1 
ATOM   249  C  CG  . GLN A 1 33  ? 0.665   -13.554 -1.068  1.00 61.95  ? 186 GLN A CG  1 
ATOM   250  C  CD  . GLN A 1 33  ? 1.700   -14.655 -1.053  1.00 78.66  ? 186 GLN A CD  1 
ATOM   251  O  OE1 . GLN A 1 33  ? 2.793   -14.501 -1.606  1.00 85.02  ? 186 GLN A OE1 1 
ATOM   252  N  NE2 . GLN A 1 33  ? 1.373   -15.772 -0.407  1.00 76.89  ? 186 GLN A NE2 1 
ATOM   253  N  N   . ASN A 1 34  ? 3.152   -10.983 1.610   1.00 48.33  ? 187 ASN A N   1 
ATOM   254  C  CA  . ASN A 1 34  ? 3.713   -9.777  2.210   1.00 51.73  ? 187 ASN A CA  1 
ATOM   255  C  C   . ASN A 1 34  ? 3.171   -8.596  1.413   1.00 51.39  ? 187 ASN A C   1 
ATOM   256  O  O   . ASN A 1 34  ? 2.980   -8.697  0.202   1.00 42.45  ? 187 ASN A O   1 
ATOM   257  C  CB  . ASN A 1 34  ? 5.244   -9.788  2.130   1.00 51.65  ? 187 ASN A CB  1 
ATOM   258  C  CG  . ASN A 1 34  ? 5.878   -8.719  3.004   1.00 60.95  ? 187 ASN A CG  1 
ATOM   259  O  OD1 . ASN A 1 34  ? 6.464   -9.025  4.041   1.00 61.14  ? 187 ASN A OD1 1 
ATOM   260  N  ND2 . ASN A 1 34  ? 5.748   -7.455  2.596   1.00 50.30  ? 187 ASN A ND2 1 
ATOM   261  N  N   . VAL A 1 35  ? 2.910   -7.482  2.083   1.00 48.27  ? 188 VAL A N   1 
ATOM   262  C  CA  . VAL A 1 35  ? 2.379   -6.327  1.376   1.00 50.65  ? 188 VAL A CA  1 
ATOM   263  C  C   . VAL A 1 35  ? 3.375   -5.852  0.311   1.00 52.07  ? 188 VAL A C   1 
ATOM   264  O  O   . VAL A 1 35  ? 2.980   -5.269  -0.701  1.00 47.15  ? 188 VAL A O   1 
ATOM   265  C  CB  . VAL A 1 35  ? 2.042   -5.177  2.367   1.00 51.47  ? 188 VAL A CB  1 
ATOM   266  C  CG1 . VAL A 1 35  ? 3.313   -4.594  2.958   1.00 52.04  ? 188 VAL A CG1 1 
ATOM   267  C  CG2 . VAL A 1 35  ? 1.206   -4.106  1.664   1.00 55.50  ? 188 VAL A CG2 1 
ATOM   268  N  N   . ASN A 1 36  ? 4.660   -6.139  0.519   1.00 50.87  ? 189 ASN A N   1 
ATOM   269  C  CA  . ASN A 1 36  ? 5.700   -5.726  -0.429  1.00 43.55  ? 189 ASN A CA  1 
ATOM   270  C  C   . ASN A 1 36  ? 5.452   -6.214  -1.849  1.00 46.86  ? 189 ASN A C   1 
ATOM   271  O  O   . ASN A 1 36  ? 6.140   -5.784  -2.771  1.00 54.69  ? 189 ASN A O   1 
ATOM   272  C  CB  . ASN A 1 36  ? 7.080   -6.201  0.029   1.00 51.28  ? 189 ASN A CB  1 
ATOM   273  C  CG  . ASN A 1 36  ? 7.348   -7.654  -0.328  1.00 60.17  ? 189 ASN A CG  1 
ATOM   274  O  OD1 . ASN A 1 36  ? 6.511   -8.517  -0.108  1.00 57.52  ? 189 ASN A OD1 1 
ATOM   275  N  ND2 . ASN A 1 36  ? 8.523   -7.923  -0.878  1.00 73.51  ? 189 ASN A ND2 1 
ATOM   276  N  N   . ILE A 1 37  ? 4.476   -7.099  -2.044  1.00 46.56  ? 190 ILE A N   1 
ATOM   277  C  CA  . ILE A 1 37  ? 4.191   -7.583  -3.400  1.00 49.23  ? 190 ILE A CA  1 
ATOM   278  C  C   . ILE A 1 37  ? 3.450   -6.554  -4.245  1.00 54.08  ? 190 ILE A C   1 
ATOM   279  O  O   . ILE A 1 37  ? 3.269   -6.752  -5.451  1.00 54.78  ? 190 ILE A O   1 
ATOM   280  C  CB  . ILE A 1 37  ? 3.318   -8.850  -3.409  1.00 48.65  ? 190 ILE A CB  1 
ATOM   281  C  CG1 . ILE A 1 37  ? 1.981   -8.562  -2.729  1.00 48.63  ? 190 ILE A CG1 1 
ATOM   282  C  CG2 . ILE A 1 37  ? 4.043   -9.996  -2.717  1.00 54.85  ? 190 ILE A CG2 1 
ATOM   283  C  CD1 . ILE A 1 37  ? 0.896   -9.538  -3.087  1.00 62.66  ? 190 ILE A CD1 1 
ATOM   284  N  N   . LEU A 1 38  ? 2.997   -5.471  -3.615  1.00 53.42  ? 191 LEU A N   1 
ATOM   285  C  CA  . LEU A 1 38  ? 2.250   -4.437  -4.328  1.00 53.34  ? 191 LEU A CA  1 
ATOM   286  C  C   . LEU A 1 38  ? 3.103   -3.217  -4.661  1.00 57.97  ? 191 LEU A C   1 
ATOM   287  O  O   . LEU A 1 38  ? 2.580   -2.191  -5.098  1.00 59.55  ? 191 LEU A O   1 
ATOM   288  C  CB  . LEU A 1 38  ? 1.054   -3.989  -3.487  1.00 52.13  ? 191 LEU A CB  1 
ATOM   289  C  CG  . LEU A 1 38  ? 0.082   -5.072  -3.027  1.00 43.36  ? 191 LEU A CG  1 
ATOM   290  C  CD1 . LEU A 1 38  ? -0.916  -4.478  -2.040  1.00 48.71  ? 191 LEU A CD1 1 
ATOM   291  C  CD2 . LEU A 1 38  ? -0.614  -5.683  -4.240  1.00 45.79  ? 191 LEU A CD2 1 
ATOM   292  N  N   . MET A 1 39  ? 4.412   -3.325  -4.458  1.00 55.32  ? 192 MET A N   1 
ATOM   293  C  CA  . MET A 1 39  ? 5.307   -2.208  -4.720  1.00 55.57  ? 192 MET A CA  1 
ATOM   294  C  C   . MET A 1 39  ? 6.567   -2.649  -5.455  1.00 60.66  ? 192 MET A C   1 
ATOM   295  O  O   . MET A 1 39  ? 6.904   -3.832  -5.481  1.00 60.08  ? 192 MET A O   1 
ATOM   296  C  CB  . MET A 1 39  ? 5.692   -1.543  -3.400  1.00 56.21  ? 192 MET A CB  1 
ATOM   297  C  CG  . MET A 1 39  ? 6.332   -2.498  -2.429  1.00 45.92  ? 192 MET A CG  1 
ATOM   298  S  SD  . MET A 1 39  ? 6.608   -1.809  -0.800  1.00 54.42  ? 192 MET A SD  1 
ATOM   299  C  CE  . MET A 1 39  ? 5.027   -2.134  -0.021  1.00 45.49  ? 192 MET A CE  1 
ATOM   300  N  N   . PRO A 1 40  ? 7.272   -1.694  -6.078  1.00 60.00  ? 193 PRO A N   1 
ATOM   301  C  CA  . PRO A 1 40  ? 8.502   -1.989  -6.815  1.00 53.37  ? 193 PRO A CA  1 
ATOM   302  C  C   . PRO A 1 40  ? 9.758   -1.732  -5.981  1.00 60.34  ? 193 PRO A C   1 
ATOM   303  O  O   . PRO A 1 40  ? 9.689   -1.191  -4.864  1.00 55.47  ? 193 PRO A O   1 
ATOM   304  C  CB  . PRO A 1 40  ? 8.404   -1.047  -8.004  1.00 60.48  ? 193 PRO A CB  1 
ATOM   305  C  CG  . PRO A 1 40  ? 7.844   0.189   -7.367  1.00 58.82  ? 193 PRO A CG  1 
ATOM   306  C  CD  . PRO A 1 40  ? 6.748   -0.364  -6.456  1.00 61.47  ? 193 PRO A CD  1 
ATOM   307  N  N   . GLU A 1 41  ? 10.907  -2.132  -6.520  1.00 57.44  ? 194 GLU A N   1 
ATOM   308  C  CA  . GLU A 1 41  ? 12.171  -1.917  -5.828  1.00 59.02  ? 194 GLU A CA  1 
ATOM   309  C  C   . GLU A 1 41  ? 12.486  -0.452  -6.072  1.00 55.22  ? 194 GLU A C   1 
ATOM   310  O  O   . GLU A 1 41  ? 12.068  0.107   -7.082  1.00 50.99  ? 194 GLU A O   1 
ATOM   311  C  CB  . GLU A 1 41  ? 13.274  -2.794  -6.432  1.00 62.71  ? 194 GLU A CB  1 
ATOM   312  C  CG  . GLU A 1 41  ? 13.067  -4.290  -6.255  1.00 60.59  ? 194 GLU A CG  1 
ATOM   313  C  CD  . GLU A 1 41  ? 13.300  -4.745  -4.837  1.00 64.77  ? 194 GLU A CD  1 
ATOM   314  O  OE1 . GLU A 1 41  ? 13.791  -3.937  -4.022  1.00 71.37  ? 194 GLU A OE1 1 
ATOM   315  O  OE2 . GLU A 1 41  ? 13.001  -5.919  -4.534  1.00 74.02  ? 194 GLU A OE2 1 
ATOM   316  N  N   . PRO A 1 42  ? 13.234  0.189   -5.164  1.00 56.89  ? 195 PRO A N   1 
ATOM   317  C  CA  . PRO A 1 42  ? 13.821  -0.332  -3.925  1.00 60.33  ? 195 PRO A CA  1 
ATOM   318  C  C   . PRO A 1 42  ? 12.884  -0.573  -2.732  1.00 61.60  ? 195 PRO A C   1 
ATOM   319  O  O   . PRO A 1 42  ? 13.178  -1.419  -1.885  1.00 62.44  ? 195 PRO A O   1 
ATOM   320  C  CB  . PRO A 1 42  ? 14.890  0.707   -3.601  1.00 58.41  ? 195 PRO A CB  1 
ATOM   321  C  CG  . PRO A 1 42  ? 14.234  1.973   -4.041  1.00 63.45  ? 195 PRO A CG  1 
ATOM   322  C  CD  . PRO A 1 42  ? 13.653  1.585   -5.389  1.00 57.79  ? 195 PRO A CD  1 
ATOM   323  N  N   . ASP A 1 43  ? 11.769  0.159   -2.654  1.00 58.20  ? 196 ASP A N   1 
ATOM   324  C  CA  . ASP A 1 43  ? 10.834  0.007   -1.534  1.00 54.57  ? 196 ASP A CA  1 
ATOM   325  C  C   . ASP A 1 43  ? 10.508  -1.443  -1.188  1.00 54.96  ? 196 ASP A C   1 
ATOM   326  O  O   . ASP A 1 43  ? 10.506  -1.832  -0.023  1.00 51.70  ? 196 ASP A O   1 
ATOM   327  C  CB  . ASP A 1 43  ? 9.526   0.744   -1.814  1.00 57.36  ? 196 ASP A CB  1 
ATOM   328  C  CG  . ASP A 1 43  ? 9.700   2.239   -1.856  1.00 57.42  ? 196 ASP A CG  1 
ATOM   329  O  OD1 . ASP A 1 43  ? 10.431  2.778   -0.999  1.00 49.59  ? 196 ASP A OD1 1 
ATOM   330  O  OD2 . ASP A 1 43  ? 9.097   2.876   -2.745  1.00 71.10  ? 196 ASP A OD2 1 
ATOM   331  N  N   . ARG A 1 44  ? 10.218  -2.233  -2.210  1.00 53.23  ? 197 ARG A N   1 
ATOM   332  C  CA  . ARG A 1 44  ? 9.890   -3.634  -2.034  1.00 60.18  ? 197 ARG A CA  1 
ATOM   333  C  C   . ARG A 1 44  ? 10.857  -4.388  -1.109  1.00 62.75  ? 197 ARG A C   1 
ATOM   334  O  O   . ARG A 1 44  ? 10.423  -5.093  -0.200  1.00 61.24  ? 197 ARG A O   1 
ATOM   335  C  CB  . ARG A 1 44  ? 9.846   -4.304  -3.405  1.00 60.06  ? 197 ARG A CB  1 
ATOM   336  C  CG  . ARG A 1 44  ? 9.414   -5.760  -3.404  1.00 67.11  ? 197 ARG A CG  1 
ATOM   337  C  CD  . ARG A 1 44  ? 9.024   -6.139  -4.820  1.00 69.48  ? 197 ARG A CD  1 
ATOM   338  N  NE  . ARG A 1 44  ? 8.454   -7.473  -4.920  1.00 75.72  ? 197 ARG A NE  1 
ATOM   339  C  CZ  . ARG A 1 44  ? 7.745   -7.896  -5.963  1.00 78.78  ? 197 ARG A CZ  1 
ATOM   340  N  NH1 . ARG A 1 44  ? 7.519   -7.080  -6.986  1.00 80.89  ? 197 ARG A NH1 1 
ATOM   341  N  NH2 . ARG A 1 44  ? 7.266   -9.133  -5.985  1.00 75.32  ? 197 ARG A NH2 1 
ATOM   342  N  N   . SER A 1 45  ? 12.159  -4.234  -1.340  1.00 60.51  ? 198 SER A N   1 
ATOM   343  C  CA  . SER A 1 45  ? 13.170  -4.923  -0.536  1.00 65.24  ? 198 SER A CA  1 
ATOM   344  C  C   . SER A 1 45  ? 13.425  -4.283  0.816   1.00 65.07  ? 198 SER A C   1 
ATOM   345  O  O   . SER A 1 45  ? 14.053  -4.890  1.677   1.00 67.39  ? 198 SER A O   1 
ATOM   346  C  CB  . SER A 1 45  ? 14.497  -5.005  -1.299  1.00 64.56  ? 198 SER A CB  1 
ATOM   347  O  OG  . SER A 1 45  ? 14.385  -5.863  -2.420  1.00 70.31  ? 198 SER A OG  1 
ATOM   348  N  N   . ARG A 1 46  ? 12.937  -3.065  1.006   1.00 64.52  ? 199 ARG A N   1 
ATOM   349  C  CA  . ARG A 1 46  ? 13.146  -2.359  2.262   1.00 65.09  ? 199 ARG A CA  1 
ATOM   350  C  C   . ARG A 1 46  ? 11.891  -2.193  3.102   1.00 57.25  ? 199 ARG A C   1 
ATOM   351  O  O   . ARG A 1 46  ? 11.979  -1.843  4.279   1.00 63.02  ? 199 ARG A O   1 
ATOM   352  C  CB  . ARG A 1 46  ? 13.724  -0.971  1.986   1.00 71.47  ? 199 ARG A CB  1 
ATOM   353  C  CG  . ARG A 1 46  ? 15.028  -0.972  1.218   1.00 76.31  ? 199 ARG A CG  1 
ATOM   354  C  CD  . ARG A 1 46  ? 15.346  0.427   0.722   1.00 81.91  ? 199 ARG A CD  1 
ATOM   355  N  NE  . ARG A 1 46  ? 16.669  0.504   0.113   1.00 84.46  ? 199 ARG A NE  1 
ATOM   356  C  CZ  . ARG A 1 46  ? 17.169  1.601   -0.445  1.00 87.79  ? 199 ARG A CZ  1 
ATOM   357  N  NH1 . ARG A 1 46  ? 16.455  2.717   -0.475  1.00 90.71  ? 199 ARG A NH1 1 
ATOM   358  N  NH2 . ARG A 1 46  ? 18.389  1.584   -0.963  1.00 93.18  ? 199 ARG A NH2 1 
ATOM   359  N  N   . HIS A 1 47  ? 10.725  -2.443  2.517   1.00 56.64  ? 200 HIS A N   1 
ATOM   360  C  CA  . HIS A 1 47  ? 9.480   -2.245  3.255   1.00 54.67  ? 200 HIS A CA  1 
ATOM   361  C  C   . HIS A 1 47  ? 9.448   -2.942  4.611   1.00 57.61  ? 200 HIS A C   1 
ATOM   362  O  O   . HIS A 1 47  ? 8.962   -2.368  5.592   1.00 53.39  ? 200 HIS A O   1 
ATOM   363  C  CB  . HIS A 1 47  ? 8.264   -2.647  2.408   1.00 51.74  ? 200 HIS A CB  1 
ATOM   364  C  CG  . HIS A 1 47  ? 6.995   -1.981  2.844   1.00 57.68  ? 200 HIS A CG  1 
ATOM   365  N  ND1 . HIS A 1 47  ? 6.160   -2.472  3.824   1.00 54.29  ? 200 HIS A ND1 1 
ATOM   366  C  CD2 . HIS A 1 47  ? 6.465   -0.784  2.481   1.00 48.10  ? 200 HIS A CD2 1 
ATOM   367  C  CE1 . HIS A 1 47  ? 5.175   -1.578  4.023   1.00 54.56  ? 200 HIS A CE1 1 
ATOM   368  N  NE2 . HIS A 1 47  ? 5.313   -0.532  3.230   1.00 55.23  ? 200 HIS A NE2 1 
ATOM   369  N  N   . ASP A 1 48  ? 9.977   -4.160  4.692   1.00 61.99  ? 201 ASP A N   1 
ATOM   370  C  CA  . ASP A 1 48  ? 9.983   -4.848  5.977   1.00 61.95  ? 201 ASP A CA  1 
ATOM   371  C  C   . ASP A 1 48  ? 10.774  -4.052  7.018   1.00 62.65  ? 201 ASP A C   1 
ATOM   372  O  O   . ASP A 1 48  ? 10.349  -3.935  8.171   1.00 57.80  ? 201 ASP A O   1 
ATOM   373  C  CB  . ASP A 1 48  ? 10.549  -6.263  5.836   1.00 68.40  ? 201 ASP A CB  1 
ATOM   374  C  CG  . ASP A 1 48  ? 9.575   -7.211  5.147   1.00 81.33  ? 201 ASP A CG  1 
ATOM   375  O  OD1 . ASP A 1 48  ? 8.374   -7.204  5.505   1.00 78.90  ? 201 ASP A OD1 1 
ATOM   376  O  OD2 . ASP A 1 48  ? 10.006  -7.968  4.252   1.00 86.36  ? 201 ASP A OD2 1 
ATOM   377  N  N   . SER A 1 49  ? 11.910  -3.485  6.618   1.00 61.44  ? 202 SER A N   1 
ATOM   378  C  CA  . SER A 1 49  ? 12.703  -2.707  7.561   1.00 66.21  ? 202 SER A CA  1 
ATOM   379  C  C   . SER A 1 49  ? 11.938  -1.438  7.919   1.00 65.28  ? 202 SER A C   1 
ATOM   380  O  O   . SER A 1 49  ? 12.022  -0.946  9.045   1.00 63.28  ? 202 SER A O   1 
ATOM   381  C  CB  . SER A 1 49  ? 14.080  -2.365  6.967   1.00 72.42  ? 202 SER A CB  1 
ATOM   382  O  OG  . SER A 1 49  ? 13.976  -1.622  5.766   1.00 80.00  ? 202 SER A OG  1 
ATOM   383  N  N   . TYR A 1 50  ? 11.183  -0.919  6.954   1.00 65.69  ? 203 TYR A N   1 
ATOM   384  C  CA  . TYR A 1 50  ? 10.374  0.274   7.163   1.00 60.34  ? 203 TYR A CA  1 
ATOM   385  C  C   . TYR A 1 50  ? 9.406   0.019   8.315   1.00 60.60  ? 203 TYR A C   1 
ATOM   386  O  O   . TYR A 1 50  ? 9.248   0.862   9.197   1.00 64.10  ? 203 TYR A O   1 
ATOM   387  C  CB  . TYR A 1 50  ? 9.564   0.598   5.906   1.00 61.97  ? 203 TYR A CB  1 
ATOM   388  C  CG  . TYR A 1 50  ? 10.365  1.105   4.730   1.00 63.32  ? 203 TYR A CG  1 
ATOM   389  C  CD1 . TYR A 1 50  ? 9.826   1.088   3.446   1.00 62.98  ? 203 TYR A CD1 1 
ATOM   390  C  CD2 . TYR A 1 50  ? 11.645  1.634   4.899   1.00 63.07  ? 203 TYR A CD2 1 
ATOM   391  C  CE1 . TYR A 1 50  ? 10.535  1.582   2.358   1.00 72.37  ? 203 TYR A CE1 1 
ATOM   392  C  CE2 . TYR A 1 50  ? 12.366  2.131   3.814   1.00 70.24  ? 203 TYR A CE2 1 
ATOM   393  C  CZ  . TYR A 1 50  ? 11.802  2.104   2.548   1.00 71.15  ? 203 TYR A CZ  1 
ATOM   394  O  OH  . TYR A 1 50  ? 12.492  2.607   1.469   1.00 78.31  ? 203 TYR A OH  1 
ATOM   395  N  N   . ILE A 1 51  ? 8.756   -1.143  8.293   1.00 61.78  ? 204 ILE A N   1 
ATOM   396  C  CA  . ILE A 1 51  ? 7.800   -1.516  9.336   1.00 60.80  ? 204 ILE A CA  1 
ATOM   397  C  C   . ILE A 1 51  ? 8.559   -1.837  10.617  1.00 67.71  ? 204 ILE A C   1 
ATOM   398  O  O   . ILE A 1 51  ? 8.191   -1.379  11.702  1.00 67.22  ? 204 ILE A O   1 
ATOM   399  C  CB  . ILE A 1 51  ? 6.965   -2.761  8.935   1.00 58.95  ? 204 ILE A CB  1 
ATOM   400  C  CG1 . ILE A 1 51  ? 6.163   -2.474  7.664   1.00 59.84  ? 204 ILE A CG1 1 
ATOM   401  C  CG2 . ILE A 1 51  ? 6.009   -3.131  10.067  1.00 52.80  ? 204 ILE A CG2 1 
ATOM   402  C  CD1 . ILE A 1 51  ? 5.403   -3.676  7.135   1.00 62.66  ? 204 ILE A CD1 1 
ATOM   403  N  N   . SER A 1 52  ? 9.616   -2.634  10.481  1.00 70.30  ? 205 SER A N   1 
ATOM   404  C  CA  . SER A 1 52  ? 10.440  -3.009  11.625  1.00 75.94  ? 205 SER A CA  1 
ATOM   405  C  C   . SER A 1 52  ? 10.890  -1.751  12.357  1.00 75.04  ? 205 SER A C   1 
ATOM   406  O  O   . SER A 1 52  ? 10.746  -1.641  13.574  1.00 78.03  ? 205 SER A O   1 
ATOM   407  C  CB  . SER A 1 52  ? 11.671  -3.794  11.166  1.00 78.30  ? 205 SER A CB  1 
ATOM   408  O  OG  . SER A 1 52  ? 11.301  -4.979  10.485  1.00 84.43  ? 205 SER A OG  1 
ATOM   409  N  N   . ARG A 1 53  ? 11.430  -0.800  11.601  1.00 75.94  ? 206 ARG A N   1 
ATOM   410  C  CA  . ARG A 1 53  ? 11.905  0.453   12.171  1.00 78.60  ? 206 ARG A CA  1 
ATOM   411  C  C   . ARG A 1 53  ? 10.841  1.148   13.014  1.00 80.67  ? 206 ARG A C   1 
ATOM   412  O  O   . ARG A 1 53  ? 11.098  1.536   14.154  1.00 83.20  ? 206 ARG A O   1 
ATOM   413  C  CB  . ARG A 1 53  ? 12.358  1.399   11.061  1.00 78.63  ? 206 ARG A CB  1 
ATOM   414  C  CG  . ARG A 1 53  ? 12.684  2.792   11.568  1.00 83.73  ? 206 ARG A CG  1 
ATOM   415  C  CD  . ARG A 1 53  ? 12.749  3.805   10.441  1.00 89.34  ? 206 ARG A CD  1 
ATOM   416  N  NE  . ARG A 1 53  ? 12.468  5.151   10.934  1.00 92.96  ? 206 ARG A NE  1 
ATOM   417  C  CZ  . ARG A 1 53  ? 11.300  5.528   11.449  1.00 92.23  ? 206 ARG A CZ  1 
ATOM   418  N  NH1 . ARG A 1 53  ? 10.298  4.662   11.537  1.00 84.30  ? 206 ARG A NH1 1 
ATOM   419  N  NH2 . ARG A 1 53  ? 11.134  6.771   11.883  1.00 93.92  ? 206 ARG A NH2 1 
ATOM   420  N  N   . TYR A 1 54  ? 9.645   1.303   12.453  1.00 79.95  ? 207 TYR A N   1 
ATOM   421  C  CA  . TYR A 1 54  ? 8.554   1.977   13.154  1.00 75.78  ? 207 TYR A CA  1 
ATOM   422  C  C   . TYR A 1 54  ? 8.123   1.317   14.461  1.00 73.65  ? 207 TYR A C   1 
ATOM   423  O  O   . TYR A 1 54  ? 7.752   2.002   15.417  1.00 72.17  ? 207 TYR A O   1 
ATOM   424  C  CB  . TYR A 1 54  ? 7.327   2.102   12.243  1.00 73.28  ? 207 TYR A CB  1 
ATOM   425  C  CG  . TYR A 1 54  ? 6.135   2.708   12.951  1.00 65.20  ? 207 TYR A CG  1 
ATOM   426  C  CD1 . TYR A 1 54  ? 6.125   4.056   13.311  1.00 70.09  ? 207 TYR A CD1 1 
ATOM   427  C  CD2 . TYR A 1 54  ? 5.050   1.917   13.328  1.00 64.57  ? 207 TYR A CD2 1 
ATOM   428  C  CE1 . TYR A 1 54  ? 5.065   4.602   14.032  1.00 68.60  ? 207 TYR A CE1 1 
ATOM   429  C  CE2 . TYR A 1 54  ? 3.983   2.451   14.054  1.00 59.65  ? 207 TYR A CE2 1 
ATOM   430  C  CZ  . TYR A 1 54  ? 3.997   3.793   14.401  1.00 69.76  ? 207 TYR A CZ  1 
ATOM   431  O  OH  . TYR A 1 54  ? 2.944   4.326   15.112  1.00 79.51  ? 207 TYR A OH  1 
ATOM   432  N  N   . ARG A 1 55  ? 8.167   -0.008  14.502  1.00 73.96  ? 208 ARG A N   1 
ATOM   433  C  CA  . ARG A 1 55  ? 7.745   -0.745  15.687  1.00 80.35  ? 208 ARG A CA  1 
ATOM   434  C  C   . ARG A 1 55  ? 8.583   -0.492  16.938  1.00 83.76  ? 208 ARG A C   1 
ATOM   435  O  O   . ARG A 1 55  ? 8.083   -0.612  18.060  1.00 82.21  ? 208 ARG A O   1 
ATOM   436  C  CB  . ARG A 1 55  ? 7.705   -2.242  15.378  1.00 80.49  ? 208 ARG A CB  1 
ATOM   437  C  CG  . ARG A 1 55  ? 6.747   -2.590  14.253  1.00 87.09  ? 208 ARG A CG  1 
ATOM   438  C  CD  . ARG A 1 55  ? 6.412   -4.065  14.255  1.00 93.77  ? 208 ARG A CD  1 
ATOM   439  N  NE  . ARG A 1 55  ? 5.762   -4.456  15.499  1.00 94.67  ? 208 ARG A NE  1 
ATOM   440  C  CZ  . ARG A 1 55  ? 5.380   -5.695  15.783  1.00 91.89  ? 208 ARG A CZ  1 
ATOM   441  N  NH1 . ARG A 1 55  ? 5.583   -6.668  14.905  1.00 88.42  ? 208 ARG A NH1 1 
ATOM   442  N  NH2 . ARG A 1 55  ? 4.798   -5.959  16.942  1.00 89.68  ? 208 ARG A NH2 1 
ATOM   443  N  N   . THR A 1 56  ? 9.850   -0.141  16.749  1.00 86.38  ? 209 THR A N   1 
ATOM   444  C  CA  . THR A 1 56  ? 10.736  0.125   17.876  1.00 88.54  ? 209 THR A CA  1 
ATOM   445  C  C   . THR A 1 56  ? 10.879  1.627   18.110  1.00 88.57  ? 209 THR A C   1 
ATOM   446  O  O   . THR A 1 56  ? 10.624  2.127   19.205  1.00 89.22  ? 209 THR A O   1 
ATOM   447  C  CB  . THR A 1 56  ? 12.129  -0.477  17.632  1.00 91.92  ? 209 THR A CB  1 
ATOM   448  O  OG1 . THR A 1 56  ? 12.733  0.158   16.500  1.00 95.12  ? 209 THR A OG1 1 
ATOM   449  C  CG2 . THR A 1 56  ? 12.019  -1.973  17.363  1.00 89.06  ? 209 THR A CG2 1 
ATOM   450  N  N   . THR A 1 57  ? 11.281  2.342   17.066  1.00 88.61  ? 210 THR A N   1 
ATOM   451  C  CA  . THR A 1 57  ? 11.462  3.784   17.144  1.00 88.70  ? 210 THR A CA  1 
ATOM   452  C  C   . THR A 1 57  ? 10.146  4.500   17.434  1.00 89.51  ? 210 THR A C   1 
ATOM   453  O  O   . THR A 1 57  ? 10.120  5.509   18.138  1.00 89.95  ? 210 THR A O   1 
ATOM   454  C  CB  . THR A 1 57  ? 12.041  4.337   15.826  1.00 90.08  ? 210 THR A CB  1 
ATOM   455  O  OG1 . THR A 1 57  ? 11.146  4.036   14.747  1.00 93.31  ? 210 THR A OG1 1 
ATOM   456  C  CG2 . THR A 1 57  ? 13.399  3.716   15.537  1.00 84.48  ? 210 THR A CG2 1 
ATOM   457  N  N   . SER A 1 58  ? 9.057   3.969   16.886  1.00 92.82  ? 211 SER A N   1 
ATOM   458  C  CA  . SER A 1 58  ? 7.731   4.552   17.071  1.00 92.82  ? 211 SER A CA  1 
ATOM   459  C  C   . SER A 1 58  ? 7.649   5.950   16.464  1.00 92.64  ? 211 SER A C   1 
ATOM   460  O  O   . SER A 1 58  ? 6.909   6.805   16.950  1.00 92.97  ? 211 SER A O   1 
ATOM   461  C  CB  . SER A 1 58  ? 7.376   4.609   18.559  1.00 90.63  ? 211 SER A CB  1 
ATOM   462  O  OG  . SER A 1 58  ? 7.379   3.310   19.126  1.00 93.45  ? 211 SER A OG  1 
ATOM   463  N  N   . ASP A 1 59  ? 8.416   6.171   15.400  1.00 91.52  ? 212 ASP A N   1 
ATOM   464  C  CA  . ASP A 1 59  ? 8.434   7.457   14.710  1.00 93.65  ? 212 ASP A CA  1 
ATOM   465  C  C   . ASP A 1 59  ? 7.750   7.329   13.353  1.00 89.49  ? 212 ASP A C   1 
ATOM   466  O  O   . ASP A 1 59  ? 8.314   6.780   12.404  1.00 88.46  ? 212 ASP A O   1 
ATOM   467  C  CB  . ASP A 1 59  ? 9.874   7.947   14.520  1.00 97.99  ? 212 ASP A CB  1 
ATOM   468  C  CG  . ASP A 1 59  ? 10.579  8.205   15.835  1.00 103.18 ? 212 ASP A CG  1 
ATOM   469  O  OD1 . ASP A 1 59  ? 10.079  9.035   16.626  1.00 103.18 ? 212 ASP A OD1 1 
ATOM   470  O  OD2 . ASP A 1 59  ? 11.633  7.578   16.080  1.00 103.18 ? 212 ASP A OD2 1 
ATOM   471  N  N   . PRO A 1 60  ? 6.519   7.844   13.246  1.00 85.80  ? 213 PRO A N   1 
ATOM   472  C  CA  . PRO A 1 60  ? 5.737   7.792   12.011  1.00 84.08  ? 213 PRO A CA  1 
ATOM   473  C  C   . PRO A 1 60  ? 6.292   8.593   10.834  1.00 78.94  ? 213 PRO A C   1 
ATOM   474  O  O   . PRO A 1 60  ? 6.519   9.799   10.929  1.00 74.42  ? 213 PRO A O   1 
ATOM   475  C  CB  . PRO A 1 60  ? 4.366   8.293   12.459  1.00 86.71  ? 213 PRO A CB  1 
ATOM   476  C  CG  . PRO A 1 60  ? 4.712   9.281   13.527  1.00 82.16  ? 213 PRO A CG  1 
ATOM   477  C  CD  . PRO A 1 60  ? 5.763   8.525   14.312  1.00 85.32  ? 213 PRO A CD  1 
ATOM   478  N  N   . HIS A 1 61  ? 6.511   7.903   9.724   1.00 77.96  ? 214 HIS A N   1 
ATOM   479  C  CA  . HIS A 1 61  ? 7.001   8.548   8.519   1.00 78.29  ? 214 HIS A CA  1 
ATOM   480  C  C   . HIS A 1 61  ? 5.847   8.703   7.541   1.00 76.37  ? 214 HIS A C   1 
ATOM   481  O  O   . HIS A 1 61  ? 5.888   9.544   6.645   1.00 75.89  ? 214 HIS A O   1 
ATOM   482  C  CB  . HIS A 1 61  ? 8.122   7.726   7.884   1.00 81.20  ? 214 HIS A CB  1 
ATOM   483  C  CG  . HIS A 1 61  ? 9.458   7.942   8.522   1.00 88.23  ? 214 HIS A CG  1 
ATOM   484  N  ND1 . HIS A 1 61  ? 10.613  7.363   8.045   1.00 90.86  ? 214 HIS A ND1 1 
ATOM   485  C  CD2 . HIS A 1 61  ? 9.825   8.693   9.587   1.00 90.99  ? 214 HIS A CD2 1 
ATOM   486  C  CE1 . HIS A 1 61  ? 11.635  7.750   8.788   1.00 92.77  ? 214 HIS A CE1 1 
ATOM   487  N  NE2 . HIS A 1 61  ? 11.184  8.557   9.730   1.00 92.37  ? 214 HIS A NE2 1 
ATOM   488  N  N   . ILE A 1 62  ? 4.814   7.885   7.724   1.00 72.34  ? 215 ILE A N   1 
ATOM   489  C  CA  . ILE A 1 62  ? 3.641   7.942   6.862   1.00 71.18  ? 215 ILE A CA  1 
ATOM   490  C  C   . ILE A 1 62  ? 2.353   7.943   7.673   1.00 68.15  ? 215 ILE A C   1 
ATOM   491  O  O   . ILE A 1 62  ? 1.373   8.584   7.290   1.00 68.95  ? 215 ILE A O   1 
ATOM   492  C  CB  . ILE A 1 62  ? 3.566   6.740   5.903   1.00 69.96  ? 215 ILE A CB  1 
ATOM   493  C  CG1 . ILE A 1 62  ? 4.868   6.599   5.119   1.00 70.71  ? 215 ILE A CG1 1 
ATOM   494  C  CG2 . ILE A 1 62  ? 2.393   6.926   4.942   1.00 72.13  ? 215 ILE A CG2 1 
ATOM   495  C  CD1 . ILE A 1 62  ? 5.128   7.722   4.161   1.00 62.66  ? 215 ILE A CD1 1 
ATOM   496  N  N   . ILE A 1 63  ? 2.355   7.212   8.782   1.00 66.85  ? 216 ILE A N   1 
ATOM   497  C  CA  . ILE A 1 63  ? 1.176   7.119   9.629   1.00 67.18  ? 216 ILE A CA  1 
ATOM   498  C  C   . ILE A 1 63  ? 0.675   8.489   10.042  1.00 70.81  ? 216 ILE A C   1 
ATOM   499  O  O   . ILE A 1 63  ? 1.429   9.295   10.580  1.00 71.11  ? 216 ILE A O   1 
ATOM   500  C  CB  . ILE A 1 63  ? 1.457   6.286   10.885  1.00 64.48  ? 216 ILE A CB  1 
ATOM   501  C  CG1 . ILE A 1 63  ? 1.784   4.849   10.473  1.00 71.85  ? 216 ILE A CG1 1 
ATOM   502  C  CG2 . ILE A 1 63  ? 0.252   6.323   11.815  1.00 71.05  ? 216 ILE A CG2 1 
ATOM   503  C  CD1 . ILE A 1 63  ? 2.067   3.907   11.627  1.00 62.66  ? 216 ILE A CD1 1 
ATOM   504  N  N   . GLY A 1 64  ? -0.601  8.746   9.773   1.00 72.57  ? 217 GLY A N   1 
ATOM   505  C  CA  . GLY A 1 64  ? -1.198  10.022  10.117  1.00 73.28  ? 217 GLY A CA  1 
ATOM   506  C  C   . GLY A 1 64  ? -0.668  11.167  9.276   1.00 76.60  ? 217 GLY A C   1 
ATOM   507  O  O   . GLY A 1 64  ? -0.931  12.337  9.568   1.00 78.75  ? 217 GLY A O   1 
ATOM   508  N  N   . ILE A 1 65  ? 0.074   10.840  8.224   1.00 70.73  ? 218 ILE A N   1 
ATOM   509  C  CA  . ILE A 1 65  ? 0.637   11.867  7.362   1.00 69.36  ? 218 ILE A CA  1 
ATOM   510  C  C   . ILE A 1 65  ? 0.189   11.735  5.908   1.00 69.02  ? 218 ILE A C   1 
ATOM   511  O  O   . ILE A 1 65  ? -0.176  12.728  5.276   1.00 67.53  ? 218 ILE A O   1 
ATOM   512  C  CB  . ILE A 1 65  ? 2.175   11.847  7.436   1.00 74.19  ? 218 ILE A CB  1 
ATOM   513  C  CG1 . ILE A 1 65  ? 2.609   12.052  8.891   1.00 77.87  ? 218 ILE A CG1 1 
ATOM   514  C  CG2 . ILE A 1 65  ? 2.761   12.931  6.538   1.00 71.88  ? 218 ILE A CG2 1 
ATOM   515  C  CD1 . ILE A 1 65  ? 4.111   12.047  9.111   1.00 62.66  ? 218 ILE A CD1 1 
ATOM   516  N  N   . GLY A 1 66  ? 0.205   10.514  5.383   1.00 64.25  ? 219 GLY A N   1 
ATOM   517  C  CA  . GLY A 1 66  ? -0.197  10.306  4.004   1.00 64.09  ? 219 GLY A CA  1 
ATOM   518  C  C   . GLY A 1 66  ? 0.938   10.617  3.047   1.00 62.07  ? 219 GLY A C   1 
ATOM   519  O  O   . GLY A 1 66  ? 1.809   11.431  3.349   1.00 65.05  ? 219 GLY A O   1 
ATOM   520  N  N   . ARG A 1 67  ? 0.939   9.966   1.891   1.00 56.43  ? 220 ARG A N   1 
ATOM   521  C  CA  . ARG A 1 67  ? 1.985   10.191  0.904   1.00 52.99  ? 220 ARG A CA  1 
ATOM   522  C  C   . ARG A 1 67  ? 1.572   9.620   -0.453  1.00 49.11  ? 220 ARG A C   1 
ATOM   523  O  O   . ARG A 1 67  ? 0.762   8.696   -0.531  1.00 51.71  ? 220 ARG A O   1 
ATOM   524  C  CB  . ARG A 1 67  ? 3.295   9.537   1.362   1.00 58.61  ? 220 ARG A CB  1 
ATOM   525  C  CG  . ARG A 1 67  ? 4.447   9.734   0.376   1.00 67.71  ? 220 ARG A CG  1 
ATOM   526  C  CD  . ARG A 1 67  ? 5.756   9.103   0.838   1.00 68.83  ? 220 ARG A CD  1 
ATOM   527  N  NE  . ARG A 1 67  ? 6.196   9.614   2.134   1.00 70.11  ? 220 ARG A NE  1 
ATOM   528  C  CZ  . ARG A 1 67  ? 7.383   9.359   2.679   1.00 69.22  ? 220 ARG A CZ  1 
ATOM   529  N  NH1 . ARG A 1 67  ? 8.264   8.600   2.042   1.00 66.96  ? 220 ARG A NH1 1 
ATOM   530  N  NH2 . ARG A 1 67  ? 7.685   9.853   3.873   1.00 68.69  ? 220 ARG A NH2 1 
ATOM   531  N  N   . ILE A 1 68  ? 2.110   10.194  -1.523  1.00 47.37  ? 221 ILE A N   1 
ATOM   532  C  CA  . ILE A 1 68  ? 1.819   9.705   -2.860  1.00 48.22  ? 221 ILE A CA  1 
ATOM   533  C  C   . ILE A 1 68  ? 2.997   8.798   -3.189  1.00 48.63  ? 221 ILE A C   1 
ATOM   534  O  O   . ILE A 1 68  ? 4.152   9.197   -3.053  1.00 47.61  ? 221 ILE A O   1 
ATOM   535  C  CB  . ILE A 1 68  ? 1.733   10.845  -3.909  1.00 45.75  ? 221 ILE A CB  1 
ATOM   536  C  CG1 . ILE A 1 68  ? 0.478   11.700  -3.685  1.00 48.50  ? 221 ILE A CG1 1 
ATOM   537  C  CG2 . ILE A 1 68  ? 1.626   10.258  -5.300  1.00 48.94  ? 221 ILE A CG2 1 
ATOM   538  C  CD1 . ILE A 1 68  ? 0.538   12.594  -2.486  1.00 62.66  ? 221 ILE A CD1 1 
ATOM   539  N  N   . VAL A 1 69  ? 2.702   7.568   -3.591  1.00 51.20  ? 222 VAL A N   1 
ATOM   540  C  CA  . VAL A 1 69  ? 3.747   6.609   -3.923  1.00 51.08  ? 222 VAL A CA  1 
ATOM   541  C  C   . VAL A 1 69  ? 3.368   5.864   -5.188  1.00 48.87  ? 222 VAL A C   1 
ATOM   542  O  O   . VAL A 1 69  ? 2.277   6.038   -5.735  1.00 48.56  ? 222 VAL A O   1 
ATOM   543  C  CB  . VAL A 1 69  ? 3.950   5.545   -2.800  1.00 49.22  ? 222 VAL A CB  1 
ATOM   544  C  CG1 . VAL A 1 69  ? 4.349   6.205   -1.497  1.00 44.49  ? 222 VAL A CG1 1 
ATOM   545  C  CG2 . VAL A 1 69  ? 2.673   4.753   -2.605  1.00 47.73  ? 222 VAL A CG2 1 
ATOM   546  N  N   . THR A 1 70  ? 4.278   5.009   -5.632  1.00 49.43  ? 223 THR A N   1 
ATOM   547  C  CA  . THR A 1 70  ? 4.058   4.208   -6.818  1.00 53.49  ? 223 THR A CA  1 
ATOM   548  C  C   . THR A 1 70  ? 3.617   2.810   -6.399  1.00 52.17  ? 223 THR A C   1 
ATOM   549  O  O   . THR A 1 70  ? 4.255   2.168   -5.562  1.00 54.81  ? 223 THR A O   1 
ATOM   550  C  CB  . THR A 1 70  ? 5.346   4.099   -7.648  1.00 59.56  ? 223 THR A CB  1 
ATOM   551  O  OG1 . THR A 1 70  ? 5.719   5.399   -8.120  1.00 60.90  ? 223 THR A OG1 1 
ATOM   552  C  CG2 . THR A 1 70  ? 5.138   3.174   -8.830  1.00 56.83  ? 223 THR A CG2 1 
ATOM   553  N  N   . GLY A 1 71  ? 2.509   2.359   -6.970  1.00 50.86  ? 224 GLY A N   1 
ATOM   554  C  CA  . GLY A 1 71  ? 2.001   1.039   -6.679  1.00 53.75  ? 224 GLY A CA  1 
ATOM   555  C  C   . GLY A 1 71  ? 2.367   0.170   -7.864  1.00 59.13  ? 224 GLY A C   1 
ATOM   556  O  O   . GLY A 1 71  ? 2.663   0.691   -8.940  1.00 51.04  ? 224 GLY A O   1 
ATOM   557  N  N   . LYS A 1 72  ? 2.347   -1.146  -7.676  1.00 55.46  ? 225 LYS A N   1 
ATOM   558  C  CA  . LYS A 1 72  ? 2.685   -2.073  -8.744  1.00 59.48  ? 225 LYS A CA  1 
ATOM   559  C  C   . LYS A 1 72  ? 1.569   -3.097  -8.897  1.00 55.14  ? 225 LYS A C   1 
ATOM   560  O  O   . LYS A 1 72  ? 1.201   -3.772  -7.932  1.00 52.70  ? 225 LYS A O   1 
ATOM   561  C  CB  . LYS A 1 72  ? 4.015   -2.772  -8.427  1.00 60.81  ? 225 LYS A CB  1 
ATOM   562  C  CG  . LYS A 1 72  ? 4.579   -3.621  -9.563  1.00 66.55  ? 225 LYS A CG  1 
ATOM   563  C  CD  . LYS A 1 72  ? 5.976   -4.135  -9.225  1.00 75.94  ? 225 LYS A CD  1 
ATOM   564  C  CE  . LYS A 1 72  ? 6.617   -4.851  -10.414 1.00 79.54  ? 225 LYS A CE  1 
ATOM   565  N  NZ  . LYS A 1 72  ? 8.072   -5.138  -10.196 1.00 71.74  ? 225 LYS A NZ  1 
ATOM   566  N  N   . ARG A 1 73  ? 1.023   -3.198  -10.104 1.00 50.68  ? 226 ARG A N   1 
ATOM   567  C  CA  . ARG A 1 73  ? -0.054  -4.144  -10.368 1.00 51.60  ? 226 ARG A CA  1 
ATOM   568  C  C   . ARG A 1 73  ? 0.553   -5.517  -10.669 1.00 55.82  ? 226 ARG A C   1 
ATOM   569  O  O   . ARG A 1 73  ? 1.756   -5.638  -10.892 1.00 47.55  ? 226 ARG A O   1 
ATOM   570  C  CB  . ARG A 1 73  ? -0.891  -3.687  -11.564 1.00 56.10  ? 226 ARG A CB  1 
ATOM   571  C  CG  . ARG A 1 73  ? -1.414  -2.257  -11.471 1.00 67.09  ? 226 ARG A CG  1 
ATOM   572  C  CD  . ARG A 1 73  ? -2.322  -1.930  -12.655 1.00 73.31  ? 226 ARG A CD  1 
ATOM   573  N  NE  . ARG A 1 73  ? -2.483  -0.490  -12.846 1.00 79.52  ? 226 ARG A NE  1 
ATOM   574  C  CZ  . ARG A 1 73  ? -3.131  0.315   -12.008 1.00 86.47  ? 226 ARG A CZ  1 
ATOM   575  N  NH1 . ARG A 1 73  ? -3.691  -0.174  -10.911 1.00 90.33  ? 226 ARG A NH1 1 
ATOM   576  N  NH2 . ARG A 1 73  ? -3.204  1.617   -12.259 1.00 87.57  ? 226 ARG A NH2 1 
ATOM   577  N  N   . ARG A 1 74  ? -0.285  -6.544  -10.678 1.00 57.31  ? 227 ARG A N   1 
ATOM   578  C  CA  . ARG A 1 74  ? 0.171   -7.903  -10.942 1.00 66.71  ? 227 ARG A CA  1 
ATOM   579  C  C   . ARG A 1 74  ? 0.857   -8.014  -12.299 1.00 68.70  ? 227 ARG A C   1 
ATOM   580  O  O   . ARG A 1 74  ? 1.859   -8.714  -12.433 1.00 68.04  ? 227 ARG A O   1 
ATOM   581  C  CB  . ARG A 1 74  ? -1.012  -8.868  -10.889 1.00 69.56  ? 227 ARG A CB  1 
ATOM   582  C  CG  . ARG A 1 74  ? -0.628  -10.338 -10.928 1.00 77.66  ? 227 ARG A CG  1 
ATOM   583  C  CD  . ARG A 1 74  ? -1.876  -11.196 -10.862 1.00 79.94  ? 227 ARG A CD  1 
ATOM   584  N  NE  . ARG A 1 74  ? -1.584  -12.596 -10.587 1.00 84.87  ? 227 ARG A NE  1 
ATOM   585  C  CZ  . ARG A 1 74  ? -2.519  -13.510 -10.344 1.00 92.49  ? 227 ARG A CZ  1 
ATOM   586  N  NH1 . ARG A 1 74  ? -3.802  -13.163 -10.346 1.00 90.32  ? 227 ARG A NH1 1 
ATOM   587  N  NH2 . ARG A 1 74  ? -2.175  -14.766 -10.090 1.00 92.45  ? 227 ARG A NH2 1 
ATOM   588  N  N   . ASP A 1 75  ? 0.319   -7.322  -13.303 1.00 68.20  ? 228 ASP A N   1 
ATOM   589  C  CA  . ASP A 1 75  ? 0.903   -7.363  -14.641 1.00 67.75  ? 228 ASP A CA  1 
ATOM   590  C  C   . ASP A 1 75  ? 2.174   -6.532  -14.745 1.00 65.80  ? 228 ASP A C   1 
ATOM   591  O  O   . ASP A 1 75  ? 2.651   -6.258  -15.843 1.00 67.99  ? 228 ASP A O   1 
ATOM   592  C  CB  . ASP A 1 75  ? -0.096  -6.881  -15.695 1.00 65.73  ? 228 ASP A CB  1 
ATOM   593  C  CG  . ASP A 1 75  ? -0.496  -5.433  -15.503 1.00 69.88  ? 228 ASP A CG  1 
ATOM   594  O  OD1 . ASP A 1 75  ? 0.363   -4.619  -15.094 1.00 70.56  ? 228 ASP A OD1 1 
ATOM   595  O  OD2 . ASP A 1 75  ? -1.670  -5.106  -15.775 1.00 71.27  ? 228 ASP A OD2 1 
ATOM   596  N  N   . GLY A 1 76  ? 2.708   -6.111  -13.605 1.00 65.66  ? 229 GLY A N   1 
ATOM   597  C  CA  . GLY A 1 76  ? 3.939   -5.340  -13.607 1.00 63.26  ? 229 GLY A CA  1 
ATOM   598  C  C   . GLY A 1 76  ? 3.862   -3.852  -13.903 1.00 60.71  ? 229 GLY A C   1 
ATOM   599  O  O   . GLY A 1 76  ? 4.874   -3.160  -13.806 1.00 59.53  ? 229 GLY A O   1 
ATOM   600  N  N   . THR A 1 77  ? 2.692   -3.345  -14.275 1.00 59.98  ? 230 THR A N   1 
ATOM   601  C  CA  . THR A 1 77  ? 2.562   -1.911  -14.551 1.00 63.09  ? 230 THR A CA  1 
ATOM   602  C  C   . THR A 1 77  ? 2.466   -1.114  -13.247 1.00 65.58  ? 230 THR A C   1 
ATOM   603  O  O   . THR A 1 77  ? 1.737   -1.498  -12.332 1.00 71.57  ? 230 THR A O   1 
ATOM   604  C  CB  . THR A 1 77  ? 1.317   -1.622  -15.393 1.00 60.78  ? 230 THR A CB  1 
ATOM   605  O  OG1 . THR A 1 77  ? 0.161   -2.133  -14.723 1.00 61.27  ? 230 THR A OG1 1 
ATOM   606  C  CG2 . THR A 1 77  ? 1.440   -2.278  -16.760 1.00 62.91  ? 230 THR A CG2 1 
ATOM   607  N  N   . THR A 1 78  ? 3.207   -0.013  -13.160 1.00 62.15  ? 231 THR A N   1 
ATOM   608  C  CA  . THR A 1 78  ? 3.197   0.819   -11.962 1.00 66.47  ? 231 THR A CA  1 
ATOM   609  C  C   . THR A 1 78  ? 2.316   2.054   -12.134 1.00 65.90  ? 231 THR A C   1 
ATOM   610  O  O   . THR A 1 78  ? 2.175   2.575   -13.238 1.00 65.59  ? 231 THR A O   1 
ATOM   611  C  CB  . THR A 1 78  ? 4.611   1.267   -11.588 1.00 66.45  ? 231 THR A CB  1 
ATOM   612  O  OG1 . THR A 1 78  ? 5.200   1.959   -12.693 1.00 68.88  ? 231 THR A OG1 1 
ATOM   613  C  CG2 . THR A 1 78  ? 5.466   0.065   -11.235 1.00 63.57  ? 231 THR A CG2 1 
ATOM   614  N  N   . PHE A 1 79  ? 1.733   2.517   -11.031 1.00 62.60  ? 232 PHE A N   1 
ATOM   615  C  CA  . PHE A 1 79  ? 0.841   3.672   -11.049 1.00 57.81  ? 232 PHE A CA  1 
ATOM   616  C  C   . PHE A 1 79  ? 0.950   4.478   -9.760  1.00 56.59  ? 232 PHE A C   1 
ATOM   617  O  O   . PHE A 1 79  ? 1.316   3.947   -8.714  1.00 52.38  ? 232 PHE A O   1 
ATOM   618  C  CB  . PHE A 1 79  ? -0.602  3.201   -11.220 1.00 56.13  ? 232 PHE A CB  1 
ATOM   619  C  CG  . PHE A 1 79  ? -1.131  2.427   -10.039 1.00 62.74  ? 232 PHE A CG  1 
ATOM   620  C  CD1 . PHE A 1 79  ? -1.978  3.032   -9.114  1.00 51.07  ? 232 PHE A CD1 1 
ATOM   621  C  CD2 . PHE A 1 79  ? -0.797  1.085   -9.862  1.00 57.28  ? 232 PHE A CD2 1 
ATOM   622  C  CE1 . PHE A 1 79  ? -2.491  2.316   -8.039  1.00 55.92  ? 232 PHE A CE1 1 
ATOM   623  C  CE2 . PHE A 1 79  ? -1.304  0.357   -8.791  1.00 51.23  ? 232 PHE A CE2 1 
ATOM   624  C  CZ  . PHE A 1 79  ? -2.154  0.970   -7.875  1.00 60.73  ? 232 PHE A CZ  1 
ATOM   625  N  N   . PRO A 1 80  ? 0.622   5.778   -9.819  1.00 52.41  ? 233 PRO A N   1 
ATOM   626  C  CA  . PRO A 1 80  ? 0.699   6.614   -8.623  1.00 48.26  ? 233 PRO A CA  1 
ATOM   627  C  C   . PRO A 1 80  ? -0.567  6.435   -7.788  1.00 47.45  ? 233 PRO A C   1 
ATOM   628  O  O   . PRO A 1 80  ? -1.650  6.184   -8.319  1.00 43.44  ? 233 PRO A O   1 
ATOM   629  C  CB  . PRO A 1 80  ? 0.822   8.019   -9.205  1.00 54.01  ? 233 PRO A CB  1 
ATOM   630  C  CG  . PRO A 1 80  ? -0.086  7.943   -10.378 1.00 48.55  ? 233 PRO A CG  1 
ATOM   631  C  CD  . PRO A 1 80  ? 0.249   6.584   -10.996 1.00 58.66  ? 233 PRO A CD  1 
ATOM   632  N  N   . MET A 1 81  ? -0.432  6.554   -6.476  1.00 41.00  ? 234 MET A N   1 
ATOM   633  C  CA  . MET A 1 81  ? -1.587  6.397   -5.605  1.00 40.01  ? 234 MET A CA  1 
ATOM   634  C  C   . MET A 1 81  ? -1.323  7.150   -4.328  1.00 40.04  ? 234 MET A C   1 
ATOM   635  O  O   . MET A 1 81  ? -0.176  7.284   -3.922  1.00 43.36  ? 234 MET A O   1 
ATOM   636  C  CB  . MET A 1 81  ? -1.814  4.913   -5.290  1.00 48.60  ? 234 MET A CB  1 
ATOM   637  C  CG  . MET A 1 81  ? -0.531  4.151   -4.974  1.00 53.45  ? 234 MET A CG  1 
ATOM   638  S  SD  . MET A 1 81  ? -0.786  2.381   -4.610  1.00 49.77  ? 234 MET A SD  1 
ATOM   639  C  CE  . MET A 1 81  ? -0.513  2.419   -2.833  1.00 41.47  ? 234 MET A CE  1 
ATOM   640  N  N   . HIS A 1 82  ? -2.377  7.669   -3.712  1.00 42.02  ? 235 HIS A N   1 
ATOM   641  C  CA  . HIS A 1 82  ? -2.198  8.356   -2.458  1.00 48.38  ? 235 HIS A CA  1 
ATOM   642  C  C   . HIS A 1 82  ? -2.455  7.278   -1.422  1.00 43.03  ? 235 HIS A C   1 
ATOM   643  O  O   . HIS A 1 82  ? -3.375  6.481   -1.559  1.00 42.88  ? 235 HIS A O   1 
ATOM   644  C  CB  . HIS A 1 82  ? -3.188  9.505   -2.283  1.00 45.99  ? 235 HIS A CB  1 
ATOM   645  C  CG  . HIS A 1 82  ? -3.056  10.191  -0.960  1.00 50.03  ? 235 HIS A CG  1 
ATOM   646  N  ND1 . HIS A 1 82  ? -3.840  9.867   0.127   1.00 48.49  ? 235 HIS A ND1 1 
ATOM   647  C  CD2 . HIS A 1 82  ? -2.158  11.102  -0.517  1.00 51.35  ? 235 HIS A CD2 1 
ATOM   648  C  CE1 . HIS A 1 82  ? -3.426  10.545  1.183   1.00 52.92  ? 235 HIS A CE1 1 
ATOM   649  N  NE2 . HIS A 1 82  ? -2.406  11.300  0.820   1.00 49.61  ? 235 HIS A NE2 1 
ATOM   650  N  N   . LEU A 1 83  ? -1.655  7.274   -0.375  1.00 41.66  ? 236 LEU A N   1 
ATOM   651  C  CA  . LEU A 1 83  ? -1.788  6.256   0.641   1.00 46.63  ? 236 LEU A CA  1 
ATOM   652  C  C   . LEU A 1 83  ? -1.865  6.883   2.021   1.00 43.85  ? 236 LEU A C   1 
ATOM   653  O  O   . LEU A 1 83  ? -1.095  7.791   2.337   1.00 46.74  ? 236 LEU A O   1 
ATOM   654  C  CB  . LEU A 1 83  ? -0.574  5.331   0.534   1.00 48.91  ? 236 LEU A CB  1 
ATOM   655  C  CG  . LEU A 1 83  ? -0.392  4.030   1.312   1.00 60.25  ? 236 LEU A CG  1 
ATOM   656  C  CD1 . LEU A 1 83  ? -1.548  3.060   1.080   1.00 45.13  ? 236 LEU A CD1 1 
ATOM   657  C  CD2 . LEU A 1 83  ? 0.921   3.416   0.844   1.00 55.08  ? 236 LEU A CD2 1 
ATOM   658  N  N   . SER A 1 84  ? -2.815  6.418   2.822   1.00 41.30  ? 237 SER A N   1 
ATOM   659  C  CA  . SER A 1 84  ? -2.972  6.897   4.194   1.00 51.18  ? 237 SER A CA  1 
ATOM   660  C  C   . SER A 1 84  ? -2.910  5.619   5.010   1.00 47.72  ? 237 SER A C   1 
ATOM   661  O  O   . SER A 1 84  ? -3.587  4.649   4.676   1.00 46.16  ? 237 SER A O   1 
ATOM   662  C  CB  . SER A 1 84  ? -4.340  7.563   4.401   1.00 52.34  ? 237 SER A CB  1 
ATOM   663  O  OG  . SER A 1 84  ? -4.614  8.507   3.380   1.00 68.10  ? 237 SER A OG  1 
ATOM   664  N  N   . ILE A 1 85  ? -2.093  5.604   6.059   1.00 50.08  ? 238 ILE A N   1 
ATOM   665  C  CA  . ILE A 1 85  ? -1.964  4.411   6.897   1.00 49.74  ? 238 ILE A CA  1 
ATOM   666  C  C   . ILE A 1 85  ? -2.469  4.675   8.303   1.00 53.16  ? 238 ILE A C   1 
ATOM   667  O  O   . ILE A 1 85  ? -2.112  5.678   8.927   1.00 53.07  ? 238 ILE A O   1 
ATOM   668  C  CB  . ILE A 1 85  ? -0.492  3.921   7.016   1.00 55.55  ? 238 ILE A CB  1 
ATOM   669  C  CG1 . ILE A 1 85  ? 0.043   3.486   5.654   1.00 50.67  ? 238 ILE A CG1 1 
ATOM   670  C  CG2 . ILE A 1 85  ? -0.413  2.730   7.982   1.00 49.14  ? 238 ILE A CG2 1 
ATOM   671  C  CD1 . ILE A 1 85  ? 0.136   4.602   4.666   1.00 62.66  ? 238 ILE A CD1 1 
ATOM   672  N  N   . GLY A 1 86  ? -3.299  3.761   8.795   1.00 50.98  ? 239 GLY A N   1 
ATOM   673  C  CA  . GLY A 1 86  ? -3.849  3.886   10.131  1.00 52.84  ? 239 GLY A CA  1 
ATOM   674  C  C   . GLY A 1 86  ? -3.334  2.758   11.004  1.00 51.98  ? 239 GLY A C   1 
ATOM   675  O  O   . GLY A 1 86  ? -3.063  1.661   10.517  1.00 47.84  ? 239 GLY A O   1 
ATOM   676  N  N   . GLU A 1 87  ? -3.182  3.025   12.295  1.00 58.62  ? 240 GLU A N   1 
ATOM   677  C  CA  . GLU A 1 87  ? -2.705  2.002   13.210  1.00 56.38  ? 240 GLU A CA  1 
ATOM   678  C  C   . GLU A 1 87  ? -3.848  1.523   14.114  1.00 57.27  ? 240 GLU A C   1 
ATOM   679  O  O   . GLU A 1 87  ? -4.623  2.327   14.631  1.00 52.26  ? 240 GLU A O   1 
ATOM   680  C  CB  . GLU A 1 87  ? -1.551  2.560   14.045  1.00 57.92  ? 240 GLU A CB  1 
ATOM   681  C  CG  . GLU A 1 87  ? -1.055  1.615   15.122  1.00 66.89  ? 240 GLU A CG  1 
ATOM   682  C  CD  . GLU A 1 87  ? 0.312   2.003   15.659  1.00 69.75  ? 240 GLU A CD  1 
ATOM   683  O  OE1 . GLU A 1 87  ? 0.533   3.203   15.939  1.00 74.79  ? 240 GLU A OE1 1 
ATOM   684  O  OE2 . GLU A 1 87  ? 1.164   1.102   15.807  1.00 75.68  ? 240 GLU A OE2 1 
ATOM   685  N  N   . MET A 1 88  ? -3.967  0.210   14.278  1.00 53.25  ? 241 MET A N   1 
ATOM   686  C  CA  . MET A 1 88  ? -5.016  -0.352  15.122  1.00 57.97  ? 241 MET A CA  1 
ATOM   687  C  C   . MET A 1 88  ? -4.495  -1.599  15.828  1.00 62.36  ? 241 MET A C   1 
ATOM   688  O  O   . MET A 1 88  ? -3.404  -2.085  15.532  1.00 57.82  ? 241 MET A O   1 
ATOM   689  C  CB  . MET A 1 88  ? -6.231  -0.724  14.280  1.00 56.13  ? 241 MET A CB  1 
ATOM   690  C  CG  . MET A 1 88  ? -6.636  0.343   13.297  1.00 63.40  ? 241 MET A CG  1 
ATOM   691  S  SD  . MET A 1 88  ? -7.824  -0.294  12.143  1.00 67.33  ? 241 MET A SD  1 
ATOM   692  C  CE  . MET A 1 88  ? -6.981  -1.753  11.599  1.00 61.25  ? 241 MET A CE  1 
ATOM   693  N  N   . GLN A 1 89  ? -5.277  -2.111  16.769  1.00 62.28  ? 242 GLN A N   1 
ATOM   694  C  CA  . GLN A 1 89  ? -4.875  -3.304  17.490  1.00 68.63  ? 242 GLN A CA  1 
ATOM   695  C  C   . GLN A 1 89  ? -6.060  -4.215  17.733  1.00 65.40  ? 242 GLN A C   1 
ATOM   696  O  O   . GLN A 1 89  ? -7.172  -3.754  17.975  1.00 61.24  ? 242 GLN A O   1 
ATOM   697  C  CB  . GLN A 1 89  ? -4.229  -2.934  18.826  1.00 74.54  ? 242 GLN A CB  1 
ATOM   698  C  CG  . GLN A 1 89  ? -5.183  -2.344  19.841  1.00 84.80  ? 242 GLN A CG  1 
ATOM   699  C  CD  . GLN A 1 89  ? -4.558  -2.249  21.217  1.00 95.49  ? 242 GLN A CD  1 
ATOM   700  O  OE1 . GLN A 1 89  ? -4.122  -3.253  21.783  1.00 99.26  ? 242 GLN A OE1 1 
ATOM   701  N  NE2 . GLN A 1 89  ? -4.508  -1.039  21.764  1.00 98.99  ? 242 GLN A NE2 1 
ATOM   702  N  N   . SER A 1 90  ? -5.804  -5.514  17.647  1.00 68.95  ? 243 SER A N   1 
ATOM   703  C  CA  . SER A 1 90  ? -6.820  -6.533  17.867  1.00 70.97  ? 243 SER A CA  1 
ATOM   704  C  C   . SER A 1 90  ? -6.082  -7.759  18.385  1.00 70.91  ? 243 SER A C   1 
ATOM   705  O  O   . SER A 1 90  ? -4.980  -8.061  17.922  1.00 65.39  ? 243 SER A O   1 
ATOM   706  C  CB  . SER A 1 90  ? -7.537  -6.866  16.558  1.00 71.94  ? 243 SER A CB  1 
ATOM   707  O  OG  . SER A 1 90  ? -8.676  -7.677  16.798  1.00 63.27  ? 243 SER A OG  1 
ATOM   708  N  N   . GLY A 1 91  ? -6.682  -8.458  19.346  1.00 76.76  ? 244 GLY A N   1 
ATOM   709  C  CA  . GLY A 1 91  ? -6.037  -9.630  19.916  1.00 70.03  ? 244 GLY A CA  1 
ATOM   710  C  C   . GLY A 1 91  ? -4.679  -9.262  20.485  1.00 66.07  ? 244 GLY A C   1 
ATOM   711  O  O   . GLY A 1 91  ? -3.736  -10.047 20.421  1.00 67.49  ? 244 GLY A O   1 
ATOM   712  N  N   . GLY A 1 92  ? -4.571  -8.053  21.025  1.00 67.41  ? 245 GLY A N   1 
ATOM   713  C  CA  . GLY A 1 92  ? -3.310  -7.610  21.595  1.00 74.36  ? 245 GLY A CA  1 
ATOM   714  C  C   . GLY A 1 92  ? -2.197  -7.416  20.578  1.00 81.72  ? 245 GLY A C   1 
ATOM   715  O  O   . GLY A 1 92  ? -1.096  -6.987  20.932  1.00 83.25  ? 245 GLY A O   1 
ATOM   716  N  N   . GLU A 1 93  ? -2.479  -7.727  19.316  1.00 82.07  ? 246 GLU A N   1 
ATOM   717  C  CA  . GLU A 1 93  ? -1.490  -7.586  18.250  1.00 81.84  ? 246 GLU A CA  1 
ATOM   718  C  C   . GLU A 1 93  ? -1.752  -6.336  17.413  1.00 78.38  ? 246 GLU A C   1 
ATOM   719  O  O   . GLU A 1 93  ? -2.896  -5.909  17.256  1.00 73.97  ? 246 GLU A O   1 
ATOM   720  C  CB  . GLU A 1 93  ? -1.520  -8.807  17.334  1.00 85.11  ? 246 GLU A CB  1 
ATOM   721  C  CG  . GLU A 1 93  ? -1.328  -10.133 18.040  1.00 93.47  ? 246 GLU A CG  1 
ATOM   722  C  CD  . GLU A 1 93  ? -1.501  -11.308 17.098  1.00 99.47  ? 246 GLU A CD  1 
ATOM   723  O  OE1 . GLU A 1 93  ? -2.581  -11.417 16.479  1.00 99.73  ? 246 GLU A OE1 1 
ATOM   724  O  OE2 . GLU A 1 93  ? -0.560  -12.121 16.977  1.00 103.18 ? 246 GLU A OE2 1 
ATOM   725  N  N   . PRO A 1 94  ? -0.687  -5.740  16.855  1.00 74.78  ? 247 PRO A N   1 
ATOM   726  C  CA  . PRO A 1 94  ? -0.831  -4.538  16.032  1.00 69.43  ? 247 PRO A CA  1 
ATOM   727  C  C   . PRO A 1 94  ? -1.268  -4.880  14.607  1.00 64.64  ? 247 PRO A C   1 
ATOM   728  O  O   . PRO A 1 94  ? -0.907  -5.923  14.057  1.00 61.93  ? 247 PRO A O   1 
ATOM   729  C  CB  . PRO A 1 94  ? 0.568   -3.941  16.071  1.00 68.50  ? 247 PRO A CB  1 
ATOM   730  C  CG  . PRO A 1 94  ? 1.418   -5.171  15.988  1.00 71.21  ? 247 PRO A CG  1 
ATOM   731  C  CD  . PRO A 1 94  ? 0.734   -6.121  16.972  1.00 73.85  ? 247 PRO A CD  1 
ATOM   732  N  N   . TYR A 1 95  ? -2.062  -3.995  14.021  1.00 60.28  ? 248 TYR A N   1 
ATOM   733  C  CA  . TYR A 1 95  ? -2.531  -4.170  12.659  1.00 53.92  ? 248 TYR A CA  1 
ATOM   734  C  C   . TYR A 1 95  ? -2.463  -2.822  11.986  1.00 50.84  ? 248 TYR A C   1 
ATOM   735  O  O   . TYR A 1 95  ? -2.701  -1.793  12.618  1.00 53.32  ? 248 TYR A O   1 
ATOM   736  C  CB  . TYR A 1 95  ? -3.968  -4.694  12.629  1.00 54.43  ? 248 TYR A CB  1 
ATOM   737  C  CG  . TYR A 1 95  ? -4.076  -6.165  12.952  1.00 55.45  ? 248 TYR A CG  1 
ATOM   738  C  CD1 . TYR A 1 95  ? -4.158  -6.608  14.272  1.00 53.03  ? 248 TYR A CD1 1 
ATOM   739  C  CD2 . TYR A 1 95  ? -4.040  -7.120  11.935  1.00 54.91  ? 248 TYR A CD2 1 
ATOM   740  C  CE1 . TYR A 1 95  ? -4.197  -7.977  14.573  1.00 55.64  ? 248 TYR A CE1 1 
ATOM   741  C  CE2 . TYR A 1 95  ? -4.080  -8.485  12.223  1.00 58.47  ? 248 TYR A CE2 1 
ATOM   742  C  CZ  . TYR A 1 95  ? -4.157  -8.903  13.543  1.00 60.95  ? 248 TYR A CZ  1 
ATOM   743  O  OH  . TYR A 1 95  ? -4.189  -10.246 13.823  1.00 65.26  ? 248 TYR A OH  1 
ATOM   744  N  N   . PHE A 1 96  ? -2.116  -2.817  10.709  1.00 51.22  ? 249 PHE A N   1 
ATOM   745  C  CA  . PHE A 1 96  ? -2.030  -1.567  9.978   1.00 51.24  ? 249 PHE A CA  1 
ATOM   746  C  C   . PHE A 1 96  ? -3.022  -1.592  8.830   1.00 48.99  ? 249 PHE A C   1 
ATOM   747  O  O   . PHE A 1 96  ? -3.154  -2.598  8.140   1.00 44.87  ? 249 PHE A O   1 
ATOM   748  C  CB  . PHE A 1 96  ? -0.602  -1.354  9.462   1.00 47.05  ? 249 PHE A CB  1 
ATOM   749  C  CG  . PHE A 1 96  ? 0.417   -1.273  10.555  1.00 53.87  ? 249 PHE A CG  1 
ATOM   750  C  CD1 . PHE A 1 96  ? 1.165   -2.390  10.914  1.00 59.25  ? 249 PHE A CD1 1 
ATOM   751  C  CD2 . PHE A 1 96  ? 0.581   -0.092  11.279  1.00 57.37  ? 249 PHE A CD2 1 
ATOM   752  C  CE1 . PHE A 1 96  ? 2.060   -2.336  11.982  1.00 58.92  ? 249 PHE A CE1 1 
ATOM   753  C  CE2 . PHE A 1 96  ? 1.473   -0.029  12.349  1.00 56.39  ? 249 PHE A CE2 1 
ATOM   754  C  CZ  . PHE A 1 96  ? 2.211   -1.157  12.700  1.00 58.11  ? 249 PHE A CZ  1 
ATOM   755  N  N   . THR A 1 97  ? -3.733  -0.484  8.643   1.00 47.62  ? 250 THR A N   1 
ATOM   756  C  CA  . THR A 1 97  ? -4.718  -0.396  7.573   1.00 48.65  ? 250 THR A CA  1 
ATOM   757  C  C   . THR A 1 97  ? -4.306  0.674   6.588   1.00 43.64  ? 250 THR A C   1 
ATOM   758  O  O   . THR A 1 97  ? -3.934  1.778   6.974   1.00 45.36  ? 250 THR A O   1 
ATOM   759  C  CB  . THR A 1 97  ? -6.121  -0.044  8.116   1.00 47.91  ? 250 THR A CB  1 
ATOM   760  O  OG1 . THR A 1 97  ? -6.558  -1.080  8.998   1.00 59.70  ? 250 THR A OG1 1 
ATOM   761  C  CG2 . THR A 1 97  ? -7.118  0.068   6.982   1.00 52.05  ? 250 THR A CG2 1 
ATOM   762  N  N   . GLY A 1 98  ? -4.371  0.340   5.312   1.00 39.57  ? 251 GLY A N   1 
ATOM   763  C  CA  . GLY A 1 98  ? -4.003  1.298   4.296   1.00 46.69  ? 251 GLY A CA  1 
ATOM   764  C  C   . GLY A 1 98  ? -5.158  1.626   3.379   1.00 42.81  ? 251 GLY A C   1 
ATOM   765  O  O   . GLY A 1 98  ? -5.818  0.731   2.853   1.00 43.35  ? 251 GLY A O   1 
ATOM   766  N  N   . PHE A 1 99  ? -5.411  2.918   3.207   1.00 45.10  ? 252 PHE A N   1 
ATOM   767  C  CA  . PHE A 1 99  ? -6.467  3.375   2.324   1.00 45.44  ? 252 PHE A CA  1 
ATOM   768  C  C   . PHE A 1 99  ? -5.783  3.908   1.090   1.00 39.88  ? 252 PHE A C   1 
ATOM   769  O  O   . PHE A 1 99  ? -4.939  4.797   1.161   1.00 44.32  ? 252 PHE A O   1 
ATOM   770  C  CB  . PHE A 1 99  ? -7.302  4.455   2.999   1.00 48.95  ? 252 PHE A CB  1 
ATOM   771  C  CG  . PHE A 1 99  ? -7.947  3.996   4.275   1.00 56.34  ? 252 PHE A CG  1 
ATOM   772  C  CD1 . PHE A 1 99  ? -7.385  4.309   5.508   1.00 60.13  ? 252 PHE A CD1 1 
ATOM   773  C  CD2 . PHE A 1 99  ? -9.099  3.219   4.241   1.00 58.13  ? 252 PHE A CD2 1 
ATOM   774  C  CE1 . PHE A 1 99  ? -7.961  3.853   6.692   1.00 62.31  ? 252 PHE A CE1 1 
ATOM   775  C  CE2 . PHE A 1 99  ? -9.682  2.758   5.414   1.00 57.34  ? 252 PHE A CE2 1 
ATOM   776  C  CZ  . PHE A 1 99  ? -9.112  3.077   6.643   1.00 66.76  ? 252 PHE A CZ  1 
ATOM   777  N  N   . VAL A 1 100 ? -6.149  3.343   -0.047  1.00 41.84  ? 253 VAL A N   1 
ATOM   778  C  CA  . VAL A 1 100 ? -5.544  3.705   -1.312  1.00 45.44  ? 253 VAL A CA  1 
ATOM   779  C  C   . VAL A 1 100 ? -6.474  4.517   -2.190  1.00 47.13  ? 253 VAL A C   1 
ATOM   780  O  O   . VAL A 1 100 ? -7.666  4.227   -2.272  1.00 47.84  ? 253 VAL A O   1 
ATOM   781  C  CB  . VAL A 1 100 ? -5.144  2.433   -2.088  1.00 49.52  ? 253 VAL A CB  1 
ATOM   782  C  CG1 . VAL A 1 100 ? -4.689  2.790   -3.482  1.00 48.70  ? 253 VAL A CG1 1 
ATOM   783  C  CG2 . VAL A 1 100 ? -4.056  1.691   -1.338  1.00 50.13  ? 253 VAL A CG2 1 
ATOM   784  N  N   . ARG A 1 101 ? -5.909  5.534   -2.837  1.00 51.79  ? 254 ARG A N   1 
ATOM   785  C  CA  . ARG A 1 101 ? -6.629  6.401   -3.770  1.00 50.40  ? 254 ARG A CA  1 
ATOM   786  C  C   . ARG A 1 101 ? -5.808  6.379   -5.055  1.00 43.57  ? 254 ARG A C   1 
ATOM   787  O  O   . ARG A 1 101 ? -4.655  6.804   -5.071  1.00 46.16  ? 254 ARG A O   1 
ATOM   788  C  CB  . ARG A 1 101 ? -6.706  7.837   -3.238  1.00 59.18  ? 254 ARG A CB  1 
ATOM   789  C  CG  . ARG A 1 101 ? -7.145  8.853   -4.291  1.00 77.98  ? 254 ARG A CG  1 
ATOM   790  C  CD  . ARG A 1 101 ? -8.655  8.892   -4.444  1.00 84.89  ? 254 ARG A CD  1 
ATOM   791  N  NE  . ARG A 1 101 ? -9.243  9.952   -3.625  1.00 95.66  ? 254 ARG A NE  1 
ATOM   792  C  CZ  . ARG A 1 101 ? -10.534 10.035  -3.317  1.00 98.61  ? 254 ARG A CZ  1 
ATOM   793  N  NH1 . ARG A 1 101 ? -10.978 11.040  -2.571  1.00 95.79  ? 254 ARG A NH1 1 
ATOM   794  N  NH2 . ARG A 1 101 ? -11.380 9.104   -3.743  1.00 101.59 ? 254 ARG A NH2 1 
ATOM   795  N  N   . ASP A 1 102 ? -6.399  5.860   -6.121  1.00 45.71  ? 255 ASP A N   1 
ATOM   796  C  CA  . ASP A 1 102 ? -5.727  5.765   -7.403  1.00 46.78  ? 255 ASP A CA  1 
ATOM   797  C  C   . ASP A 1 102 ? -5.681  7.151   -8.036  1.00 51.60  ? 255 ASP A C   1 
ATOM   798  O  O   . ASP A 1 102 ? -6.709  7.802   -8.198  1.00 52.25  ? 255 ASP A O   1 
ATOM   799  C  CB  . ASP A 1 102 ? -6.493  4.791   -8.298  1.00 47.61  ? 255 ASP A CB  1 
ATOM   800  C  CG  . ASP A 1 102 ? -5.887  4.650   -9.683  1.00 46.76  ? 255 ASP A CG  1 
ATOM   801  O  OD1 . ASP A 1 102 ? -4.698  4.977   -9.880  1.00 50.94  ? 255 ASP A OD1 1 
ATOM   802  O  OD2 . ASP A 1 102 ? -6.612  4.186   -10.583 1.00 62.02  ? 255 ASP A OD2 1 
ATOM   803  N  N   . LEU A 1 103 ? -4.483  7.595   -8.385  1.00 46.27  ? 256 LEU A N   1 
ATOM   804  C  CA  . LEU A 1 103 ? -4.300  8.905   -8.987  1.00 49.85  ? 256 LEU A CA  1 
ATOM   805  C  C   . LEU A 1 103 ? -3.854  8.820   -10.451 1.00 53.34  ? 256 LEU A C   1 
ATOM   806  O  O   . LEU A 1 103 ? -3.322  9.791   -11.005 1.00 48.73  ? 256 LEU A O   1 
ATOM   807  C  CB  . LEU A 1 103 ? -3.260  9.682   -8.192  1.00 37.77  ? 256 LEU A CB  1 
ATOM   808  C  CG  . LEU A 1 103 ? -3.562  9.985   -6.729  1.00 44.15  ? 256 LEU A CG  1 
ATOM   809  C  CD1 . LEU A 1 103 ? -2.408  10.784  -6.160  1.00 45.69  ? 256 LEU A CD1 1 
ATOM   810  C  CD2 . LEU A 1 103 ? -4.861  10.773  -6.603  1.00 45.71  ? 256 LEU A CD2 1 
ATOM   811  N  N   . THR A 1 104 ? -4.069  7.663   -11.070 1.00 47.28  ? 257 THR A N   1 
ATOM   812  C  CA  . THR A 1 104 ? -3.661  7.438   -12.455 1.00 55.68  ? 257 THR A CA  1 
ATOM   813  C  C   . THR A 1 104 ? -4.207  8.484   -13.422 1.00 54.12  ? 257 THR A C   1 
ATOM   814  O  O   . THR A 1 104 ? -3.479  9.016   -14.250 1.00 50.16  ? 257 THR A O   1 
ATOM   815  C  CB  . THR A 1 104 ? -4.108  6.041   -12.953 1.00 62.09  ? 257 THR A CB  1 
ATOM   816  O  OG1 . THR A 1 104 ? -3.559  5.027   -12.104 1.00 57.63  ? 257 THR A OG1 1 
ATOM   817  C  CG2 . THR A 1 104 ? -3.623  5.805   -14.370 1.00 64.96  ? 257 THR A CG2 1 
ATOM   818  N  N   . GLU A 1 105 ? -5.495  8.769   -13.308 1.00 54.17  ? 258 GLU A N   1 
ATOM   819  C  CA  . GLU A 1 105 ? -6.150  9.732   -14.179 1.00 58.13  ? 258 GLU A CA  1 
ATOM   820  C  C   . GLU A 1 105 ? -5.588  11.135  -13.954 1.00 55.63  ? 258 GLU A C   1 
ATOM   821  O  O   . GLU A 1 105 ? -5.290  11.858  -14.909 1.00 51.87  ? 258 GLU A O   1 
ATOM   822  C  CB  . GLU A 1 105 ? -7.650  9.694   -13.909 1.00 62.46  ? 258 GLU A CB  1 
ATOM   823  C  CG  . GLU A 1 105 ? -8.505  10.220  -15.021 1.00 84.19  ? 258 GLU A CG  1 
ATOM   824  C  CD  . GLU A 1 105 ? -9.915  9.679   -14.937 1.00 94.29  ? 258 GLU A CD  1 
ATOM   825  O  OE1 . GLU A 1 105 ? -10.542 9.825   -13.866 1.00 100.59 ? 258 GLU A OE1 1 
ATOM   826  O  OE2 . GLU A 1 105 ? -10.393 9.106   -15.942 1.00 97.66  ? 258 GLU A OE2 1 
ATOM   827  N  N   . HIS A 1 106 ? -5.439  11.511  -12.687 1.00 49.40  ? 259 HIS A N   1 
ATOM   828  C  CA  . HIS A 1 106 ? -4.897  12.818  -12.340 1.00 46.21  ? 259 HIS A CA  1 
ATOM   829  C  C   . HIS A 1 106 ? -3.546  13.017  -13.012 1.00 48.40  ? 259 HIS A C   1 
ATOM   830  O  O   . HIS A 1 106 ? -3.290  14.057  -13.625 1.00 46.77  ? 259 HIS A O   1 
ATOM   831  C  CB  . HIS A 1 106 ? -4.737  12.930  -10.824 1.00 54.93  ? 259 HIS A CB  1 
ATOM   832  C  CG  . HIS A 1 106 ? -6.027  12.801  -10.078 1.00 62.74  ? 259 HIS A CG  1 
ATOM   833  N  ND1 . HIS A 1 106 ? -6.836  13.881  -9.797  1.00 71.98  ? 259 HIS A ND1 1 
ATOM   834  C  CD2 . HIS A 1 106 ? -6.671  11.713  -9.595  1.00 66.38  ? 259 HIS A CD2 1 
ATOM   835  C  CE1 . HIS A 1 106 ? -7.923  13.463  -9.172  1.00 72.20  ? 259 HIS A CE1 1 
ATOM   836  N  NE2 . HIS A 1 106 ? -7.849  12.151  -9.039  1.00 67.59  ? 259 HIS A NE2 1 
ATOM   837  N  N   . GLN A 1 107 ? -2.680  12.017  -12.909 1.00 42.55  ? 260 GLN A N   1 
ATOM   838  C  CA  . GLN A 1 107 ? -1.357  12.113  -13.517 1.00 44.46  ? 260 GLN A CA  1 
ATOM   839  C  C   . GLN A 1 107 ? -1.416  12.163  -15.049 1.00 47.78  ? 260 GLN A C   1 
ATOM   840  O  O   . GLN A 1 107 ? -0.637  12.873  -15.685 1.00 49.51  ? 260 GLN A O   1 
ATOM   841  C  CB  . GLN A 1 107 ? -0.496  10.926  -13.087 1.00 47.59  ? 260 GLN A CB  1 
ATOM   842  C  CG  . GLN A 1 107 ? 0.931   10.986  -13.618 1.00 52.06  ? 260 GLN A CG  1 
ATOM   843  C  CD  . GLN A 1 107 ? 1.746   9.780   -13.211 1.00 61.24  ? 260 GLN A CD  1 
ATOM   844  O  OE1 . GLN A 1 107 ? 1.468   8.658   -13.642 1.00 57.38  ? 260 GLN A OE1 1 
ATOM   845  N  NE2 . GLN A 1 107 ? 2.757   9.998   -12.369 1.00 53.15  ? 260 GLN A NE2 1 
ATOM   846  N  N   . GLN A 1 108 ? -2.326  11.397  -15.643 1.00 48.75  ? 261 GLN A N   1 
ATOM   847  C  CA  . GLN A 1 108 ? -2.442  11.381  -17.095 1.00 52.07  ? 261 GLN A CA  1 
ATOM   848  C  C   . GLN A 1 108 ? -2.912  12.721  -17.644 1.00 47.28  ? 261 GLN A C   1 
ATOM   849  O  O   . GLN A 1 108 ? -2.390  13.209  -18.646 1.00 52.80  ? 261 GLN A O   1 
ATOM   850  C  CB  . GLN A 1 108 ? -3.399  10.276  -17.537 1.00 53.45  ? 261 GLN A CB  1 
ATOM   851  C  CG  . GLN A 1 108 ? -2.805  8.875   -17.436 1.00 72.12  ? 261 GLN A CG  1 
ATOM   852  C  CD  . GLN A 1 108 ? -3.744  7.797   -17.961 1.00 84.30  ? 261 GLN A CD  1 
ATOM   853  O  OE1 . GLN A 1 108 ? -3.387  6.619   -18.006 1.00 94.15  ? 261 GLN A OE1 1 
ATOM   854  N  NE2 . GLN A 1 108 ? -4.952  8.198   -18.358 1.00 80.96  ? 261 GLN A NE2 1 
ATOM   855  N  N   . THR A 1 109 ? -3.895  13.314  -16.979 1.00 49.43  ? 262 THR A N   1 
ATOM   856  C  CA  . THR A 1 109 ? -4.433  14.600  -17.400 1.00 49.87  ? 262 THR A CA  1 
ATOM   857  C  C   . THR A 1 109 ? -3.360  15.679  -17.287 1.00 48.14  ? 262 THR A C   1 
ATOM   858  O  O   . THR A 1 109 ? -3.238  16.545  -18.154 1.00 42.60  ? 262 THR A O   1 
ATOM   859  C  CB  . THR A 1 109 ? -5.637  14.996  -16.529 1.00 44.89  ? 262 THR A CB  1 
ATOM   860  O  OG1 . THR A 1 109 ? -6.652  13.994  -16.642 1.00 47.77  ? 262 THR A OG1 1 
ATOM   861  C  CG2 . THR A 1 109 ? -6.196  16.326  -16.973 1.00 47.32  ? 262 THR A CG2 1 
ATOM   862  N  N   . GLN A 1 110 ? -2.579  15.614  -16.214 1.00 45.33  ? 263 GLN A N   1 
ATOM   863  C  CA  . GLN A 1 110 ? -1.516  16.582  -15.975 1.00 44.30  ? 263 GLN A CA  1 
ATOM   864  C  C   . GLN A 1 110 ? -0.425  16.488  -17.033 1.00 45.61  ? 263 GLN A C   1 
ATOM   865  O  O   . GLN A 1 110 ? 0.034   17.506  -17.557 1.00 43.97  ? 263 GLN A O   1 
ATOM   866  C  CB  . GLN A 1 110 ? -0.911  16.358  -14.586 1.00 52.77  ? 263 GLN A CB  1 
ATOM   867  C  CG  . GLN A 1 110 ? 0.373   17.119  -14.331 1.00 56.58  ? 263 GLN A CG  1 
ATOM   868  C  CD  . GLN A 1 110 ? 0.909   16.902  -12.928 1.00 63.71  ? 263 GLN A CD  1 
ATOM   869  O  OE1 . GLN A 1 110 ? 2.106   17.043  -12.685 1.00 65.03  ? 263 GLN A OE1 1 
ATOM   870  N  NE2 . GLN A 1 110 ? 0.022   16.570  -11.994 1.00 64.31  ? 263 GLN A NE2 1 
ATOM   871  N  N   . ALA A 1 111 ? -0.006  15.263  -17.334 1.00 42.13  ? 264 ALA A N   1 
ATOM   872  C  CA  . ALA A 1 111 ? 1.030   15.040  -18.333 1.00 49.29  ? 264 ALA A CA  1 
ATOM   873  C  C   . ALA A 1 111 ? 0.518   15.483  -19.702 1.00 48.76  ? 264 ALA A C   1 
ATOM   874  O  O   . ALA A 1 111 ? 1.246   16.090  -20.484 1.00 45.78  ? 264 ALA A O   1 
ATOM   875  C  CB  . ALA A 1 111 ? 1.413   13.562  -18.372 1.00 48.00  ? 264 ALA A CB  1 
ATOM   876  N  N   . ARG A 1 112 ? -0.744  15.187  -19.982 1.00 46.76  ? 265 ARG A N   1 
ATOM   877  C  CA  . ARG A 1 112 ? -1.327  15.561  -21.265 1.00 53.39  ? 265 ARG A CA  1 
ATOM   878  C  C   . ARG A 1 112 ? -1.406  17.081  -21.421 1.00 55.73  ? 265 ARG A C   1 
ATOM   879  O  O   . ARG A 1 112 ? -1.099  17.619  -22.488 1.00 56.06  ? 265 ARG A O   1 
ATOM   880  C  CB  . ARG A 1 112 ? -2.718  14.936  -21.402 1.00 52.63  ? 265 ARG A CB  1 
ATOM   881  C  CG  . ARG A 1 112 ? -3.407  15.207  -22.725 1.00 67.54  ? 265 ARG A CG  1 
ATOM   882  C  CD  . ARG A 1 112 ? -2.610  14.696  -23.927 1.00 60.67  ? 265 ARG A CD  1 
ATOM   883  N  NE  . ARG A 1 112 ? -3.387  14.846  -25.155 1.00 68.89  ? 265 ARG A NE  1 
ATOM   884  C  CZ  . ARG A 1 112 ? -2.934  14.599  -26.380 1.00 71.77  ? 265 ARG A CZ  1 
ATOM   885  N  NH1 . ARG A 1 112 ? -1.684  14.185  -26.562 1.00 66.82  ? 265 ARG A NH1 1 
ATOM   886  N  NH2 . ARG A 1 112 ? -3.737  14.765  -27.424 1.00 67.10  ? 265 ARG A NH2 1 
ATOM   887  N  N   . LEU A 1 113 ? -1.806  17.780  -20.363 1.00 51.67  ? 266 LEU A N   1 
ATOM   888  C  CA  . LEU A 1 113 ? -1.895  19.234  -20.431 1.00 50.03  ? 266 LEU A CA  1 
ATOM   889  C  C   . LEU A 1 113 ? -0.512  19.840  -20.578 1.00 56.75  ? 266 LEU A C   1 
ATOM   890  O  O   . LEU A 1 113 ? -0.338  20.882  -21.213 1.00 61.11  ? 266 LEU A O   1 
ATOM   891  C  CB  . LEU A 1 113 ? -2.570  19.797  -19.183 1.00 42.02  ? 266 LEU A CB  1 
ATOM   892  C  CG  . LEU A 1 113 ? -4.092  19.631  -19.167 1.00 49.90  ? 266 LEU A CG  1 
ATOM   893  C  CD1 . LEU A 1 113 ? -4.660  20.144  -17.868 1.00 44.50  ? 266 LEU A CD1 1 
ATOM   894  C  CD2 . LEU A 1 113 ? -4.692  20.381  -20.346 1.00 49.32  ? 266 LEU A CD2 1 
ATOM   895  N  N   . GLN A 1 114 ? 0.476   19.176  -19.996 1.00 57.48  ? 267 GLN A N   1 
ATOM   896  C  CA  . GLN A 1 114 ? 1.849   19.651  -20.058 1.00 67.23  ? 267 GLN A CA  1 
ATOM   897  C  C   . GLN A 1 114 ? 2.402   19.488  -21.468 1.00 66.16  ? 267 GLN A C   1 
ATOM   898  O  O   . GLN A 1 114 ? 3.218   20.288  -21.924 1.00 66.10  ? 267 GLN A O   1 
ATOM   899  C  CB  . GLN A 1 114 ? 2.710   18.864  -19.070 1.00 70.67  ? 267 GLN A CB  1 
ATOM   900  C  CG  . GLN A 1 114 ? 4.110   19.402  -18.907 1.00 77.20  ? 267 GLN A CG  1 
ATOM   901  C  CD  . GLN A 1 114 ? 4.838   18.744  -17.755 1.00 87.33  ? 267 GLN A CD  1 
ATOM   902  O  OE1 . GLN A 1 114 ? 5.066   17.533  -17.756 1.00 90.19  ? 267 GLN A OE1 1 
ATOM   903  N  NE2 . GLN A 1 114 ? 5.204   19.541  -16.761 1.00 91.97  ? 267 GLN A NE2 1 
ATOM   904  N  N   . GLU A 1 115 ? 1.930   18.449  -22.149 1.00 67.28  ? 268 GLU A N   1 
ATOM   905  C  CA  . GLU A 1 115 ? 2.345   18.121  -23.508 1.00 66.64  ? 268 GLU A CA  1 
ATOM   906  C  C   . GLU A 1 115 ? 1.702   19.009  -24.581 1.00 71.25  ? 268 GLU A C   1 
ATOM   907  O  O   . GLU A 1 115 ? 2.209   19.103  -25.701 1.00 69.05  ? 268 GLU A O   1 
ATOM   908  C  CB  . GLU A 1 115 ? 2.005   16.655  -23.782 1.00 68.71  ? 268 GLU A CB  1 
ATOM   909  C  CG  . GLU A 1 115 ? 2.412   16.139  -25.147 1.00 82.40  ? 268 GLU A CG  1 
ATOM   910  C  CD  . GLU A 1 115 ? 1.914   14.725  -25.401 1.00 87.15  ? 268 GLU A CD  1 
ATOM   911  O  OE1 . GLU A 1 115 ? 2.264   14.154  -26.456 1.00 96.68  ? 268 GLU A OE1 1 
ATOM   912  O  OE2 . GLU A 1 115 ? 1.170   14.187  -24.551 1.00 86.13  ? 268 GLU A OE2 1 
ATOM   913  N  N   . LEU A 1 116 ? 0.594   19.663  -24.239 1.00 70.53  ? 269 LEU A N   1 
ATOM   914  C  CA  . LEU A 1 116 ? -0.120  20.517  -25.189 1.00 68.95  ? 269 LEU A CA  1 
ATOM   915  C  C   . LEU A 1 116 ? 0.036   22.010  -24.914 1.00 68.53  ? 269 LEU A C   1 
ATOM   916  O  O   . LEU A 1 116 ? 1.001   22.439  -24.285 1.00 74.06  ? 269 LEU A O   1 
ATOM   917  C  CB  . LEU A 1 116 ? -1.607  20.151  -25.188 1.00 63.12  ? 269 LEU A CB  1 
ATOM   918  C  CG  . LEU A 1 116 ? -1.949  18.710  -25.578 1.00 61.66  ? 269 LEU A CG  1 
ATOM   919  C  CD1 . LEU A 1 116 ? -3.441  18.470  -25.403 1.00 54.94  ? 269 LEU A CD1 1 
ATOM   920  C  CD2 . LEU A 1 116 ? -1.535  18.454  -27.020 1.00 66.30  ? 269 LEU A CD2 1 
HETATM 921  C  CHA . HEM B 2 .   ? 6.414   2.658   5.683   1.00 52.02  ? 719 HEM A CHA 1 
HETATM 922  C  CHB . HEM B 2 .   ? 6.190   2.623   0.860   1.00 44.88  ? 719 HEM A CHB 1 
HETATM 923  C  CHC . HEM B 2 .   ? 2.039   0.165   1.049   1.00 45.83  ? 719 HEM A CHC 1 
HETATM 924  C  CHD . HEM B 2 .   ? 2.443   -0.112  5.850   1.00 48.23  ? 719 HEM A CHD 1 
HETATM 925  C  C1A . HEM B 2 .   ? 6.697   2.901   4.347   1.00 54.03  ? 719 HEM A C1A 1 
HETATM 926  C  C2A . HEM B 2 .   ? 7.798   3.696   3.859   1.00 54.71  ? 719 HEM A C2A 1 
HETATM 927  C  C3A . HEM B 2 .   ? 7.682   3.750   2.520   1.00 53.73  ? 719 HEM A C3A 1 
HETATM 928  C  C4A . HEM B 2 .   ? 6.597   2.877   2.155   1.00 49.08  ? 719 HEM A C4A 1 
HETATM 929  C  CMA . HEM B 2 .   ? 8.552   4.568   1.573   1.00 60.65  ? 719 HEM A CMA 1 
HETATM 930  C  CAA . HEM B 2 .   ? 8.946   4.356   4.618   1.00 61.95  ? 719 HEM A CAA 1 
HETATM 931  C  CBA . HEM B 2 .   ? 8.686   5.835   4.828   1.00 74.80  ? 719 HEM A CBA 1 
HETATM 932  C  CGA . HEM B 2 .   ? 9.917   6.586   5.295   1.00 76.37  ? 719 HEM A CGA 1 
HETATM 933  O  O1A . HEM B 2 .   ? 9.839   7.825   5.424   1.00 78.02  ? 719 HEM A O1A 1 
HETATM 934  O  O2A . HEM B 2 .   ? 10.961  5.944   5.533   1.00 81.98  ? 719 HEM A O2A 1 
HETATM 935  C  C1B . HEM B 2 .   ? 5.074   1.891   0.499   1.00 41.53  ? 719 HEM A C1B 1 
HETATM 936  C  C2B . HEM B 2 .   ? 4.716   1.576   -0.857  1.00 39.91  ? 719 HEM A C2B 1 
HETATM 937  C  C3B . HEM B 2 .   ? 3.516   0.973   -0.820  1.00 38.82  ? 719 HEM A C3B 1 
HETATM 938  C  C4B . HEM B 2 .   ? 3.179   0.794   0.577   1.00 40.68  ? 719 HEM A C4B 1 
HETATM 939  C  CMB . HEM B 2 .   ? 5.534   1.834   -2.113  1.00 44.97  ? 719 HEM A CMB 1 
HETATM 940  C  CAB . HEM B 2 .   ? 2.870   0.688   -2.018  1.00 35.87  ? 719 HEM A CAB 1 
HETATM 941  C  CBB . HEM B 2 .   ? 2.011   -0.386  -2.337  1.00 41.95  ? 719 HEM A CBB 1 
HETATM 942  C  C1C . HEM B 2 .   ? 1.748   -0.063  2.381   1.00 39.54  ? 719 HEM A C1C 1 
HETATM 943  C  C2C . HEM B 2 .   ? 0.530   -0.664  2.871   1.00 38.31  ? 719 HEM A C2C 1 
HETATM 944  C  C3C . HEM B 2 .   ? 0.652   -0.761  4.217   1.00 46.43  ? 719 HEM A C3C 1 
HETATM 945  C  C4C . HEM B 2 .   ? 1.955   -0.245  4.556   1.00 36.31  ? 719 HEM A C4C 1 
HETATM 946  C  CMC . HEM B 2 .   ? -0.617  -1.091  1.969   1.00 42.09  ? 719 HEM A CMC 1 
HETATM 947  C  CAC . HEM B 2 .   ? -0.265  -1.160  5.218   1.00 43.66  ? 719 HEM A CAC 1 
HETATM 948  C  CBC . HEM B 2 .   ? -1.612  -1.637  5.076   1.00 43.27  ? 719 HEM A CBC 1 
HETATM 949  C  C1D . HEM B 2 .   ? 3.591   0.578   6.217   1.00 52.48  ? 719 HEM A C1D 1 
HETATM 950  C  C2D . HEM B 2 .   ? 4.011   0.793   7.579   1.00 54.80  ? 719 HEM A C2D 1 
HETATM 951  C  C3D . HEM B 2 .   ? 5.085   1.615   7.543   1.00 60.33  ? 719 HEM A C3D 1 
HETATM 952  C  C4D . HEM B 2 .   ? 5.364   1.882   6.148   1.00 54.89  ? 719 HEM A C4D 1 
HETATM 953  C  CMD . HEM B 2 .   ? 3.313   0.266   8.817   1.00 57.74  ? 719 HEM A CMD 1 
HETATM 954  C  CAD . HEM B 2 .   ? 5.796   2.172   8.785   1.00 66.81  ? 719 HEM A CAD 1 
HETATM 955  C  CBD . HEM B 2 .   ? 4.980   3.272   9.464   1.00 77.25  ? 719 HEM A CBD 1 
HETATM 956  C  CGD . HEM B 2 .   ? 5.549   4.666   9.235   1.00 80.48  ? 719 HEM A CGD 1 
HETATM 957  O  O1D . HEM B 2 .   ? 4.805   5.654   9.418   1.00 80.55  ? 719 HEM A O1D 1 
HETATM 958  O  O2D . HEM B 2 .   ? 6.742   4.776   8.886   1.00 81.97  ? 719 HEM A O2D 1 
HETATM 959  N  NA  . HEM B 2 .   ? 5.961   2.410   3.286   1.00 44.73  ? 719 HEM A NA  1 
HETATM 960  N  NB  . HEM B 2 .   ? 4.172   1.317   1.375   1.00 38.96  ? 719 HEM A NB  1 
HETATM 961  N  NC  . HEM B 2 .   ? 2.570   0.274   3.433   1.00 47.79  ? 719 HEM A NC  1 
HETATM 962  N  ND  . HEM B 2 .   ? 4.440   1.240   5.344   1.00 46.49  ? 719 HEM A ND  1 
HETATM 963  FE FE  . HEM B 2 .   ? 4.292   1.329   3.363   1.00 48.62  ? 719 HEM A FE  1 
HETATM 964  C  C   . CMO C 3 .   ? 3.368   2.833   3.499   1.00 54.77  ? 720 CMO A C   1 
HETATM 965  O  O   . CMO C 3 .   ? 2.874   3.842   3.444   1.00 53.27  ? 720 CMO A O   1 
HETATM 966  O  O   . HOH D 4 .   ? -10.050 -10.179 2.384   1.00 46.60  ? 1   HOH A O   1 
HETATM 967  O  O   . HOH D 4 .   ? 3.501   12.864  -1.303  1.00 45.56  ? 2   HOH A O   1 
HETATM 968  O  O   . HOH D 4 .   ? -12.186 -0.634  -0.534  1.00 45.22  ? 3   HOH A O   1 
HETATM 969  O  O   . HOH D 4 .   ? -5.593  7.683   0.828   1.00 52.78  ? 4   HOH A O   1 
HETATM 970  O  O   . HOH D 4 .   ? -1.327  8.417   6.692   1.00 61.80  ? 5   HOH A O   1 
HETATM 971  O  O   . HOH D 4 .   ? 6.635   -5.314  3.996   1.00 50.30  ? 6   HOH A O   1 
HETATM 972  O  O   . HOH D 4 .   ? -3.845  5.710   13.277  1.00 55.15  ? 7   HOH A O   1 
HETATM 973  O  O   . HOH D 4 .   ? 0.288   -8.170  14.267  1.00 60.93  ? 8   HOH A O   1 
HETATM 974  O  O   . HOH D 4 .   ? 1.580   -6.519  -7.616  1.00 64.13  ? 9   HOH A O   1 
HETATM 975  O  O   . HOH D 4 .   ? 10.619  -3.504  -9.361  1.00 61.96  ? 10  HOH A O   1 
HETATM 976  O  O   . HOH D 4 .   ? -12.622 -8.972  -0.696  1.00 56.57  ? 11  HOH A O   1 
HETATM 977  O  O   . HOH D 4 .   ? 10.489  -5.816  2.585   1.00 66.11  ? 12  HOH A O   1 
HETATM 978  O  O   . HOH D 4 .   ? 5.043   -12.680 0.193   1.00 66.46  ? 13  HOH A O   1 
HETATM 979  O  O   . HOH D 4 .   ? -7.262  -6.590  20.867  1.00 85.71  ? 14  HOH A O   1 
HETATM 980  O  O   . HOH D 4 .   ? -15.266 -11.812 -0.195  1.00 61.92  ? 15  HOH A O   1 
HETATM 981  O  O   . HOH D 4 .   ? -15.061 -5.548  0.087   1.00 55.04  ? 16  HOH A O   1 
HETATM 982  O  O   . HOH D 4 .   ? 7.394   2.890   -4.719  1.00 56.60  ? 17  HOH A O   1 
HETATM 983  O  O   . HOH D 4 .   ? -14.229 -9.427  -2.633  1.00 81.12  ? 18  HOH A O   1 
HETATM 984  O  O   . HOH D 4 .   ? -8.708  -16.555 -6.357  1.00 55.33  ? 19  HOH A O   1 
HETATM 985  O  O   . HOH D 4 .   ? -2.772  17.085  -12.689 1.00 82.22  ? 20  HOH A O   1 
HETATM 986  O  O   . HOH D 4 .   ? 11.690  -7.302  -6.687  1.00 87.33  ? 21  HOH A O   1 
HETATM 987  O  O   . HOH D 4 .   ? 1.407   -16.720 4.968   1.00 67.94  ? 22  HOH A O   1 
HETATM 988  O  O   . HOH D 4 .   ? 18.724  -1.203  0.972   1.00 90.15  ? 23  HOH A O   1 
HETATM 989  O  O   . HOH D 4 .   ? 2.541   -13.114 10.222  1.00 79.99  ? 24  HOH A O   1 
HETATM 990  O  O   . HOH D 4 .   ? -14.283 -6.543  -8.410  1.00 89.85  ? 25  HOH A O   1 
HETATM 991  O  O   . HOH D 4 .   ? 7.392   5.220   -3.109  1.00 81.62  ? 26  HOH A O   1 
HETATM 992  O  O   . HOH D 4 .   ? -6.068  -1.307  -12.496 1.00 90.41  ? 27  HOH A O   1 
HETATM 993  O  O   . HOH D 4 .   ? -0.850  14.180  2.419   1.00 74.97  ? 28  HOH A O   1 
HETATM 994  O  O   . HOH D 4 .   ? -13.990 -2.514  -1.682  1.00 63.28  ? 29  HOH A O   1 
HETATM 995  O  O   . HOH D 4 .   ? -0.964  -10.812 13.958  1.00 92.17  ? 30  HOH A O   1 
HETATM 996  O  O   . HOH D 4 .   ? 5.166   -13.650 9.246   1.00 80.27  ? 31  HOH A O   1 
HETATM 997  O  O   . HOH D 4 .   ? -5.283  -5.503  21.812  1.00 67.43  ? 32  HOH A O   1 
HETATM 998  O  O   . HOH D 4 .   ? -8.329  -9.205  12.274  1.00 97.36  ? 33  HOH A O   1 
HETATM 999  O  O   . HOH D 4 .   ? 7.387   -12.090 4.711   1.00 75.78  ? 34  HOH A O   1 
HETATM 1000 O  O   . HOH D 4 .   ? -3.915  -9.748  -12.810 1.00 82.81  ? 35  HOH A O   1 
HETATM 1001 O  O   . HOH D 4 .   ? -2.524  7.540   11.380  1.00 103.18 ? 36  HOH A O   1 
HETATM 1002 O  O   . HOH D 4 .   ? -12.851 10.164  -0.769  1.00 77.69  ? 37  HOH A O   1 
HETATM 1003 O  O   . HOH D 4 .   ? 3.788   -8.037  -9.158  1.00 62.11  ? 38  HOH A O   1 
HETATM 1004 O  O   . HOH D 4 .   ? 7.202   -11.116 -0.571  1.00 62.86  ? 39  HOH A O   1 
HETATM 1005 O  O   . HOH D 4 .   ? -5.284  -4.004  -12.191 1.00 77.41  ? 40  HOH A O   1 
HETATM 1006 O  O   . HOH D 4 .   ? -1.398  -16.302 -0.608  1.00 68.94  ? 41  HOH A O   1 
HETATM 1007 O  O   . HOH D 4 .   ? 8.541   7.277   -1.085  1.00 75.64  ? 42  HOH A O   1 
HETATM 1008 O  O   . HOH D 4 .   ? -4.005  4.189   16.700  1.00 72.82  ? 43  HOH A O   1 
HETATM 1009 O  O   . HOH D 4 .   ? 8.930   -11.382 1.159   1.00 72.04  ? 44  HOH A O   1 
HETATM 1010 O  O   . HOH D 4 .   ? 14.667  -7.929  6.541   1.00 86.90  ? 45  HOH A O   1 
HETATM 1011 O  O   . HOH D 4 .   ? -1.200  15.489  -29.379 1.00 78.60  ? 46  HOH A O   1 
HETATM 1012 O  O   . HOH D 4 .   ? 2.917   23.808  -25.776 1.00 69.96  ? 47  HOH A O   1 
HETATM 1013 O  O   . HOH D 4 .   ? -10.505 11.509  -18.387 1.00 76.57  ? 48  HOH A O   1 
HETATM 1014 O  O   . HOH D 4 .   ? 13.767  6.359   13.700  1.00 77.46  ? 49  HOH A O   1 
HETATM 1015 O  O   . HOH D 4 .   ? -3.657  17.773  -10.307 1.00 76.67  ? 50  HOH A O   1 
HETATM 1016 O  O   . HOH D 4 .   ? 14.661  -5.568  7.482   1.00 83.67  ? 51  HOH A O   1 
HETATM 1017 O  O   . HOH D 4 .   ? -3.082  9.032   13.428  1.00 67.91  ? 52  HOH A O   1 
HETATM 1018 O  O   . HOH D 4 .   ? -12.836 -14.827 -2.053  1.00 81.09  ? 53  HOH A O   1 
HETATM 1019 O  O   . HOH D 4 .   ? -5.331  9.560   14.262  1.00 95.08  ? 54  HOH A O   1 
HETATM 1020 O  O   . HOH D 4 .   ? 17.690  -3.166  -0.463  1.00 80.39  ? 55  HOH A O   1 
HETATM 1021 O  O   . HOH D 4 .   ? 16.266  6.113   12.989  1.00 94.15  ? 56  HOH A O   1 
HETATM 1022 O  O   . HOH D 4 .   ? 2.436   23.647  -22.729 1.00 70.48  ? 57  HOH A O   1 
HETATM 1023 O  O   . HOH D 4 .   ? -7.584  17.319  -6.379  1.00 84.63  ? 58  HOH A O   1 
HETATM 1024 O  O   . HOH D 4 .   ? -4.565  10.588  11.907  1.00 76.28  ? 59  HOH A O   1 
HETATM 1025 O  O   . HOH D 4 .   ? -9.947  15.062  -7.437  1.00 79.76  ? 60  HOH A O   1 
HETATM 1026 O  O   . HOH D 4 .   ? 15.144  -2.710  10.303  1.00 89.15  ? 61  HOH A O   1 
HETATM 1027 O  O   . HOH D 4 .   ? 1.859   -14.892 -10.472 1.00 98.05  ? 62  HOH A O   1 
HETATM 1028 O  O   . HOH D 4 .   ? 13.879  10.632  8.969   1.00 94.44  ? 63  HOH A O   1 
HETATM 1029 O  O   . HOH D 4 .   ? 0.972   14.333  0.287   1.00 89.66  ? 64  HOH A O   1 
HETATM 1030 O  O   . HOH D 4 .   ? -13.969 11.200  -2.867  1.00 90.23  ? 65  HOH A O   1 
HETATM 1031 O  O   . HOH D 4 .   ? -9.431  -8.773  20.182  1.00 100.64 ? 66  HOH A O   1 
HETATM 1032 O  O   . HOH D 4 .   ? 8.858   11.019  12.177  1.00 91.04  ? 67  HOH A O   1 
HETATM 1033 O  O   . HOH D 4 .   ? -11.066 -10.341 -7.425  1.00 91.98  ? 68  HOH A O   1 
HETATM 1034 O  O   . HOH D 4 .   ? 9.308   6.497   -7.983  1.00 80.15  ? 69  HOH A O   1 
HETATM 1035 O  O   . HOH D 4 .   ? 10.912  5.679   -0.786  1.00 78.68  ? 70  HOH A O   1 
HETATM 1036 O  O   . HOH D 4 .   ? 12.290  8.968   12.954  1.00 103.18 ? 71  HOH A O   1 
HETATM 1037 O  O   . HOH D 4 .   ? -7.964  16.773  -3.299  1.00 87.03  ? 72  HOH A O   1 
HETATM 1038 O  O   . HOH D 4 .   ? 3.403   16.935  -15.780 1.00 90.37  ? 73  HOH A O   1 
HETATM 1039 O  O   . HOH D 4 .   ? -12.993 8.384   -16.320 1.00 94.66  ? 74  HOH A O   1 
HETATM 1040 O  O   . HOH D 4 .   ? -2.311  3.075   -14.998 1.00 88.96  ? 75  HOH A O   1 
HETATM 1041 O  O   . HOH D 4 .   ? -17.331 -6.577  -9.068  1.00 98.08  ? 76  HOH A O   1 
HETATM 1042 O  O   . HOH D 4 .   ? -7.093  -15.065 -11.511 1.00 94.20  ? 77  HOH A O   1 
HETATM 1043 O  O   . HOH D 4 .   ? -10.145 10.352  -10.121 1.00 89.31  ? 78  HOH A O   1 
HETATM 1044 O  O   . HOH D 4 .   ? 11.434  -6.866  -9.175  1.00 103.12 ? 79  HOH A O   1 
HETATM 1045 O  O   . HOH D 4 .   ? 9.302   3.504   9.190   1.00 71.68  ? 80  HOH A O   1 
HETATM 1046 O  O   . HOH D 4 .   ? -8.813  12.077  3.793   1.00 92.42  ? 81  HOH A O   1 
HETATM 1047 O  O   . HOH D 4 .   ? 16.902  -6.742  -3.139  1.00 72.89  ? 82  HOH A O   1 
HETATM 1048 O  O   . HOH D 4 .   ? -8.573  -6.910  -12.853 1.00 89.35  ? 83  HOH A O   1 
# 
loop_
_pdbx_poly_seq_scheme.asym_id 
_pdbx_poly_seq_scheme.entity_id 
_pdbx_poly_seq_scheme.seq_id 
_pdbx_poly_seq_scheme.mon_id 
_pdbx_poly_seq_scheme.ndb_seq_num 
_pdbx_poly_seq_scheme.pdb_seq_num 
_pdbx_poly_seq_scheme.auth_seq_num 
_pdbx_poly_seq_scheme.pdb_mon_id 
_pdbx_poly_seq_scheme.auth_mon_id 
_pdbx_poly_seq_scheme.pdb_strand_id 
_pdbx_poly_seq_scheme.pdb_ins_code 
_pdbx_poly_seq_scheme.hetero 
A 1 1   ASP 1   154 154 ASP ASP A . n 
A 1 2   ALA 2   155 155 ALA ALA A . n 
A 1 3   MET 3   156 156 MET MET A . n 
A 1 4   ILE 4   157 157 ILE ILE A . n 
A 1 5   VAL 5   158 158 VAL VAL A . n 
A 1 6   ILE 6   159 159 ILE ILE A . n 
A 1 7   ASP 7   160 160 ASP ASP A . n 
A 1 8   GLY 8   161 161 GLY GLY A . n 
A 1 9   HIS 9   162 162 HIS HIS A . n 
A 1 10  GLY 10  163 163 GLY GLY A . n 
A 1 11  ILE 11  164 164 ILE ILE A . n 
A 1 12  ILE 12  165 165 ILE ILE A . n 
A 1 13  GLN 13  166 166 GLN GLN A . n 
A 1 14  LEU 14  167 167 LEU LEU A . n 
A 1 15  PHE 15  168 168 PHE PHE A . n 
A 1 16  SER 16  169 169 SER SER A . n 
A 1 17  THR 17  170 170 THR THR A . n 
A 1 18  ALA 18  171 171 ALA ALA A . n 
A 1 19  ALA 19  172 172 ALA ALA A . n 
A 1 20  GLU 20  173 173 GLU GLU A . n 
A 1 21  ARG 21  174 174 ARG ARG A . n 
A 1 22  LEU 22  175 175 LEU LEU A . n 
A 1 23  PHE 23  176 176 PHE PHE A . n 
A 1 24  GLY 24  177 177 GLY GLY A . n 
A 1 25  TRP 25  178 178 TRP TRP A . n 
A 1 26  SER 26  179 179 SER SER A . n 
A 1 27  GLU 27  180 180 GLU GLU A . n 
A 1 28  LEU 28  181 181 LEU LEU A . n 
A 1 29  GLU 29  182 182 GLU GLU A . n 
A 1 30  ALA 30  183 183 ALA ALA A . n 
A 1 31  ILE 31  184 184 ILE ILE A . n 
A 1 32  GLY 32  185 185 GLY GLY A . n 
A 1 33  GLN 33  186 186 GLN GLN A . n 
A 1 34  ASN 34  187 187 ASN ASN A . n 
A 1 35  VAL 35  188 188 VAL VAL A . n 
A 1 36  ASN 36  189 189 ASN ASN A . n 
A 1 37  ILE 37  190 190 ILE ILE A . n 
A 1 38  LEU 38  191 191 LEU LEU A . n 
A 1 39  MET 39  192 192 MET MET A . n 
A 1 40  PRO 40  193 193 PRO PRO A . n 
A 1 41  GLU 41  194 194 GLU GLU A . n 
A 1 42  PRO 42  195 195 PRO PRO A . n 
A 1 43  ASP 43  196 196 ASP ASP A . n 
A 1 44  ARG 44  197 197 ARG ARG A . n 
A 1 45  SER 45  198 198 SER SER A . n 
A 1 46  ARG 46  199 199 ARG ARG A . n 
A 1 47  HIS 47  200 200 HIS HIS A . n 
A 1 48  ASP 48  201 201 ASP ASP A . n 
A 1 49  SER 49  202 202 SER SER A . n 
A 1 50  TYR 50  203 203 TYR TYR A . n 
A 1 51  ILE 51  204 204 ILE ILE A . n 
A 1 52  SER 52  205 205 SER SER A . n 
A 1 53  ARG 53  206 206 ARG ARG A . n 
A 1 54  TYR 54  207 207 TYR TYR A . n 
A 1 55  ARG 55  208 208 ARG ARG A . n 
A 1 56  THR 56  209 209 THR THR A . n 
A 1 57  THR 57  210 210 THR THR A . n 
A 1 58  SER 58  211 211 SER SER A . n 
A 1 59  ASP 59  212 212 ASP ASP A . n 
A 1 60  PRO 60  213 213 PRO PRO A . n 
A 1 61  HIS 61  214 214 HIS HIS A . n 
A 1 62  ILE 62  215 215 ILE ILE A . n 
A 1 63  ILE 63  216 216 ILE ILE A . n 
A 1 64  GLY 64  217 217 GLY GLY A . n 
A 1 65  ILE 65  218 218 ILE ILE A . n 
A 1 66  GLY 66  219 219 GLY GLY A . n 
A 1 67  ARG 67  220 220 ARG ARG A . n 
A 1 68  ILE 68  221 221 ILE ILE A . n 
A 1 69  VAL 69  222 222 VAL VAL A . n 
A 1 70  THR 70  223 223 THR THR A . n 
A 1 71  GLY 71  224 224 GLY GLY A . n 
A 1 72  LYS 72  225 225 LYS LYS A . n 
A 1 73  ARG 73  226 226 ARG ARG A . n 
A 1 74  ARG 74  227 227 ARG ARG A . n 
A 1 75  ASP 75  228 228 ASP ASP A . n 
A 1 76  GLY 76  229 229 GLY GLY A . n 
A 1 77  THR 77  230 230 THR THR A . n 
A 1 78  THR 78  231 231 THR THR A . n 
A 1 79  PHE 79  232 232 PHE PHE A . n 
A 1 80  PRO 80  233 233 PRO PRO A . n 
A 1 81  MET 81  234 234 MET MET A . n 
A 1 82  HIS 82  235 235 HIS HIS A . n 
A 1 83  LEU 83  236 236 LEU LEU A . n 
A 1 84  SER 84  237 237 SER SER A . n 
A 1 85  ILE 85  238 238 ILE ILE A . n 
A 1 86  GLY 86  239 239 GLY GLY A . n 
A 1 87  GLU 87  240 240 GLU GLU A . n 
A 1 88  MET 88  241 241 MET MET A . n 
A 1 89  GLN 89  242 242 GLN GLN A . n 
A 1 90  SER 90  243 243 SER SER A . n 
A 1 91  GLY 91  244 244 GLY GLY A . n 
A 1 92  GLY 92  245 245 GLY GLY A . n 
A 1 93  GLU 93  246 246 GLU GLU A . n 
A 1 94  PRO 94  247 247 PRO PRO A . n 
A 1 95  TYR 95  248 248 TYR TYR A . n 
A 1 96  PHE 96  249 249 PHE PHE A . n 
A 1 97  THR 97  250 250 THR THR A . n 
A 1 98  GLY 98  251 251 GLY GLY A . n 
A 1 99  PHE 99  252 252 PHE PHE A . n 
A 1 100 VAL 100 253 253 VAL VAL A . n 
A 1 101 ARG 101 254 254 ARG ARG A . n 
A 1 102 ASP 102 255 255 ASP ASP A . n 
A 1 103 LEU 103 256 256 LEU LEU A . n 
A 1 104 THR 104 257 257 THR THR A . n 
A 1 105 GLU 105 258 258 GLU GLU A . n 
A 1 106 HIS 106 259 259 HIS HIS A . n 
A 1 107 GLN 107 260 260 GLN GLN A . n 
A 1 108 GLN 108 261 261 GLN GLN A . n 
A 1 109 THR 109 262 262 THR THR A . n 
A 1 110 GLN 110 263 263 GLN GLN A . n 
A 1 111 ALA 111 264 264 ALA ALA A . n 
A 1 112 ARG 112 265 265 ARG ARG A . n 
A 1 113 LEU 113 266 266 LEU LEU A . n 
A 1 114 GLN 114 267 267 GLN GLN A . n 
A 1 115 GLU 115 268 268 GLU GLU A . n 
A 1 116 LEU 116 269 269 LEU LEU A . n 
# 
loop_
_pdbx_nonpoly_scheme.asym_id 
_pdbx_nonpoly_scheme.entity_id 
_pdbx_nonpoly_scheme.mon_id 
_pdbx_nonpoly_scheme.ndb_seq_num 
_pdbx_nonpoly_scheme.pdb_seq_num 
_pdbx_nonpoly_scheme.auth_seq_num 
_pdbx_nonpoly_scheme.pdb_mon_id 
_pdbx_nonpoly_scheme.auth_mon_id 
_pdbx_nonpoly_scheme.pdb_strand_id 
_pdbx_nonpoly_scheme.pdb_ins_code 
B 2 HEM 1  719 719 HEM HEM A . 
C 3 CMO 1  720 720 CMO CMO A . 
D 4 HOH 1  1   1   HOH HOH A . 
D 4 HOH 2  2   2   HOH HOH A . 
D 4 HOH 3  3   3   HOH HOH A . 
D 4 HOH 4  4   4   HOH HOH A . 
D 4 HOH 5  5   5   HOH HOH A . 
D 4 HOH 6  6   6   HOH HOH A . 
D 4 HOH 7  7   7   HOH HOH A . 
D 4 HOH 8  8   8   HOH HOH A . 
D 4 HOH 9  9   9   HOH HOH A . 
D 4 HOH 10 10  10  HOH HOH A . 
D 4 HOH 11 11  11  HOH HOH A . 
D 4 HOH 12 12  12  HOH HOH A . 
D 4 HOH 13 13  13  HOH HOH A . 
D 4 HOH 14 14  14  HOH HOH A . 
D 4 HOH 15 15  15  HOH HOH A . 
D 4 HOH 16 16  16  HOH HOH A . 
D 4 HOH 17 17  17  HOH HOH A . 
D 4 HOH 18 18  18  HOH HOH A . 
D 4 HOH 19 19  19  HOH HOH A . 
D 4 HOH 20 20  20  HOH HOH A . 
D 4 HOH 21 21  21  HOH HOH A . 
D 4 HOH 22 22  22  HOH HOH A . 
D 4 HOH 23 23  23  HOH HOH A . 
D 4 HOH 24 24  24  HOH HOH A . 
D 4 HOH 25 25  25  HOH HOH A . 
D 4 HOH 26 26  26  HOH HOH A . 
D 4 HOH 27 27  27  HOH HOH A . 
D 4 HOH 28 28  28  HOH HOH A . 
D 4 HOH 29 29  29  HOH HOH A . 
D 4 HOH 30 30  30  HOH HOH A . 
D 4 HOH 31 31  31  HOH HOH A . 
D 4 HOH 32 32  32  HOH HOH A . 
D 4 HOH 33 33  33  HOH HOH A . 
D 4 HOH 34 34  34  HOH HOH A . 
D 4 HOH 35 35  35  HOH HOH A . 
D 4 HOH 36 36  36  HOH HOH A . 
D 4 HOH 37 37  37  HOH HOH A . 
D 4 HOH 38 38  38  HOH HOH A . 
D 4 HOH 39 39  39  HOH HOH A . 
D 4 HOH 40 40  40  HOH HOH A . 
D 4 HOH 41 41  41  HOH HOH A . 
D 4 HOH 42 42  42  HOH HOH A . 
D 4 HOH 43 43  43  HOH HOH A . 
D 4 HOH 44 44  44  HOH HOH A . 
D 4 HOH 45 45  45  HOH HOH A . 
D 4 HOH 46 46  46  HOH HOH A . 
D 4 HOH 47 47  47  HOH HOH A . 
D 4 HOH 48 48  48  HOH HOH A . 
D 4 HOH 49 49  49  HOH HOH A . 
D 4 HOH 50 50  50  HOH HOH A . 
D 4 HOH 51 51  51  HOH HOH A . 
D 4 HOH 52 52  52  HOH HOH A . 
D 4 HOH 53 53  53  HOH HOH A . 
D 4 HOH 54 54  54  HOH HOH A . 
D 4 HOH 55 55  55  HOH HOH A . 
D 4 HOH 56 56  56  HOH HOH A . 
D 4 HOH 57 57  57  HOH HOH A . 
D 4 HOH 58 58  58  HOH HOH A . 
D 4 HOH 59 59  59  HOH HOH A . 
D 4 HOH 60 60  60  HOH HOH A . 
D 4 HOH 61 61  61  HOH HOH A . 
D 4 HOH 62 62  62  HOH HOH A . 
D 4 HOH 63 63  63  HOH HOH A . 
D 4 HOH 64 64  64  HOH HOH A . 
D 4 HOH 65 65  65  HOH HOH A . 
D 4 HOH 66 66  66  HOH HOH A . 
D 4 HOH 67 67  67  HOH HOH A . 
D 4 HOH 68 68  68  HOH HOH A . 
D 4 HOH 69 69  69  HOH HOH A . 
D 4 HOH 70 70  70  HOH HOH A . 
D 4 HOH 71 71  71  HOH HOH A . 
D 4 HOH 72 72  72  HOH HOH A . 
D 4 HOH 73 73  73  HOH HOH A . 
D 4 HOH 74 74  74  HOH HOH A . 
D 4 HOH 75 75  75  HOH HOH A . 
D 4 HOH 76 76  76  HOH HOH A . 
D 4 HOH 77 77  77  HOH HOH A . 
D 4 HOH 78 78  78  HOH HOH A . 
D 4 HOH 79 79  79  HOH HOH A . 
D 4 HOH 80 80  80  HOH HOH A . 
D 4 HOH 81 81  81  HOH HOH A . 
D 4 HOH 82 82  82  HOH HOH A . 
D 4 HOH 83 83  83  HOH HOH A . 
# 
_pdbx_struct_assembly.id                   1 
_pdbx_struct_assembly.details              author_defined_assembly 
_pdbx_struct_assembly.method_details       ? 
_pdbx_struct_assembly.oligomeric_details   monomeric 
_pdbx_struct_assembly.oligomeric_count     1 
# 
_pdbx_struct_assembly_gen.assembly_id       1 
_pdbx_struct_assembly_gen.oper_expression   1 
_pdbx_struct_assembly_gen.asym_id_list      A,B,C,D 
# 
_pdbx_struct_oper_list.id                   1 
_pdbx_struct_oper_list.type                 'identity operation' 
_pdbx_struct_oper_list.name                 1_555 
_pdbx_struct_oper_list.symmetry_operation   x,y,z 
_pdbx_struct_oper_list.matrix[1][1]         1.0000000000 
_pdbx_struct_oper_list.matrix[1][2]         0.0000000000 
_pdbx_struct_oper_list.matrix[1][3]         0.0000000000 
_pdbx_struct_oper_list.vector[1]            0.0000000000 
_pdbx_struct_oper_list.matrix[2][1]         0.0000000000 
_pdbx_struct_oper_list.matrix[2][2]         1.0000000000 
_pdbx_struct_oper_list.matrix[2][3]         0.0000000000 
_pdbx_struct_oper_list.vector[2]            0.0000000000 
_pdbx_struct_oper_list.matrix[3][1]         0.0000000000 
_pdbx_struct_oper_list.matrix[3][2]         0.0000000000 
_pdbx_struct_oper_list.matrix[3][3]         1.0000000000 
_pdbx_struct_oper_list.vector[3]            0.0000000000 
# 
loop_
_pdbx_struct_conn_angle.id 
_pdbx_struct_conn_angle.ptnr1_label_atom_id 
_pdbx_struct_conn_angle.ptnr1_label_alt_id 
_pdbx_struct_conn_angle.ptnr1_label_asym_id 
_pdbx_struct_conn_angle.ptnr1_label_comp_id 
_pdbx_struct_conn_angle.ptnr1_label_seq_id 
_pdbx_struct_conn_angle.ptnr1_auth_atom_id 
_pdbx_struct_conn_angle.ptnr1_auth_asym_id 
_pdbx_struct_conn_angle.ptnr1_auth_comp_id 
_pdbx_struct_conn_angle.ptnr1_auth_seq_id 
_pdbx_struct_conn_angle.ptnr1_PDB_ins_code 
_pdbx_struct_conn_angle.ptnr1_symmetry 
_pdbx_struct_conn_angle.ptnr2_label_atom_id 
_pdbx_struct_conn_angle.ptnr2_label_alt_id 
_pdbx_struct_conn_angle.ptnr2_label_asym_id 
_pdbx_struct_conn_angle.ptnr2_label_comp_id 
_pdbx_struct_conn_angle.ptnr2_label_seq_id 
_pdbx_struct_conn_angle.ptnr2_auth_atom_id 
_pdbx_struct_conn_angle.ptnr2_auth_asym_id 
_pdbx_struct_conn_angle.ptnr2_auth_comp_id 
_pdbx_struct_conn_angle.ptnr2_auth_seq_id 
_pdbx_struct_conn_angle.ptnr2_PDB_ins_code 
_pdbx_struct_conn_angle.ptnr2_symmetry 
_pdbx_struct_conn_angle.ptnr3_label_atom_id 
_pdbx_struct_conn_angle.ptnr3_label_alt_id 
_pdbx_struct_conn_angle.ptnr3_label_asym_id 
_pdbx_struct_conn_angle.ptnr3_label_comp_id 
_pdbx_struct_conn_angle.ptnr3_label_seq_id 
_pdbx_struct_conn_angle.ptnr3_auth_atom_id 
_pdbx_struct_conn_angle.ptnr3_auth_asym_id 
_pdbx_struct_conn_angle.ptnr3_auth_comp_id 
_pdbx_struct_conn_angle.ptnr3_auth_seq_id 
_pdbx_struct_conn_angle.ptnr3_PDB_ins_code 
_pdbx_struct_conn_angle.ptnr3_symmetry 
_pdbx_struct_conn_angle.value 
_pdbx_struct_conn_angle.value_esd 
1  NE2 ? A HIS 47 ? A HIS 200 ? 1_555 FE ? B HEM . ? A HEM 719 ? 1_555 NA ? B HEM . ? A HEM 719 ? 1_555 94.0  ? 
2  NE2 ? A HIS 47 ? A HIS 200 ? 1_555 FE ? B HEM . ? A HEM 719 ? 1_555 NB ? B HEM . ? A HEM 719 ? 1_555 87.8  ? 
3  NA  ? B HEM .  ? A HEM 719 ? 1_555 FE ? B HEM . ? A HEM 719 ? 1_555 NB ? B HEM . ? A HEM 719 ? 1_555 90.9  ? 
4  NE2 ? A HIS 47 ? A HIS 200 ? 1_555 FE ? B HEM . ? A HEM 719 ? 1_555 NC ? B HEM . ? A HEM 719 ? 1_555 87.4  ? 
5  NA  ? B HEM .  ? A HEM 719 ? 1_555 FE ? B HEM . ? A HEM 719 ? 1_555 NC ? B HEM . ? A HEM 719 ? 1_555 178.5 ? 
6  NB  ? B HEM .  ? A HEM 719 ? 1_555 FE ? B HEM . ? A HEM 719 ? 1_555 NC ? B HEM . ? A HEM 719 ? 1_555 88.9  ? 
7  NE2 ? A HIS 47 ? A HIS 200 ? 1_555 FE ? B HEM . ? A HEM 719 ? 1_555 ND ? B HEM . ? A HEM 719 ? 1_555 89.2  ? 
8  NA  ? B HEM .  ? A HEM 719 ? 1_555 FE ? B HEM . ? A HEM 719 ? 1_555 ND ? B HEM . ? A HEM 719 ? 1_555 90.0  ? 
9  NB  ? B HEM .  ? A HEM 719 ? 1_555 FE ? B HEM . ? A HEM 719 ? 1_555 ND ? B HEM . ? A HEM 719 ? 1_555 177.0 ? 
10 NC  ? B HEM .  ? A HEM 719 ? 1_555 FE ? B HEM . ? A HEM 719 ? 1_555 ND ? B HEM . ? A HEM 719 ? 1_555 90.3  ? 
11 NE2 ? A HIS 47 ? A HIS 200 ? 1_555 FE ? B HEM . ? A HEM 719 ? 1_555 C  ? C CMO . ? A CMO 720 ? 1_555 177.1 ? 
12 NA  ? B HEM .  ? A HEM 719 ? 1_555 FE ? B HEM . ? A HEM 719 ? 1_555 C  ? C CMO . ? A CMO 720 ? 1_555 88.8  ? 
13 NB  ? B HEM .  ? A HEM 719 ? 1_555 FE ? B HEM . ? A HEM 719 ? 1_555 C  ? C CMO . ? A CMO 720 ? 1_555 92.9  ? 
14 NC  ? B HEM .  ? A HEM 719 ? 1_555 FE ? B HEM . ? A HEM 719 ? 1_555 C  ? C CMO . ? A CMO 720 ? 1_555 89.8  ? 
15 ND  ? B HEM .  ? A HEM 719 ? 1_555 FE ? B HEM . ? A HEM 719 ? 1_555 C  ? C CMO . ? A CMO 720 ? 1_555 90.0  ? 
16 NE2 ? A HIS 47 ? A HIS 200 ? 1_555 FE ? B HEM . ? A HEM 719 ? 1_555 O  ? C CMO . ? A CMO 720 ? 1_555 177.9 ? 
17 NA  ? B HEM .  ? A HEM 719 ? 1_555 FE ? B HEM . ? A HEM 719 ? 1_555 O  ? C CMO . ? A CMO 720 ? 1_555 86.6  ? 
18 NB  ? B HEM .  ? A HEM 719 ? 1_555 FE ? B HEM . ? A HEM 719 ? 1_555 O  ? C CMO . ? A CMO 720 ? 1_555 90.2  ? 
19 NC  ? B HEM .  ? A HEM 719 ? 1_555 FE ? B HEM . ? A HEM 719 ? 1_555 O  ? C CMO . ? A CMO 720 ? 1_555 92.0  ? 
20 ND  ? B HEM .  ? A HEM 719 ? 1_555 FE ? B HEM . ? A HEM 719 ? 1_555 O  ? C CMO . ? A CMO 720 ? 1_555 92.7  ? 
21 C   ? C CMO .  ? A CMO 720 ? 1_555 FE ? B HEM . ? A HEM 719 ? 1_555 O  ? C CMO . ? A CMO 720 ? 1_555 3.5   ? 
# 
loop_
_pdbx_audit_revision_history.ordinal 
_pdbx_audit_revision_history.data_content_type 
_pdbx_audit_revision_history.major_revision 
_pdbx_audit_revision_history.minor_revision 
_pdbx_audit_revision_history.revision_date 
1 'Structure model' 1 0 2005-03-29 
2 'Structure model' 1 1 2008-04-30 
3 'Structure model' 1 2 2011-07-13 
4 'Structure model' 1 3 2023-08-23 
# 
_pdbx_audit_revision_details.ordinal             1 
_pdbx_audit_revision_details.revision_ordinal    1 
_pdbx_audit_revision_details.data_content_type   'Structure model' 
_pdbx_audit_revision_details.provider            repository 
_pdbx_audit_revision_details.type                'Initial release' 
_pdbx_audit_revision_details.description         ? 
_pdbx_audit_revision_details.details             ? 
# 
loop_
_pdbx_audit_revision_group.ordinal 
_pdbx_audit_revision_group.revision_ordinal 
_pdbx_audit_revision_group.data_content_type 
_pdbx_audit_revision_group.group 
1 2 'Structure model' 'Version format compliance' 
2 3 'Structure model' 'Version format compliance' 
3 4 'Structure model' 'Data collection'           
4 4 'Structure model' 'Database references'       
5 4 'Structure model' 'Derived calculations'      
6 4 'Structure model' 'Refinement description'    
# 
loop_
_pdbx_audit_revision_category.ordinal 
_pdbx_audit_revision_category.revision_ordinal 
_pdbx_audit_revision_category.data_content_type 
_pdbx_audit_revision_category.category 
1 4 'Structure model' chem_comp_atom                
2 4 'Structure model' chem_comp_bond                
3 4 'Structure model' database_2                    
4 4 'Structure model' pdbx_initial_refinement_model 
5 4 'Structure model' pdbx_struct_conn_angle        
6 4 'Structure model' struct_conn                   
7 4 'Structure model' struct_site                   
# 
loop_
_pdbx_audit_revision_item.ordinal 
_pdbx_audit_revision_item.revision_ordinal 
_pdbx_audit_revision_item.data_content_type 
_pdbx_audit_revision_item.item 
1  4 'Structure model' '_database_2.pdbx_DOI'                        
2  4 'Structure model' '_database_2.pdbx_database_accession'         
3  4 'Structure model' '_pdbx_struct_conn_angle.ptnr1_auth_comp_id'  
4  4 'Structure model' '_pdbx_struct_conn_angle.ptnr1_auth_seq_id'   
5  4 'Structure model' '_pdbx_struct_conn_angle.ptnr1_label_asym_id' 
6  4 'Structure model' '_pdbx_struct_conn_angle.ptnr1_label_atom_id' 
7  4 'Structure model' '_pdbx_struct_conn_angle.ptnr1_label_comp_id' 
8  4 'Structure model' '_pdbx_struct_conn_angle.ptnr1_label_seq_id'  
9  4 'Structure model' '_pdbx_struct_conn_angle.ptnr3_auth_comp_id'  
10 4 'Structure model' '_pdbx_struct_conn_angle.ptnr3_auth_seq_id'   
11 4 'Structure model' '_pdbx_struct_conn_angle.ptnr3_label_asym_id' 
12 4 'Structure model' '_pdbx_struct_conn_angle.ptnr3_label_atom_id' 
13 4 'Structure model' '_pdbx_struct_conn_angle.ptnr3_label_comp_id' 
14 4 'Structure model' '_pdbx_struct_conn_angle.ptnr3_label_seq_id'  
15 4 'Structure model' '_pdbx_struct_conn_angle.value'               
16 4 'Structure model' '_struct_conn.pdbx_dist_value'                
17 4 'Structure model' '_struct_conn.ptnr1_auth_comp_id'             
18 4 'Structure model' '_struct_conn.ptnr1_auth_seq_id'              
19 4 'Structure model' '_struct_conn.ptnr1_label_asym_id'            
20 4 'Structure model' '_struct_conn.ptnr1_label_atom_id'            
21 4 'Structure model' '_struct_conn.ptnr1_label_comp_id'            
22 4 'Structure model' '_struct_conn.ptnr1_label_seq_id'             
23 4 'Structure model' '_struct_conn.ptnr2_auth_comp_id'             
24 4 'Structure model' '_struct_conn.ptnr2_auth_seq_id'              
25 4 'Structure model' '_struct_conn.ptnr2_label_asym_id'            
26 4 'Structure model' '_struct_conn.ptnr2_label_atom_id'            
27 4 'Structure model' '_struct_conn.ptnr2_label_comp_id'            
28 4 'Structure model' '_struct_conn.ptnr2_label_seq_id'             
29 4 'Structure model' '_struct_site.pdbx_auth_asym_id'              
30 4 'Structure model' '_struct_site.pdbx_auth_comp_id'              
31 4 'Structure model' '_struct_site.pdbx_auth_seq_id'               
# 
loop_
_software.name 
_software.classification 
_software.version 
_software.citation_id 
_software.pdbx_ordinal 
DENZO     'data reduction' . ? 1 
SCALEPACK 'data scaling'   . ? 2 
EPMR      phasing          . ? 3 
CNS       refinement       . ? 4 
# 
loop_
_pdbx_validate_symm_contact.id 
_pdbx_validate_symm_contact.PDB_model_num 
_pdbx_validate_symm_contact.auth_atom_id_1 
_pdbx_validate_symm_contact.auth_asym_id_1 
_pdbx_validate_symm_contact.auth_comp_id_1 
_pdbx_validate_symm_contact.auth_seq_id_1 
_pdbx_validate_symm_contact.PDB_ins_code_1 
_pdbx_validate_symm_contact.label_alt_id_1 
_pdbx_validate_symm_contact.site_symmetry_1 
_pdbx_validate_symm_contact.auth_atom_id_2 
_pdbx_validate_symm_contact.auth_asym_id_2 
_pdbx_validate_symm_contact.auth_comp_id_2 
_pdbx_validate_symm_contact.auth_seq_id_2 
_pdbx_validate_symm_contact.PDB_ins_code_2 
_pdbx_validate_symm_contact.label_alt_id_2 
_pdbx_validate_symm_contact.site_symmetry_2 
_pdbx_validate_symm_contact.dist 
1 1 O A HOH 33 ? ? 1_555 O A HOH 33 ? ? 10_457 1.61 
2 1 O A HOH 37 ? ? 1_555 O A HOH 37 ? ? 10_457 2.13 
# 
loop_
_pdbx_validate_torsion.id 
_pdbx_validate_torsion.PDB_model_num 
_pdbx_validate_torsion.auth_comp_id 
_pdbx_validate_torsion.auth_asym_id 
_pdbx_validate_torsion.auth_seq_id 
_pdbx_validate_torsion.PDB_ins_code 
_pdbx_validate_torsion.label_alt_id 
_pdbx_validate_torsion.phi 
_pdbx_validate_torsion.psi 
1 1 ASN A 189 ? ? -55.69  -9.83  
2 1 ILE A 215 ? ? -132.77 -35.48 
# 
loop_
_chem_comp_atom.comp_id 
_chem_comp_atom.atom_id 
_chem_comp_atom.type_symbol 
_chem_comp_atom.pdbx_aromatic_flag 
_chem_comp_atom.pdbx_stereo_config 
_chem_comp_atom.pdbx_ordinal 
ALA N    N  N N 1   
ALA CA   C  N S 2   
ALA C    C  N N 3   
ALA O    O  N N 4   
ALA CB   C  N N 5   
ALA OXT  O  N N 6   
ALA H    H  N N 7   
ALA H2   H  N N 8   
ALA HA   H  N N 9   
ALA HB1  H  N N 10  
ALA HB2  H  N N 11  
ALA HB3  H  N N 12  
ALA HXT  H  N N 13  
ARG N    N  N N 14  
ARG CA   C  N S 15  
ARG C    C  N N 16  
ARG O    O  N N 17  
ARG CB   C  N N 18  
ARG CG   C  N N 19  
ARG CD   C  N N 20  
ARG NE   N  N N 21  
ARG CZ   C  N N 22  
ARG NH1  N  N N 23  
ARG NH2  N  N N 24  
ARG OXT  O  N N 25  
ARG H    H  N N 26  
ARG H2   H  N N 27  
ARG HA   H  N N 28  
ARG HB2  H  N N 29  
ARG HB3  H  N N 30  
ARG HG2  H  N N 31  
ARG HG3  H  N N 32  
ARG HD2  H  N N 33  
ARG HD3  H  N N 34  
ARG HE   H  N N 35  
ARG HH11 H  N N 36  
ARG HH12 H  N N 37  
ARG HH21 H  N N 38  
ARG HH22 H  N N 39  
ARG HXT  H  N N 40  
ASN N    N  N N 41  
ASN CA   C  N S 42  
ASN C    C  N N 43  
ASN O    O  N N 44  
ASN CB   C  N N 45  
ASN CG   C  N N 46  
ASN OD1  O  N N 47  
ASN ND2  N  N N 48  
ASN OXT  O  N N 49  
ASN H    H  N N 50  
ASN H2   H  N N 51  
ASN HA   H  N N 52  
ASN HB2  H  N N 53  
ASN HB3  H  N N 54  
ASN HD21 H  N N 55  
ASN HD22 H  N N 56  
ASN HXT  H  N N 57  
ASP N    N  N N 58  
ASP CA   C  N S 59  
ASP C    C  N N 60  
ASP O    O  N N 61  
ASP CB   C  N N 62  
ASP CG   C  N N 63  
ASP OD1  O  N N 64  
ASP OD2  O  N N 65  
ASP OXT  O  N N 66  
ASP H    H  N N 67  
ASP H2   H  N N 68  
ASP HA   H  N N 69  
ASP HB2  H  N N 70  
ASP HB3  H  N N 71  
ASP HD2  H  N N 72  
ASP HXT  H  N N 73  
CMO C    C  N N 74  
CMO O    O  N N 75  
GLN N    N  N N 76  
GLN CA   C  N S 77  
GLN C    C  N N 78  
GLN O    O  N N 79  
GLN CB   C  N N 80  
GLN CG   C  N N 81  
GLN CD   C  N N 82  
GLN OE1  O  N N 83  
GLN NE2  N  N N 84  
GLN OXT  O  N N 85  
GLN H    H  N N 86  
GLN H2   H  N N 87  
GLN HA   H  N N 88  
GLN HB2  H  N N 89  
GLN HB3  H  N N 90  
GLN HG2  H  N N 91  
GLN HG3  H  N N 92  
GLN HE21 H  N N 93  
GLN HE22 H  N N 94  
GLN HXT  H  N N 95  
GLU N    N  N N 96  
GLU CA   C  N S 97  
GLU C    C  N N 98  
GLU O    O  N N 99  
GLU CB   C  N N 100 
GLU CG   C  N N 101 
GLU CD   C  N N 102 
GLU OE1  O  N N 103 
GLU OE2  O  N N 104 
GLU OXT  O  N N 105 
GLU H    H  N N 106 
GLU H2   H  N N 107 
GLU HA   H  N N 108 
GLU HB2  H  N N 109 
GLU HB3  H  N N 110 
GLU HG2  H  N N 111 
GLU HG3  H  N N 112 
GLU HE2  H  N N 113 
GLU HXT  H  N N 114 
GLY N    N  N N 115 
GLY CA   C  N N 116 
GLY C    C  N N 117 
GLY O    O  N N 118 
GLY OXT  O  N N 119 
GLY H    H  N N 120 
GLY H2   H  N N 121 
GLY HA2  H  N N 122 
GLY HA3  H  N N 123 
GLY HXT  H  N N 124 
HEM CHA  C  N N 125 
HEM CHB  C  N N 126 
HEM CHC  C  N N 127 
HEM CHD  C  N N 128 
HEM C1A  C  Y N 129 
HEM C2A  C  Y N 130 
HEM C3A  C  Y N 131 
HEM C4A  C  Y N 132 
HEM CMA  C  N N 133 
HEM CAA  C  N N 134 
HEM CBA  C  N N 135 
HEM CGA  C  N N 136 
HEM O1A  O  N N 137 
HEM O2A  O  N N 138 
HEM C1B  C  N N 139 
HEM C2B  C  N N 140 
HEM C3B  C  N N 141 
HEM C4B  C  N N 142 
HEM CMB  C  N N 143 
HEM CAB  C  N N 144 
HEM CBB  C  N N 145 
HEM C1C  C  Y N 146 
HEM C2C  C  Y N 147 
HEM C3C  C  Y N 148 
HEM C4C  C  Y N 149 
HEM CMC  C  N N 150 
HEM CAC  C  N N 151 
HEM CBC  C  N N 152 
HEM C1D  C  N N 153 
HEM C2D  C  N N 154 
HEM C3D  C  N N 155 
HEM C4D  C  N N 156 
HEM CMD  C  N N 157 
HEM CAD  C  N N 158 
HEM CBD  C  N N 159 
HEM CGD  C  N N 160 
HEM O1D  O  N N 161 
HEM O2D  O  N N 162 
HEM NA   N  Y N 163 
HEM NB   N  N N 164 
HEM NC   N  Y N 165 
HEM ND   N  N N 166 
HEM FE   FE N N 167 
HEM HHB  H  N N 168 
HEM HHC  H  N N 169 
HEM HHD  H  N N 170 
HEM HMA  H  N N 171 
HEM HMAA H  N N 172 
HEM HMAB H  N N 173 
HEM HAA  H  N N 174 
HEM HAAA H  N N 175 
HEM HBA  H  N N 176 
HEM HBAA H  N N 177 
HEM HMB  H  N N 178 
HEM HMBA H  N N 179 
HEM HMBB H  N N 180 
HEM HAB  H  N N 181 
HEM HBB  H  N N 182 
HEM HBBA H  N N 183 
HEM HMC  H  N N 184 
HEM HMCA H  N N 185 
HEM HMCB H  N N 186 
HEM HAC  H  N N 187 
HEM HBC  H  N N 188 
HEM HBCA H  N N 189 
HEM HMD  H  N N 190 
HEM HMDA H  N N 191 
HEM HMDB H  N N 192 
HEM HAD  H  N N 193 
HEM HADA H  N N 194 
HEM HBD  H  N N 195 
HEM HBDA H  N N 196 
HEM H2A  H  N N 197 
HEM H2D  H  N N 198 
HEM HHA  H  N N 199 
HIS N    N  N N 200 
HIS CA   C  N S 201 
HIS C    C  N N 202 
HIS O    O  N N 203 
HIS CB   C  N N 204 
HIS CG   C  Y N 205 
HIS ND1  N  Y N 206 
HIS CD2  C  Y N 207 
HIS CE1  C  Y N 208 
HIS NE2  N  Y N 209 
HIS OXT  O  N N 210 
HIS H    H  N N 211 
HIS H2   H  N N 212 
HIS HA   H  N N 213 
HIS HB2  H  N N 214 
HIS HB3  H  N N 215 
HIS HD1  H  N N 216 
HIS HD2  H  N N 217 
HIS HE1  H  N N 218 
HIS HE2  H  N N 219 
HIS HXT  H  N N 220 
HOH O    O  N N 221 
HOH H1   H  N N 222 
HOH H2   H  N N 223 
ILE N    N  N N 224 
ILE CA   C  N S 225 
ILE C    C  N N 226 
ILE O    O  N N 227 
ILE CB   C  N S 228 
ILE CG1  C  N N 229 
ILE CG2  C  N N 230 
ILE CD1  C  N N 231 
ILE OXT  O  N N 232 
ILE H    H  N N 233 
ILE H2   H  N N 234 
ILE HA   H  N N 235 
ILE HB   H  N N 236 
ILE HG12 H  N N 237 
ILE HG13 H  N N 238 
ILE HG21 H  N N 239 
ILE HG22 H  N N 240 
ILE HG23 H  N N 241 
ILE HD11 H  N N 242 
ILE HD12 H  N N 243 
ILE HD13 H  N N 244 
ILE HXT  H  N N 245 
LEU N    N  N N 246 
LEU CA   C  N S 247 
LEU C    C  N N 248 
LEU O    O  N N 249 
LEU CB   C  N N 250 
LEU CG   C  N N 251 
LEU CD1  C  N N 252 
LEU CD2  C  N N 253 
LEU OXT  O  N N 254 
LEU H    H  N N 255 
LEU H2   H  N N 256 
LEU HA   H  N N 257 
LEU HB2  H  N N 258 
LEU HB3  H  N N 259 
LEU HG   H  N N 260 
LEU HD11 H  N N 261 
LEU HD12 H  N N 262 
LEU HD13 H  N N 263 
LEU HD21 H  N N 264 
LEU HD22 H  N N 265 
LEU HD23 H  N N 266 
LEU HXT  H  N N 267 
LYS N    N  N N 268 
LYS CA   C  N S 269 
LYS C    C  N N 270 
LYS O    O  N N 271 
LYS CB   C  N N 272 
LYS CG   C  N N 273 
LYS CD   C  N N 274 
LYS CE   C  N N 275 
LYS NZ   N  N N 276 
LYS OXT  O  N N 277 
LYS H    H  N N 278 
LYS H2   H  N N 279 
LYS HA   H  N N 280 
LYS HB2  H  N N 281 
LYS HB3  H  N N 282 
LYS HG2  H  N N 283 
LYS HG3  H  N N 284 
LYS HD2  H  N N 285 
LYS HD3  H  N N 286 
LYS HE2  H  N N 287 
LYS HE3  H  N N 288 
LYS HZ1  H  N N 289 
LYS HZ2  H  N N 290 
LYS HZ3  H  N N 291 
LYS HXT  H  N N 292 
MET N    N  N N 293 
MET CA   C  N S 294 
MET C    C  N N 295 
MET O    O  N N 296 
MET CB   C  N N 297 
MET CG   C  N N 298 
MET SD   S  N N 299 
MET CE   C  N N 300 
MET OXT  O  N N 301 
MET H    H  N N 302 
MET H2   H  N N 303 
MET HA   H  N N 304 
MET HB2  H  N N 305 
MET HB3  H  N N 306 
MET HG2  H  N N 307 
MET HG3  H  N N 308 
MET HE1  H  N N 309 
MET HE2  H  N N 310 
MET HE3  H  N N 311 
MET HXT  H  N N 312 
PHE N    N  N N 313 
PHE CA   C  N S 314 
PHE C    C  N N 315 
PHE O    O  N N 316 
PHE CB   C  N N 317 
PHE CG   C  Y N 318 
PHE CD1  C  Y N 319 
PHE CD2  C  Y N 320 
PHE CE1  C  Y N 321 
PHE CE2  C  Y N 322 
PHE CZ   C  Y N 323 
PHE OXT  O  N N 324 
PHE H    H  N N 325 
PHE H2   H  N N 326 
PHE HA   H  N N 327 
PHE HB2  H  N N 328 
PHE HB3  H  N N 329 
PHE HD1  H  N N 330 
PHE HD2  H  N N 331 
PHE HE1  H  N N 332 
PHE HE2  H  N N 333 
PHE HZ   H  N N 334 
PHE HXT  H  N N 335 
PRO N    N  N N 336 
PRO CA   C  N S 337 
PRO C    C  N N 338 
PRO O    O  N N 339 
PRO CB   C  N N 340 
PRO CG   C  N N 341 
PRO CD   C  N N 342 
PRO OXT  O  N N 343 
PRO H    H  N N 344 
PRO HA   H  N N 345 
PRO HB2  H  N N 346 
PRO HB3  H  N N 347 
PRO HG2  H  N N 348 
PRO HG3  H  N N 349 
PRO HD2  H  N N 350 
PRO HD3  H  N N 351 
PRO HXT  H  N N 352 
SER N    N  N N 353 
SER CA   C  N S 354 
SER C    C  N N 355 
SER O    O  N N 356 
SER CB   C  N N 357 
SER OG   O  N N 358 
SER OXT  O  N N 359 
SER H    H  N N 360 
SER H2   H  N N 361 
SER HA   H  N N 362 
SER HB2  H  N N 363 
SER HB3  H  N N 364 
SER HG   H  N N 365 
SER HXT  H  N N 366 
THR N    N  N N 367 
THR CA   C  N S 368 
THR C    C  N N 369 
THR O    O  N N 370 
THR CB   C  N R 371 
THR OG1  O  N N 372 
THR CG2  C  N N 373 
THR OXT  O  N N 374 
THR H    H  N N 375 
THR H2   H  N N 376 
THR HA   H  N N 377 
THR HB   H  N N 378 
THR HG1  H  N N 379 
THR HG21 H  N N 380 
THR HG22 H  N N 381 
THR HG23 H  N N 382 
THR HXT  H  N N 383 
TRP N    N  N N 384 
TRP CA   C  N S 385 
TRP C    C  N N 386 
TRP O    O  N N 387 
TRP CB   C  N N 388 
TRP CG   C  Y N 389 
TRP CD1  C  Y N 390 
TRP CD2  C  Y N 391 
TRP NE1  N  Y N 392 
TRP CE2  C  Y N 393 
TRP CE3  C  Y N 394 
TRP CZ2  C  Y N 395 
TRP CZ3  C  Y N 396 
TRP CH2  C  Y N 397 
TRP OXT  O  N N 398 
TRP H    H  N N 399 
TRP H2   H  N N 400 
TRP HA   H  N N 401 
TRP HB2  H  N N 402 
TRP HB3  H  N N 403 
TRP HD1  H  N N 404 
TRP HE1  H  N N 405 
TRP HE3  H  N N 406 
TRP HZ2  H  N N 407 
TRP HZ3  H  N N 408 
TRP HH2  H  N N 409 
TRP HXT  H  N N 410 
TYR N    N  N N 411 
TYR CA   C  N S 412 
TYR C    C  N N 413 
TYR O    O  N N 414 
TYR CB   C  N N 415 
TYR CG   C  Y N 416 
TYR CD1  C  Y N 417 
TYR CD2  C  Y N 418 
TYR CE1  C  Y N 419 
TYR CE2  C  Y N 420 
TYR CZ   C  Y N 421 
TYR OH   O  N N 422 
TYR OXT  O  N N 423 
TYR H    H  N N 424 
TYR H2   H  N N 425 
TYR HA   H  N N 426 
TYR HB2  H  N N 427 
TYR HB3  H  N N 428 
TYR HD1  H  N N 429 
TYR HD2  H  N N 430 
TYR HE1  H  N N 431 
TYR HE2  H  N N 432 
TYR HH   H  N N 433 
TYR HXT  H  N N 434 
VAL N    N  N N 435 
VAL CA   C  N S 436 
VAL C    C  N N 437 
VAL O    O  N N 438 
VAL CB   C  N N 439 
VAL CG1  C  N N 440 
VAL CG2  C  N N 441 
VAL OXT  O  N N 442 
VAL H    H  N N 443 
VAL H2   H  N N 444 
VAL HA   H  N N 445 
VAL HB   H  N N 446 
VAL HG11 H  N N 447 
VAL HG12 H  N N 448 
VAL HG13 H  N N 449 
VAL HG21 H  N N 450 
VAL HG22 H  N N 451 
VAL HG23 H  N N 452 
VAL HXT  H  N N 453 
# 
loop_
_chem_comp_bond.comp_id 
_chem_comp_bond.atom_id_1 
_chem_comp_bond.atom_id_2 
_chem_comp_bond.value_order 
_chem_comp_bond.pdbx_aromatic_flag 
_chem_comp_bond.pdbx_stereo_config 
_chem_comp_bond.pdbx_ordinal 
ALA N   CA   sing N N 1   
ALA N   H    sing N N 2   
ALA N   H2   sing N N 3   
ALA CA  C    sing N N 4   
ALA CA  CB   sing N N 5   
ALA CA  HA   sing N N 6   
ALA C   O    doub N N 7   
ALA C   OXT  sing N N 8   
ALA CB  HB1  sing N N 9   
ALA CB  HB2  sing N N 10  
ALA CB  HB3  sing N N 11  
ALA OXT HXT  sing N N 12  
ARG N   CA   sing N N 13  
ARG N   H    sing N N 14  
ARG N   H2   sing N N 15  
ARG CA  C    sing N N 16  
ARG CA  CB   sing N N 17  
ARG CA  HA   sing N N 18  
ARG C   O    doub N N 19  
ARG C   OXT  sing N N 20  
ARG CB  CG   sing N N 21  
ARG CB  HB2  sing N N 22  
ARG CB  HB3  sing N N 23  
ARG CG  CD   sing N N 24  
ARG CG  HG2  sing N N 25  
ARG CG  HG3  sing N N 26  
ARG CD  NE   sing N N 27  
ARG CD  HD2  sing N N 28  
ARG CD  HD3  sing N N 29  
ARG NE  CZ   sing N N 30  
ARG NE  HE   sing N N 31  
ARG CZ  NH1  sing N N 32  
ARG CZ  NH2  doub N N 33  
ARG NH1 HH11 sing N N 34  
ARG NH1 HH12 sing N N 35  
ARG NH2 HH21 sing N N 36  
ARG NH2 HH22 sing N N 37  
ARG OXT HXT  sing N N 38  
ASN N   CA   sing N N 39  
ASN N   H    sing N N 40  
ASN N   H2   sing N N 41  
ASN CA  C    sing N N 42  
ASN CA  CB   sing N N 43  
ASN CA  HA   sing N N 44  
ASN C   O    doub N N 45  
ASN C   OXT  sing N N 46  
ASN CB  CG   sing N N 47  
ASN CB  HB2  sing N N 48  
ASN CB  HB3  sing N N 49  
ASN CG  OD1  doub N N 50  
ASN CG  ND2  sing N N 51  
ASN ND2 HD21 sing N N 52  
ASN ND2 HD22 sing N N 53  
ASN OXT HXT  sing N N 54  
ASP N   CA   sing N N 55  
ASP N   H    sing N N 56  
ASP N   H2   sing N N 57  
ASP CA  C    sing N N 58  
ASP CA  CB   sing N N 59  
ASP CA  HA   sing N N 60  
ASP C   O    doub N N 61  
ASP C   OXT  sing N N 62  
ASP CB  CG   sing N N 63  
ASP CB  HB2  sing N N 64  
ASP CB  HB3  sing N N 65  
ASP CG  OD1  doub N N 66  
ASP CG  OD2  sing N N 67  
ASP OD2 HD2  sing N N 68  
ASP OXT HXT  sing N N 69  
CMO C   O    trip N N 70  
GLN N   CA   sing N N 71  
GLN N   H    sing N N 72  
GLN N   H2   sing N N 73  
GLN CA  C    sing N N 74  
GLN CA  CB   sing N N 75  
GLN CA  HA   sing N N 76  
GLN C   O    doub N N 77  
GLN C   OXT  sing N N 78  
GLN CB  CG   sing N N 79  
GLN CB  HB2  sing N N 80  
GLN CB  HB3  sing N N 81  
GLN CG  CD   sing N N 82  
GLN CG  HG2  sing N N 83  
GLN CG  HG3  sing N N 84  
GLN CD  OE1  doub N N 85  
GLN CD  NE2  sing N N 86  
GLN NE2 HE21 sing N N 87  
GLN NE2 HE22 sing N N 88  
GLN OXT HXT  sing N N 89  
GLU N   CA   sing N N 90  
GLU N   H    sing N N 91  
GLU N   H2   sing N N 92  
GLU CA  C    sing N N 93  
GLU CA  CB   sing N N 94  
GLU CA  HA   sing N N 95  
GLU C   O    doub N N 96  
GLU C   OXT  sing N N 97  
GLU CB  CG   sing N N 98  
GLU CB  HB2  sing N N 99  
GLU CB  HB3  sing N N 100 
GLU CG  CD   sing N N 101 
GLU CG  HG2  sing N N 102 
GLU CG  HG3  sing N N 103 
GLU CD  OE1  doub N N 104 
GLU CD  OE2  sing N N 105 
GLU OE2 HE2  sing N N 106 
GLU OXT HXT  sing N N 107 
GLY N   CA   sing N N 108 
GLY N   H    sing N N 109 
GLY N   H2   sing N N 110 
GLY CA  C    sing N N 111 
GLY CA  HA2  sing N N 112 
GLY CA  HA3  sing N N 113 
GLY C   O    doub N N 114 
GLY C   OXT  sing N N 115 
GLY OXT HXT  sing N N 116 
HEM CHA C1A  sing N N 117 
HEM CHA C4D  doub N N 118 
HEM CHA HHA  sing N N 119 
HEM CHB C4A  sing N N 120 
HEM CHB C1B  doub N N 121 
HEM CHB HHB  sing N N 122 
HEM CHC C4B  sing N N 123 
HEM CHC C1C  doub N N 124 
HEM CHC HHC  sing N N 125 
HEM CHD C4C  doub N N 126 
HEM CHD C1D  sing N N 127 
HEM CHD HHD  sing N N 128 
HEM C1A C2A  doub Y N 129 
HEM C1A NA   sing Y N 130 
HEM C2A C3A  sing Y N 131 
HEM C2A CAA  sing N N 132 
HEM C3A C4A  doub Y N 133 
HEM C3A CMA  sing N N 134 
HEM C4A NA   sing Y N 135 
HEM CMA HMA  sing N N 136 
HEM CMA HMAA sing N N 137 
HEM CMA HMAB sing N N 138 
HEM CAA CBA  sing N N 139 
HEM CAA HAA  sing N N 140 
HEM CAA HAAA sing N N 141 
HEM CBA CGA  sing N N 142 
HEM CBA HBA  sing N N 143 
HEM CBA HBAA sing N N 144 
HEM CGA O1A  doub N N 145 
HEM CGA O2A  sing N N 146 
HEM C1B C2B  sing N N 147 
HEM C1B NB   sing N N 148 
HEM C2B C3B  doub N N 149 
HEM C2B CMB  sing N N 150 
HEM C3B C4B  sing N N 151 
HEM C3B CAB  sing N N 152 
HEM C4B NB   doub N N 153 
HEM CMB HMB  sing N N 154 
HEM CMB HMBA sing N N 155 
HEM CMB HMBB sing N N 156 
HEM CAB CBB  doub N N 157 
HEM CAB HAB  sing N N 158 
HEM CBB HBB  sing N N 159 
HEM CBB HBBA sing N N 160 
HEM C1C C2C  sing Y N 161 
HEM C1C NC   sing Y N 162 
HEM C2C C3C  doub Y N 163 
HEM C2C CMC  sing N N 164 
HEM C3C C4C  sing Y N 165 
HEM C3C CAC  sing N N 166 
HEM C4C NC   sing Y N 167 
HEM CMC HMC  sing N N 168 
HEM CMC HMCA sing N N 169 
HEM CMC HMCB sing N N 170 
HEM CAC CBC  doub N N 171 
HEM CAC HAC  sing N N 172 
HEM CBC HBC  sing N N 173 
HEM CBC HBCA sing N N 174 
HEM C1D C2D  sing N N 175 
HEM C1D ND   doub N N 176 
HEM C2D C3D  doub N N 177 
HEM C2D CMD  sing N N 178 
HEM C3D C4D  sing N N 179 
HEM C3D CAD  sing N N 180 
HEM C4D ND   sing N N 181 
HEM CMD HMD  sing N N 182 
HEM CMD HMDA sing N N 183 
HEM CMD HMDB sing N N 184 
HEM CAD CBD  sing N N 185 
HEM CAD HAD  sing N N 186 
HEM CAD HADA sing N N 187 
HEM CBD CGD  sing N N 188 
HEM CBD HBD  sing N N 189 
HEM CBD HBDA sing N N 190 
HEM CGD O1D  doub N N 191 
HEM CGD O2D  sing N N 192 
HEM O2A H2A  sing N N 193 
HEM O2D H2D  sing N N 194 
HEM FE  NA   sing N N 195 
HEM FE  NB   sing N N 196 
HEM FE  NC   sing N N 197 
HEM FE  ND   sing N N 198 
HIS N   CA   sing N N 199 
HIS N   H    sing N N 200 
HIS N   H2   sing N N 201 
HIS CA  C    sing N N 202 
HIS CA  CB   sing N N 203 
HIS CA  HA   sing N N 204 
HIS C   O    doub N N 205 
HIS C   OXT  sing N N 206 
HIS CB  CG   sing N N 207 
HIS CB  HB2  sing N N 208 
HIS CB  HB3  sing N N 209 
HIS CG  ND1  sing Y N 210 
HIS CG  CD2  doub Y N 211 
HIS ND1 CE1  doub Y N 212 
HIS ND1 HD1  sing N N 213 
HIS CD2 NE2  sing Y N 214 
HIS CD2 HD2  sing N N 215 
HIS CE1 NE2  sing Y N 216 
HIS CE1 HE1  sing N N 217 
HIS NE2 HE2  sing N N 218 
HIS OXT HXT  sing N N 219 
HOH O   H1   sing N N 220 
HOH O   H2   sing N N 221 
ILE N   CA   sing N N 222 
ILE N   H    sing N N 223 
ILE N   H2   sing N N 224 
ILE CA  C    sing N N 225 
ILE CA  CB   sing N N 226 
ILE CA  HA   sing N N 227 
ILE C   O    doub N N 228 
ILE C   OXT  sing N N 229 
ILE CB  CG1  sing N N 230 
ILE CB  CG2  sing N N 231 
ILE CB  HB   sing N N 232 
ILE CG1 CD1  sing N N 233 
ILE CG1 HG12 sing N N 234 
ILE CG1 HG13 sing N N 235 
ILE CG2 HG21 sing N N 236 
ILE CG2 HG22 sing N N 237 
ILE CG2 HG23 sing N N 238 
ILE CD1 HD11 sing N N 239 
ILE CD1 HD12 sing N N 240 
ILE CD1 HD13 sing N N 241 
ILE OXT HXT  sing N N 242 
LEU N   CA   sing N N 243 
LEU N   H    sing N N 244 
LEU N   H2   sing N N 245 
LEU CA  C    sing N N 246 
LEU CA  CB   sing N N 247 
LEU CA  HA   sing N N 248 
LEU C   O    doub N N 249 
LEU C   OXT  sing N N 250 
LEU CB  CG   sing N N 251 
LEU CB  HB2  sing N N 252 
LEU CB  HB3  sing N N 253 
LEU CG  CD1  sing N N 254 
LEU CG  CD2  sing N N 255 
LEU CG  HG   sing N N 256 
LEU CD1 HD11 sing N N 257 
LEU CD1 HD12 sing N N 258 
LEU CD1 HD13 sing N N 259 
LEU CD2 HD21 sing N N 260 
LEU CD2 HD22 sing N N 261 
LEU CD2 HD23 sing N N 262 
LEU OXT HXT  sing N N 263 
LYS N   CA   sing N N 264 
LYS N   H    sing N N 265 
LYS N   H2   sing N N 266 
LYS CA  C    sing N N 267 
LYS CA  CB   sing N N 268 
LYS CA  HA   sing N N 269 
LYS C   O    doub N N 270 
LYS C   OXT  sing N N 271 
LYS CB  CG   sing N N 272 
LYS CB  HB2  sing N N 273 
LYS CB  HB3  sing N N 274 
LYS CG  CD   sing N N 275 
LYS CG  HG2  sing N N 276 
LYS CG  HG3  sing N N 277 
LYS CD  CE   sing N N 278 
LYS CD  HD2  sing N N 279 
LYS CD  HD3  sing N N 280 
LYS CE  NZ   sing N N 281 
LYS CE  HE2  sing N N 282 
LYS CE  HE3  sing N N 283 
LYS NZ  HZ1  sing N N 284 
LYS NZ  HZ2  sing N N 285 
LYS NZ  HZ3  sing N N 286 
LYS OXT HXT  sing N N 287 
MET N   CA   sing N N 288 
MET N   H    sing N N 289 
MET N   H2   sing N N 290 
MET CA  C    sing N N 291 
MET CA  CB   sing N N 292 
MET CA  HA   sing N N 293 
MET C   O    doub N N 294 
MET C   OXT  sing N N 295 
MET CB  CG   sing N N 296 
MET CB  HB2  sing N N 297 
MET CB  HB3  sing N N 298 
MET CG  SD   sing N N 299 
MET CG  HG2  sing N N 300 
MET CG  HG3  sing N N 301 
MET SD  CE   sing N N 302 
MET CE  HE1  sing N N 303 
MET CE  HE2  sing N N 304 
MET CE  HE3  sing N N 305 
MET OXT HXT  sing N N 306 
PHE N   CA   sing N N 307 
PHE N   H    sing N N 308 
PHE N   H2   sing N N 309 
PHE CA  C    sing N N 310 
PHE CA  CB   sing N N 311 
PHE CA  HA   sing N N 312 
PHE C   O    doub N N 313 
PHE C   OXT  sing N N 314 
PHE CB  CG   sing N N 315 
PHE CB  HB2  sing N N 316 
PHE CB  HB3  sing N N 317 
PHE CG  CD1  doub Y N 318 
PHE CG  CD2  sing Y N 319 
PHE CD1 CE1  sing Y N 320 
PHE CD1 HD1  sing N N 321 
PHE CD2 CE2  doub Y N 322 
PHE CD2 HD2  sing N N 323 
PHE CE1 CZ   doub Y N 324 
PHE CE1 HE1  sing N N 325 
PHE CE2 CZ   sing Y N 326 
PHE CE2 HE2  sing N N 327 
PHE CZ  HZ   sing N N 328 
PHE OXT HXT  sing N N 329 
PRO N   CA   sing N N 330 
PRO N   CD   sing N N 331 
PRO N   H    sing N N 332 
PRO CA  C    sing N N 333 
PRO CA  CB   sing N N 334 
PRO CA  HA   sing N N 335 
PRO C   O    doub N N 336 
PRO C   OXT  sing N N 337 
PRO CB  CG   sing N N 338 
PRO CB  HB2  sing N N 339 
PRO CB  HB3  sing N N 340 
PRO CG  CD   sing N N 341 
PRO CG  HG2  sing N N 342 
PRO CG  HG3  sing N N 343 
PRO CD  HD2  sing N N 344 
PRO CD  HD3  sing N N 345 
PRO OXT HXT  sing N N 346 
SER N   CA   sing N N 347 
SER N   H    sing N N 348 
SER N   H2   sing N N 349 
SER CA  C    sing N N 350 
SER CA  CB   sing N N 351 
SER CA  HA   sing N N 352 
SER C   O    doub N N 353 
SER C   OXT  sing N N 354 
SER CB  OG   sing N N 355 
SER CB  HB2  sing N N 356 
SER CB  HB3  sing N N 357 
SER OG  HG   sing N N 358 
SER OXT HXT  sing N N 359 
THR N   CA   sing N N 360 
THR N   H    sing N N 361 
THR N   H2   sing N N 362 
THR CA  C    sing N N 363 
THR CA  CB   sing N N 364 
THR CA  HA   sing N N 365 
THR C   O    doub N N 366 
THR C   OXT  sing N N 367 
THR CB  OG1  sing N N 368 
THR CB  CG2  sing N N 369 
THR CB  HB   sing N N 370 
THR OG1 HG1  sing N N 371 
THR CG2 HG21 sing N N 372 
THR CG2 HG22 sing N N 373 
THR CG2 HG23 sing N N 374 
THR OXT HXT  sing N N 375 
TRP N   CA   sing N N 376 
TRP N   H    sing N N 377 
TRP N   H2   sing N N 378 
TRP CA  C    sing N N 379 
TRP CA  CB   sing N N 380 
TRP CA  HA   sing N N 381 
TRP C   O    doub N N 382 
TRP C   OXT  sing N N 383 
TRP CB  CG   sing N N 384 
TRP CB  HB2  sing N N 385 
TRP CB  HB3  sing N N 386 
TRP CG  CD1  doub Y N 387 
TRP CG  CD2  sing Y N 388 
TRP CD1 NE1  sing Y N 389 
TRP CD1 HD1  sing N N 390 
TRP CD2 CE2  doub Y N 391 
TRP CD2 CE3  sing Y N 392 
TRP NE1 CE2  sing Y N 393 
TRP NE1 HE1  sing N N 394 
TRP CE2 CZ2  sing Y N 395 
TRP CE3 CZ3  doub Y N 396 
TRP CE3 HE3  sing N N 397 
TRP CZ2 CH2  doub Y N 398 
TRP CZ2 HZ2  sing N N 399 
TRP CZ3 CH2  sing Y N 400 
TRP CZ3 HZ3  sing N N 401 
TRP CH2 HH2  sing N N 402 
TRP OXT HXT  sing N N 403 
TYR N   CA   sing N N 404 
TYR N   H    sing N N 405 
TYR N   H2   sing N N 406 
TYR CA  C    sing N N 407 
TYR CA  CB   sing N N 408 
TYR CA  HA   sing N N 409 
TYR C   O    doub N N 410 
TYR C   OXT  sing N N 411 
TYR CB  CG   sing N N 412 
TYR CB  HB2  sing N N 413 
TYR CB  HB3  sing N N 414 
TYR CG  CD1  doub Y N 415 
TYR CG  CD2  sing Y N 416 
TYR CD1 CE1  sing Y N 417 
TYR CD1 HD1  sing N N 418 
TYR CD2 CE2  doub Y N 419 
TYR CD2 HD2  sing N N 420 
TYR CE1 CZ   doub Y N 421 
TYR CE1 HE1  sing N N 422 
TYR CE2 CZ   sing Y N 423 
TYR CE2 HE2  sing N N 424 
TYR CZ  OH   sing N N 425 
TYR OH  HH   sing N N 426 
TYR OXT HXT  sing N N 427 
VAL N   CA   sing N N 428 
VAL N   H    sing N N 429 
VAL N   H2   sing N N 430 
VAL CA  C    sing N N 431 
VAL CA  CB   sing N N 432 
VAL CA  HA   sing N N 433 
VAL C   O    doub N N 434 
VAL C   OXT  sing N N 435 
VAL CB  CG1  sing N N 436 
VAL CB  CG2  sing N N 437 
VAL CB  HB   sing N N 438 
VAL CG1 HG11 sing N N 439 
VAL CG1 HG12 sing N N 440 
VAL CG1 HG13 sing N N 441 
VAL CG2 HG21 sing N N 442 
VAL CG2 HG22 sing N N 443 
VAL CG2 HG23 sing N N 444 
VAL OXT HXT  sing N N 445 
# 
loop_
_pdbx_entity_nonpoly.entity_id 
_pdbx_entity_nonpoly.name 
_pdbx_entity_nonpoly.comp_id 
2 'PROTOPORPHYRIN IX CONTAINING FE' HEM 
3 'CARBON MONOXIDE'                 CMO 
4 water                             HOH 
# 
_pdbx_initial_refinement_model.id               1 
_pdbx_initial_refinement_model.entity_id_list   ? 
_pdbx_initial_refinement_model.type             'experimental model' 
_pdbx_initial_refinement_model.source_name      PDB 
_pdbx_initial_refinement_model.accession_code   1DRM 
_pdbx_initial_refinement_model.details          ? 
# 
